data_4TY8
#
_entry.id   4TY8
#
_cell.length_a   101.937
_cell.length_b   102.070
_cell.length_c   251.925
_cell.angle_alpha   90.00
_cell.angle_beta   90.00
_cell.angle_gamma   90.00
#
_symmetry.space_group_name_H-M   'P 21 21 21'
#
loop_
_entity.id
_entity.type
_entity.pdbx_description
1 polymer Polyprotein
2 polymer Polyprotein
3 non-polymer 6-methyl-2H-chromen-2-one
#
loop_
_entity_poly.entity_id
_entity_poly.type
_entity_poly.pdbx_seq_one_letter_code
_entity_poly.pdbx_strand_id
1 'polypeptide(L)'
;SMSYTWTGALITPCAAEESKLPINALSNSLLRHHNMVYATTSRSAGLRQKKVTFDRLQVLDDHYRDVLKEMKAKASTVKA
KLLSVEEACKLTPPHSAKSKFGYGAKDVRNLSSKAVNHIHSVWKDLLEDTVTPIDTTIMAKNEVFCVQPEKGGRKPARLI
VFPDLGVRVCEKMALYDVVSTLPQVVMGSSYGFQYSPGQRVEFLVNTWKSKKNPMGFSYDTRCFDSTVTENDIRVEESIY
QCCDLAPEARQAIKSLTERLYIGGPLTNSKGQNCGYRRCRASGVLTTSCGNTLTCYLKASAACRAAKLQDCTMLVNGDDL
VVICESAGTQEDAASLRVFTEAMTRYSAPPGDPPQPEYDLELITSCSSNVSVAHDASGKRVYYLTRDPTTPLARAAWETA
RHTPVNSWLGNIIMYAPTLWARMILMTHFFSILLAQEQLEKALDCQIYGACYSIEPLDLPQIIERLHGLSAFSLHSYSPG
EINRVASCLRKLGVPPLRVWRHRARSVRARLLSQGGRAATCGKYLFNWAVKTKLKLTPIPAASQLDLSGWFVAGYSGGDI
YHSLSR
;
A,C,D
2 'polypeptide(L)'
;SMSYTWTGALITPCAAEESKLPINALSNSLLRHHNMVYATTSRSAGLRQKKVTFDRLQVLDDHYRDVLKEMKAKASTVKA
KLLSVEEACKLTPPHSAKSKFGYGAKDVRNLSSKAVNHIHSVWKDLLEDTVTPIDTTIMAKNEVFCVQPEKGGRKPARLI
VFPDLGVRVCEKMALYDVVSTLPQVVMGSSYGFQYSPGQRVEFLVNTWKSKKNPMGFSYDTRCFDSTVTENDIRVEESIY
QCCDLAPEARQAIKSLTERLYIGGPLTNSKGQNCGYRRCRASGVLTTSCGNTLTCYLKASAACRAAKLQDCTMLVNGDDL
VVICESAGTQEDAASLRVFTEAMTRYSAPPGDPPQPEYDLELITSCSSNVSVAHDASGKRVYYLTRDPTTPLARAAWETA
RHTPVNSWLGNIIMYAPTLWARMILMTHFFSILLAQEQLEKALDCQIYGACYSIEPLDLPQIIERLHGLSAFSLHSYSPG
EINRVASCLRKLGVPPLRVWRHRARSVRARLLSQGGRAATCGKYLFNWAVKTKLKLTPIPAASQLDLSGMFVAGYSGGDI
YHSLSR
;
B
#
loop_
_chem_comp.id
_chem_comp.type
_chem_comp.name
_chem_comp.formula
3AV non-polymer 6-methyl-2H-chromen-2-one 'C10 H8 O2'
#
# COMPACT_ATOMS: atom_id res chain seq x y z
N SER A 1 6.05 9.88 -9.84
CA SER A 1 7.48 10.22 -9.73
C SER A 1 7.88 10.64 -8.33
N MET A 2 9.15 10.98 -8.13
CA MET A 2 9.61 11.41 -6.80
C MET A 2 9.15 12.83 -6.52
N SER A 3 8.59 13.04 -5.32
CA SER A 3 7.94 14.30 -4.96
C SER A 3 8.91 15.46 -4.98
N TYR A 4 10.11 15.19 -4.48
CA TYR A 4 11.20 16.15 -4.45
C TYR A 4 12.49 15.39 -4.77
N THR A 5 13.47 16.06 -5.38
CA THR A 5 14.84 15.58 -5.35
C THR A 5 15.74 16.70 -4.85
N TRP A 6 16.81 16.30 -4.16
CA TRP A 6 17.68 17.23 -3.47
C TRP A 6 19.14 17.08 -3.90
N THR A 7 19.71 18.20 -4.29
CA THR A 7 21.15 18.34 -4.56
C THR A 7 22.05 18.14 -3.34
N GLY A 8 21.67 18.70 -2.19
CA GLY A 8 22.53 18.73 -1.01
C GLY A 8 22.72 20.16 -0.49
N ALA A 9 22.41 21.16 -1.32
CA ALA A 9 22.34 22.54 -0.83
C ALA A 9 21.29 22.62 0.28
N LEU A 10 21.60 23.34 1.35
CA LEU A 10 20.68 23.45 2.48
C LEU A 10 19.60 24.46 2.17
N ILE A 11 18.48 24.37 2.89
CA ILE A 11 17.49 25.43 2.79
C ILE A 11 17.94 26.49 3.75
N THR A 12 18.10 27.69 3.22
CA THR A 12 18.87 28.72 3.89
C THR A 12 18.03 29.93 4.18
N PRO A 13 18.07 30.38 5.43
CA PRO A 13 17.26 31.47 5.90
C PRO A 13 17.81 32.78 5.38
N CYS A 14 16.92 33.75 5.24
CA CYS A 14 17.25 35.03 4.64
C CYS A 14 17.79 36.00 5.71
N ALA A 15 17.09 36.05 6.84
CA ALA A 15 17.46 36.87 8.00
C ALA A 15 17.63 35.99 9.25
N ALA A 16 18.06 36.59 10.35
CA ALA A 16 18.20 35.88 11.62
C ALA A 16 16.83 35.39 12.10
N GLU A 17 16.76 34.12 12.49
CA GLU A 17 15.52 33.52 12.95
C GLU A 17 15.63 33.29 14.45
N GLU A 18 14.76 33.90 15.25
CA GLU A 18 14.79 33.67 16.71
C GLU A 18 13.98 32.43 17.05
N SER A 19 14.64 31.40 17.59
CA SER A 19 13.97 30.12 17.88
C SER A 19 13.13 30.15 19.15
N LYS A 20 13.42 31.10 20.05
CA LYS A 20 12.83 31.13 21.39
C LYS A 20 12.24 32.49 21.71
N LEU A 21 11.49 32.50 22.81
CA LEU A 21 10.75 33.67 23.25
C LEU A 21 11.62 34.62 24.09
N PRO A 22 11.72 35.91 23.72
CA PRO A 22 12.44 36.87 24.57
C PRO A 22 11.84 37.00 25.97
N ASN A 28 5.30 38.33 29.29
CA ASN A 28 5.29 37.42 30.44
C ASN A 28 4.12 37.68 31.40
N SER A 29 3.32 38.69 31.10
CA SER A 29 2.05 38.94 31.80
C SER A 29 0.99 37.92 31.35
N LEU A 30 1.18 37.42 30.12
CA LEU A 30 0.29 36.42 29.54
C LEU A 30 0.57 35.02 30.08
N LEU A 31 1.80 34.52 29.94
CA LEU A 31 2.14 33.16 30.42
C LEU A 31 3.51 33.06 31.05
N ARG A 32 3.59 32.39 32.19
CA ARG A 32 4.85 32.30 32.95
C ARG A 32 5.86 31.37 32.28
N HIS A 33 5.37 30.32 31.61
CA HIS A 33 6.21 29.24 31.10
C HIS A 33 6.80 29.53 29.71
N HIS A 34 7.49 30.66 29.61
CA HIS A 34 8.16 31.08 28.36
C HIS A 34 8.82 29.92 27.59
N ASN A 35 9.37 28.95 28.31
CA ASN A 35 10.22 27.94 27.71
C ASN A 35 9.47 26.92 26.88
N MET A 36 8.14 26.87 26.99
CA MET A 36 7.33 25.93 26.20
C MET A 36 6.96 26.49 24.81
N VAL A 37 7.38 27.72 24.50
CA VAL A 37 7.00 28.37 23.25
C VAL A 37 8.20 28.52 22.32
N TYR A 38 8.07 28.01 21.09
CA TYR A 38 9.16 28.05 20.12
C TYR A 38 8.69 28.41 18.72
N ALA A 39 9.65 28.80 17.88
CA ALA A 39 9.43 29.03 16.47
C ALA A 39 10.28 28.05 15.68
N THR A 40 9.68 27.48 14.65
CA THR A 40 10.41 26.65 13.72
C THR A 40 11.40 27.50 12.93
N THR A 41 12.58 26.93 12.65
CA THR A 41 13.56 27.61 11.79
C THR A 41 14.15 26.67 10.75
N SER A 42 14.88 27.28 9.82
CA SER A 42 15.65 26.53 8.80
C SER A 42 16.49 25.41 9.37
N ARG A 43 16.86 25.53 10.64
CA ARG A 43 17.54 24.47 11.35
C ARG A 43 16.79 23.15 11.29
N SER A 44 15.45 23.17 11.25
CA SER A 44 14.70 21.91 11.19
C SER A 44 14.32 21.45 9.77
N ALA A 45 14.72 22.19 8.73
CA ALA A 45 14.36 21.84 7.36
C ALA A 45 14.51 20.34 7.08
N GLY A 46 15.75 19.85 7.22
CA GLY A 46 16.12 18.46 6.95
C GLY A 46 15.12 17.41 7.36
N LEU A 47 14.48 17.60 8.50
CA LEU A 47 13.46 16.67 8.97
C LEU A 47 12.21 16.73 8.10
N ARG A 48 11.75 17.95 7.82
CA ARG A 48 10.56 18.14 7.00
C ARG A 48 10.84 17.64 5.61
N GLN A 49 12.07 17.88 5.16
CA GLN A 49 12.51 17.41 3.85
C GLN A 49 12.27 15.93 3.75
N LYS A 50 12.71 15.18 4.76
CA LYS A 50 12.57 13.73 4.73
C LYS A 50 11.11 13.24 4.85
N LYS A 51 10.25 13.96 5.57
CA LYS A 51 8.84 13.54 5.63
C LYS A 51 8.12 13.79 4.30
N VAL A 52 8.44 14.90 3.64
CA VAL A 52 7.72 15.29 2.41
C VAL A 52 8.29 14.76 1.10
N THR A 53 9.32 13.91 1.17
CA THR A 53 9.93 13.42 -0.06
C THR A 53 9.70 11.91 -0.20
N PHE A 54 8.94 11.52 -1.22
CA PHE A 54 8.55 10.13 -1.41
C PHE A 54 7.97 9.94 -2.82
N ASP A 55 7.94 8.69 -3.30
CA ASP A 55 7.36 8.37 -4.62
C ASP A 55 5.82 8.30 -4.51
N ARG A 56 5.12 8.56 -5.62
CA ARG A 56 3.67 8.48 -5.70
C ARG A 56 3.23 7.43 -6.71
N LEU A 57 2.47 6.42 -6.26
CA LEU A 57 1.74 5.54 -7.16
C LEU A 57 0.25 5.94 -7.06
N GLN A 58 -0.42 6.10 -8.20
CA GLN A 58 -1.80 6.60 -8.25
C GLN A 58 -2.60 5.67 -9.14
N VAL A 59 -3.71 5.12 -8.65
CA VAL A 59 -4.53 4.24 -9.47
C VAL A 59 -5.97 4.74 -9.51
N LEU A 60 -6.34 5.37 -10.62
CA LEU A 60 -7.71 5.87 -10.78
C LEU A 60 -8.69 4.73 -10.99
N ASP A 61 -9.98 5.05 -11.07
CA ASP A 61 -11.04 4.04 -11.28
C ASP A 61 -12.32 4.69 -11.80
N ASP A 62 -13.36 3.89 -12.03
CA ASP A 62 -14.60 4.43 -12.59
C ASP A 62 -15.17 5.56 -11.71
N HIS A 63 -15.10 5.36 -10.39
CA HIS A 63 -15.67 6.28 -9.42
C HIS A 63 -15.01 7.64 -9.46
N TYR A 64 -13.69 7.64 -9.65
CA TYR A 64 -12.95 8.88 -9.86
C TYR A 64 -13.31 9.52 -11.19
N ARG A 65 -13.40 8.74 -12.27
CA ARG A 65 -13.60 9.29 -13.61
C ARG A 65 -14.96 9.93 -13.67
N ASP A 66 -15.93 9.30 -13.01
CA ASP A 66 -17.32 9.79 -13.08
C ASP A 66 -17.49 11.11 -12.34
N VAL A 67 -16.88 11.20 -11.13
CA VAL A 67 -16.87 12.46 -10.37
C VAL A 67 -16.20 13.54 -11.18
N LEU A 68 -15.02 13.26 -11.72
CA LEU A 68 -14.30 14.28 -12.51
C LEU A 68 -15.16 14.83 -13.64
N LYS A 69 -15.85 13.92 -14.32
CA LYS A 69 -16.75 14.30 -15.41
C LYS A 69 -17.89 15.23 -14.92
N GLU A 70 -18.37 15.00 -13.69
CA GLU A 70 -19.44 15.83 -13.13
C GLU A 70 -18.93 17.20 -12.80
N MET A 71 -17.78 17.27 -12.14
CA MET A 71 -17.10 18.55 -11.86
C MET A 71 -16.93 19.37 -13.12
N LYS A 72 -16.39 18.73 -14.16
CA LYS A 72 -16.15 19.43 -15.44
C LYS A 72 -17.40 20.05 -16.04
N ALA A 73 -18.56 19.42 -15.88
CA ALA A 73 -19.80 19.97 -16.41
C ALA A 73 -20.28 21.16 -15.61
N LYS A 74 -19.99 21.22 -14.33
CA LYS A 74 -20.34 22.43 -13.57
C LYS A 74 -19.35 23.52 -13.95
N ALA A 75 -18.09 23.14 -14.16
CA ALA A 75 -17.05 24.09 -14.45
C ALA A 75 -17.38 24.78 -15.75
N SER A 76 -17.82 24.01 -16.74
CA SER A 76 -18.25 24.52 -18.09
C SER A 76 -19.34 25.60 -18.11
N THR A 77 -20.03 25.83 -17.00
CA THR A 77 -21.05 26.86 -16.87
C THR A 77 -20.48 28.14 -16.25
N VAL A 78 -19.18 28.13 -15.93
CA VAL A 78 -18.50 29.31 -15.36
C VAL A 78 -17.91 30.17 -16.47
N LYS A 79 -18.17 31.47 -16.40
CA LYS A 79 -17.44 32.47 -17.16
C LYS A 79 -16.43 33.16 -16.24
N ALA A 80 -15.25 33.42 -16.79
CA ALA A 80 -14.18 34.08 -16.04
C ALA A 80 -13.36 34.96 -16.96
N LYS A 81 -12.83 36.03 -16.39
CA LYS A 81 -12.19 37.09 -17.12
C LYS A 81 -10.73 37.28 -16.70
N LEU A 82 -10.03 38.03 -17.53
CA LEU A 82 -8.66 38.41 -17.28
C LEU A 82 -8.73 39.62 -16.36
N LEU A 83 -7.74 39.78 -15.51
CA LEU A 83 -7.60 40.99 -14.73
C LEU A 83 -6.56 41.85 -15.45
N SER A 84 -6.79 43.16 -15.46
CA SER A 84 -5.80 44.11 -15.97
C SER A 84 -4.63 44.12 -14.98
N VAL A 85 -3.52 44.68 -15.43
CA VAL A 85 -2.32 44.78 -14.60
C VAL A 85 -2.61 45.66 -13.40
N GLU A 86 -3.44 46.70 -13.60
CA GLU A 86 -3.84 47.59 -12.52
C GLU A 86 -4.55 46.74 -11.46
N GLU A 87 -5.55 45.98 -11.89
CA GLU A 87 -6.31 45.16 -10.94
C GLU A 87 -5.36 44.18 -10.23
N ALA A 88 -4.47 43.56 -10.99
CA ALA A 88 -3.55 42.58 -10.41
C ALA A 88 -2.51 43.24 -9.55
N CYS A 89 -2.01 44.42 -9.93
CA CYS A 89 -1.04 45.14 -9.07
C CYS A 89 -1.65 45.55 -7.73
N LYS A 90 -2.90 45.95 -7.78
CA LYS A 90 -3.66 46.40 -6.64
C LYS A 90 -3.86 45.26 -5.63
N LEU A 91 -3.97 44.01 -6.10
CA LEU A 91 -4.09 42.86 -5.17
C LEU A 91 -2.80 42.49 -4.38
N THR A 92 -1.63 43.02 -4.77
CA THR A 92 -0.37 42.70 -4.08
C THR A 92 -0.22 43.31 -2.65
N PRO A 93 0.11 42.50 -1.61
CA PRO A 93 0.35 43.12 -0.28
C PRO A 93 1.58 44.02 -0.22
N PRO A 94 1.49 45.15 0.50
CA PRO A 94 2.61 46.09 0.54
C PRO A 94 3.95 45.48 0.89
N HIS A 95 3.98 44.45 1.74
CA HIS A 95 5.26 43.89 2.16
C HIS A 95 5.52 42.53 1.51
N SER A 96 4.98 42.34 0.32
CA SER A 96 5.27 41.14 -0.46
C SER A 96 6.73 41.16 -0.89
N ALA A 97 7.34 40.00 -0.97
CA ALA A 97 8.74 39.88 -1.36
C ALA A 97 8.98 40.55 -2.70
N LYS A 98 10.12 41.24 -2.78
CA LYS A 98 10.51 41.99 -3.95
C LYS A 98 10.96 41.04 -5.03
N SER A 99 10.89 41.51 -6.27
CA SER A 99 11.41 40.77 -7.41
C SER A 99 12.90 40.87 -7.45
N LYS A 100 13.52 39.87 -8.05
CA LYS A 100 14.97 39.88 -8.28
C LYS A 100 15.34 40.77 -9.47
N PHE A 101 14.33 41.25 -10.21
CA PHE A 101 14.55 42.08 -11.41
C PHE A 101 14.37 43.60 -11.17
N GLY A 102 14.77 44.08 -10.00
CA GLY A 102 14.87 45.52 -9.73
C GLY A 102 13.61 46.29 -9.34
N TYR A 103 12.66 45.63 -8.69
CA TYR A 103 11.47 46.33 -8.16
C TYR A 103 10.80 45.47 -7.11
N GLY A 104 10.18 46.12 -6.13
CA GLY A 104 9.43 45.45 -5.08
C GLY A 104 7.95 45.80 -5.17
N ALA A 105 7.24 45.47 -4.09
CA ALA A 105 5.78 45.50 -4.08
C ALA A 105 5.22 46.91 -4.08
N LYS A 106 6.01 47.85 -3.57
CA LYS A 106 5.65 49.26 -3.50
C LYS A 106 5.53 49.73 -4.92
N ASP A 107 6.51 49.37 -5.73
CA ASP A 107 6.54 49.72 -7.15
C ASP A 107 5.38 49.05 -7.88
N VAL A 108 5.10 47.80 -7.55
CA VAL A 108 3.95 47.13 -8.12
C VAL A 108 2.68 47.89 -7.74
N ARG A 109 2.47 48.09 -6.45
CA ARG A 109 1.30 48.81 -6.01
C ARG A 109 1.20 50.21 -6.66
N ASN A 110 2.33 50.92 -6.79
CA ASN A 110 2.33 52.28 -7.38
C ASN A 110 2.31 52.38 -8.91
N LEU A 111 2.20 51.23 -9.60
CA LEU A 111 2.15 51.17 -11.07
C LEU A 111 3.38 51.78 -11.71
N SER A 112 4.52 51.66 -11.05
CA SER A 112 5.77 52.18 -11.59
C SER A 112 6.00 51.52 -12.92
N SER A 113 6.44 52.30 -13.90
CA SER A 113 6.44 51.82 -15.27
C SER A 113 7.52 50.77 -15.47
N LYS A 114 8.47 50.70 -14.55
CA LYS A 114 9.44 49.62 -14.54
C LYS A 114 8.80 48.26 -14.19
N ALA A 115 8.03 48.27 -13.11
CA ALA A 115 7.34 47.07 -12.64
C ALA A 115 6.33 46.63 -13.69
N VAL A 116 5.53 47.56 -14.18
CA VAL A 116 4.59 47.24 -15.19
C VAL A 116 5.32 46.66 -16.40
N ASN A 117 6.38 47.32 -16.88
CA ASN A 117 7.04 46.82 -18.09
C ASN A 117 7.74 45.48 -17.91
N HIS A 118 8.17 45.17 -16.70
CA HIS A 118 8.72 43.84 -16.48
C HIS A 118 7.58 42.84 -16.54
N ILE A 119 6.48 43.16 -15.89
CA ILE A 119 5.34 42.27 -15.87
C ILE A 119 4.85 41.97 -17.29
N HIS A 120 4.79 43.00 -18.14
CA HIS A 120 4.48 42.77 -19.55
C HIS A 120 5.50 41.79 -20.19
N SER A 121 6.78 41.96 -19.89
CA SER A 121 7.80 41.05 -20.43
C SER A 121 7.58 39.61 -19.97
N VAL A 122 7.26 39.43 -18.69
CA VAL A 122 7.02 38.09 -18.14
C VAL A 122 5.75 37.47 -18.71
N TRP A 123 4.69 38.27 -18.86
CA TRP A 123 3.46 37.80 -19.46
C TRP A 123 3.73 37.35 -20.90
N LYS A 124 4.48 38.17 -21.63
CA LYS A 124 4.87 37.84 -23.00
C LYS A 124 5.59 36.50 -23.10
N ASP A 125 6.53 36.25 -22.18
CA ASP A 125 7.31 35.01 -22.22
C ASP A 125 6.39 33.79 -21.96
N LEU A 126 5.41 33.94 -21.06
CA LEU A 126 4.44 32.86 -20.77
C LEU A 126 3.66 32.37 -22.02
N LEU A 127 3.32 33.31 -22.89
CA LEU A 127 2.58 33.01 -24.13
C LEU A 127 3.44 32.44 -25.25
N GLU A 128 4.72 32.84 -25.28
CA GLU A 128 5.64 32.37 -26.32
C GLU A 128 6.22 30.97 -26.02
N ASP A 129 6.28 30.62 -24.73
CA ASP A 129 7.02 29.46 -24.19
C ASP A 129 6.14 28.76 -23.14
N THR A 130 5.72 27.54 -23.42
CA THR A 130 4.92 26.77 -22.48
C THR A 130 5.73 25.60 -21.91
N VAL A 131 7.04 25.69 -21.91
CA VAL A 131 7.84 24.52 -21.57
C VAL A 131 8.85 24.73 -20.44
N THR A 132 9.69 25.78 -20.51
CA THR A 132 10.77 25.97 -19.57
C THR A 132 10.21 25.99 -18.17
N PRO A 133 10.71 25.12 -17.30
CA PRO A 133 10.31 25.28 -15.91
C PRO A 133 10.69 26.69 -15.43
N ILE A 134 9.87 27.23 -14.56
CA ILE A 134 10.07 28.55 -14.01
C ILE A 134 10.69 28.42 -12.63
N ASP A 135 11.58 29.35 -12.30
CA ASP A 135 12.30 29.28 -11.05
C ASP A 135 11.34 29.44 -9.88
N THR A 136 11.69 28.80 -8.76
CA THR A 136 11.02 29.05 -7.50
C THR A 136 12.05 29.25 -6.41
N THR A 137 11.65 29.93 -5.35
CA THR A 137 12.46 30.03 -4.16
C THR A 137 11.90 29.14 -3.07
N ILE A 138 12.80 28.45 -2.35
CA ILE A 138 12.38 27.62 -1.24
C ILE A 138 12.80 28.28 0.10
N MET A 139 11.87 28.23 1.04
CA MET A 139 12.04 28.90 2.29
C MET A 139 11.43 28.04 3.41
N ALA A 140 12.17 27.94 4.53
CA ALA A 140 11.63 27.42 5.79
C ALA A 140 10.72 28.46 6.38
N LYS A 141 9.58 28.03 6.90
CA LYS A 141 8.64 28.91 7.59
C LYS A 141 9.02 29.09 9.06
N ASN A 142 8.84 30.32 9.57
CA ASN A 142 8.94 30.60 10.99
C ASN A 142 7.55 30.60 11.57
N GLU A 143 7.13 29.50 12.18
CA GLU A 143 5.83 29.44 12.84
C GLU A 143 5.99 29.11 14.29
N VAL A 144 5.15 29.73 15.13
CA VAL A 144 5.22 29.55 16.56
C VAL A 144 4.22 28.49 16.95
N PHE A 145 4.58 27.69 17.96
CA PHE A 145 3.67 26.70 18.59
C PHE A 145 4.07 26.52 20.03
N CYS A 146 3.38 25.59 20.70
CA CYS A 146 3.74 25.16 22.05
C CYS A 146 4.14 23.68 22.11
N VAL A 147 5.08 23.36 23.00
CA VAL A 147 5.71 22.04 23.13
C VAL A 147 4.71 20.87 23.23
N GLN A 148 5.17 19.70 22.73
CA GLN A 148 4.41 18.41 22.67
C GLN A 148 3.19 18.44 21.74
N ARG A 154 7.51 17.98 19.02
CA ARG A 154 8.04 19.17 18.32
C ARG A 154 7.82 19.10 16.82
N LYS A 155 7.63 20.26 16.21
CA LYS A 155 7.31 20.38 14.78
C LYS A 155 8.47 20.94 13.95
N PRO A 156 8.84 20.23 12.88
CA PRO A 156 9.79 20.75 11.92
C PRO A 156 9.16 21.83 11.07
N ALA A 157 9.92 22.87 10.76
CA ALA A 157 9.42 23.95 9.91
C ALA A 157 8.80 23.39 8.66
N ARG A 158 7.66 23.98 8.26
CA ARG A 158 6.99 23.67 7.00
C ARG A 158 7.71 24.41 5.88
N LEU A 159 7.60 23.87 4.66
CA LEU A 159 8.39 24.36 3.50
C LEU A 159 7.56 25.22 2.59
N ILE A 160 7.93 26.48 2.37
CA ILE A 160 7.19 27.30 1.41
C ILE A 160 7.94 27.41 0.09
N VAL A 161 7.22 27.37 -1.01
CA VAL A 161 7.81 27.43 -2.34
C VAL A 161 7.05 28.40 -3.23
N PHE A 162 7.77 29.36 -3.82
CA PHE A 162 7.16 30.50 -4.50
C PHE A 162 8.03 31.13 -5.59
N PRO A 163 7.39 31.57 -6.69
CA PRO A 163 8.05 32.25 -7.79
C PRO A 163 8.30 33.72 -7.50
N ASP A 164 9.08 34.34 -8.39
CA ASP A 164 9.35 35.74 -8.37
C ASP A 164 8.07 36.58 -8.47
N LEU A 165 8.14 37.80 -7.96
CA LEU A 165 7.00 38.71 -7.94
C LEU A 165 6.35 38.88 -9.32
N GLY A 166 7.17 39.14 -10.33
CA GLY A 166 6.66 39.37 -11.68
C GLY A 166 5.63 38.34 -12.07
N VAL A 167 5.97 37.09 -11.78
CA VAL A 167 5.10 35.95 -12.08
C VAL A 167 3.85 35.95 -11.20
N ARG A 168 4.04 36.04 -9.88
CA ARG A 168 2.90 36.16 -8.98
C ARG A 168 1.88 37.14 -9.57
N VAL A 169 2.30 38.32 -10.01
CA VAL A 169 1.36 39.28 -10.57
C VAL A 169 0.71 38.76 -11.85
N CYS A 170 1.47 38.05 -12.68
CA CYS A 170 0.88 37.37 -13.86
C CYS A 170 -0.18 36.31 -13.50
N GLU A 171 0.11 35.50 -12.47
CA GLU A 171 -0.84 34.49 -11.97
C GLU A 171 -2.18 35.12 -11.68
N LYS A 172 -2.13 36.31 -11.08
CA LYS A 172 -3.35 37.05 -10.76
C LYS A 172 -4.12 37.35 -12.05
N MET A 173 -3.45 37.90 -13.05
CA MET A 173 -4.12 38.28 -14.27
C MET A 173 -4.83 37.07 -14.82
N ALA A 174 -4.11 35.96 -14.86
CA ALA A 174 -4.60 34.80 -15.52
C ALA A 174 -5.72 34.10 -14.74
N LEU A 175 -5.60 34.05 -13.42
CA LEU A 175 -6.31 33.03 -12.67
C LEU A 175 -7.09 33.50 -11.44
N TYR A 176 -6.91 34.75 -10.99
CA TYR A 176 -7.64 35.26 -9.82
C TYR A 176 -9.16 35.06 -9.92
N ASP A 177 -9.73 35.30 -11.08
CA ASP A 177 -11.17 35.15 -11.25
C ASP A 177 -11.57 33.68 -11.28
N VAL A 178 -10.76 32.80 -11.84
CA VAL A 178 -11.06 31.39 -11.78
C VAL A 178 -11.08 30.96 -10.30
N VAL A 179 -10.04 31.26 -9.52
CA VAL A 179 -9.98 30.73 -8.13
C VAL A 179 -10.94 31.37 -7.14
N SER A 180 -11.50 32.48 -7.56
CA SER A 180 -12.43 33.25 -6.76
C SER A 180 -13.88 32.87 -7.07
N THR A 181 -14.10 32.17 -8.17
CA THR A 181 -15.44 31.93 -8.67
C THR A 181 -15.78 30.46 -9.00
N LEU A 182 -14.81 29.72 -9.53
CA LEU A 182 -15.02 28.38 -9.98
C LEU A 182 -15.35 27.42 -8.85
N PRO A 183 -14.52 27.40 -7.78
CA PRO A 183 -14.70 26.32 -6.81
C PRO A 183 -16.13 26.26 -6.25
N GLN A 184 -16.67 27.42 -5.94
CA GLN A 184 -17.97 27.49 -5.32
C GLN A 184 -19.04 27.00 -6.27
N VAL A 185 -18.78 27.10 -7.58
CA VAL A 185 -19.71 26.55 -8.57
C VAL A 185 -19.55 25.04 -8.72
N VAL A 186 -18.31 24.58 -8.82
CA VAL A 186 -18.07 23.14 -8.95
C VAL A 186 -18.49 22.35 -7.70
N MET A 187 -18.20 22.90 -6.52
CA MET A 187 -18.38 22.16 -5.28
C MET A 187 -19.59 22.55 -4.46
N GLY A 188 -20.38 23.50 -4.92
CA GLY A 188 -21.57 23.91 -4.17
C GLY A 188 -21.34 24.13 -2.68
N SER A 189 -22.11 23.42 -1.85
CA SER A 189 -22.10 23.65 -0.42
C SER A 189 -20.87 23.02 0.21
N SER A 190 -20.18 22.15 -0.51
CA SER A 190 -18.98 21.50 0.03
C SER A 190 -17.78 22.46 0.13
N TYR A 191 -17.81 23.56 -0.60
CA TYR A 191 -16.66 24.44 -0.65
C TYR A 191 -16.64 25.24 0.64
N GLY A 192 -15.67 24.93 1.50
CA GLY A 192 -15.62 25.49 2.85
C GLY A 192 -15.37 26.97 2.98
N PHE A 193 -14.65 27.57 2.04
CA PHE A 193 -14.22 28.97 2.20
C PHE A 193 -15.31 30.03 1.87
N GLN A 194 -16.44 29.61 1.36
CA GLN A 194 -17.61 30.47 1.25
C GLN A 194 -18.33 30.73 2.58
N TYR A 195 -17.78 30.24 3.70
CA TYR A 195 -18.46 30.29 5.00
C TYR A 195 -17.74 31.15 6.01
N SER A 196 -18.46 32.03 6.68
CA SER A 196 -17.98 32.63 7.92
C SER A 196 -18.09 31.53 9.00
N PRO A 197 -17.44 31.74 10.15
CA PRO A 197 -17.54 30.79 11.25
C PRO A 197 -18.97 30.48 11.58
N GLY A 198 -19.78 31.52 11.72
CA GLY A 198 -21.17 31.33 12.06
C GLY A 198 -21.87 30.45 11.05
N GLN A 199 -21.68 30.79 9.77
CA GLN A 199 -22.31 30.04 8.69
C GLN A 199 -21.78 28.62 8.57
N ARG A 200 -20.52 28.43 8.98
CA ARG A 200 -19.93 27.10 8.99
C ARG A 200 -20.54 26.22 10.08
N VAL A 201 -20.80 26.79 11.26
CA VAL A 201 -21.35 26.01 12.34
C VAL A 201 -22.74 25.60 11.92
N GLU A 202 -23.47 26.57 11.36
CA GLU A 202 -24.82 26.32 10.92
C GLU A 202 -24.84 25.18 9.92
N PHE A 203 -24.02 25.25 8.87
CA PHE A 203 -23.98 24.16 7.91
C PHE A 203 -23.63 22.81 8.54
N LEU A 204 -22.63 22.75 9.42
CA LEU A 204 -22.28 21.48 10.04
C LEU A 204 -23.42 20.99 10.90
N VAL A 205 -23.93 21.85 11.77
CA VAL A 205 -24.97 21.43 12.67
C VAL A 205 -26.21 21.00 11.91
N ASN A 206 -26.62 21.78 10.91
CA ASN A 206 -27.83 21.41 10.22
C ASN A 206 -27.70 20.12 9.43
N THR A 207 -26.53 19.82 8.86
CA THR A 207 -26.43 18.56 8.14
C THR A 207 -26.29 17.39 9.12
N TRP A 208 -25.78 17.66 10.32
CA TRP A 208 -25.82 16.64 11.37
C TRP A 208 -27.26 16.24 11.72
N LYS A 209 -28.13 17.22 11.87
CA LYS A 209 -29.54 16.95 12.20
C LYS A 209 -30.37 16.48 11.01
N SER A 210 -29.93 16.76 9.78
CA SER A 210 -30.61 16.26 8.58
C SER A 210 -30.61 14.73 8.45
N LYS A 211 -29.73 14.04 9.18
CA LYS A 211 -29.60 12.60 9.07
C LYS A 211 -30.47 11.84 10.09
N LYS A 212 -31.06 10.71 9.68
CA LYS A 212 -31.75 9.81 10.63
C LYS A 212 -30.81 9.42 11.75
N ASN A 213 -29.64 8.90 11.38
CA ASN A 213 -28.69 8.27 12.28
C ASN A 213 -27.23 8.63 11.91
N PRO A 214 -26.76 9.84 12.30
CA PRO A 214 -25.53 10.44 11.71
C PRO A 214 -24.16 9.88 12.16
N MET A 215 -23.22 9.80 11.22
CA MET A 215 -21.82 9.51 11.48
C MET A 215 -20.99 10.54 10.75
N GLY A 216 -19.89 10.99 11.33
CA GLY A 216 -18.98 11.92 10.66
C GLY A 216 -17.52 11.57 10.92
N PHE A 217 -16.64 12.03 10.05
CA PHE A 217 -15.21 11.85 10.29
C PHE A 217 -14.35 12.88 9.57
N SER A 218 -13.34 13.36 10.27
CA SER A 218 -12.28 14.13 9.66
C SER A 218 -11.36 13.14 8.95
N TYR A 219 -10.69 13.57 7.88
CA TYR A 219 -9.65 12.76 7.20
C TYR A 219 -8.37 13.55 7.02
N ASP A 220 -7.33 13.14 7.71
CA ASP A 220 -6.06 13.85 7.69
C ASP A 220 -5.12 13.19 6.68
N THR A 221 -4.89 13.88 5.57
CA THR A 221 -3.96 13.43 4.54
C THR A 221 -2.50 13.74 4.95
N ARG A 222 -1.67 12.71 4.83
CA ARG A 222 -0.26 12.76 5.19
C ARG A 222 0.44 13.72 4.20
N CYS A 223 0.85 14.89 4.66
CA CYS A 223 1.53 15.89 3.81
C CYS A 223 0.87 15.99 2.45
N PHE A 224 -0.28 16.65 2.45
CA PHE A 224 -1.12 16.68 1.27
C PHE A 224 -0.35 17.16 0.07
N ASP A 225 0.32 18.30 0.21
CA ASP A 225 1.04 18.90 -0.91
C ASP A 225 1.94 17.91 -1.66
N SER A 226 2.64 17.06 -0.92
CA SER A 226 3.52 16.06 -1.53
C SER A 226 2.77 14.95 -2.25
N THR A 227 1.60 14.58 -1.73
CA THR A 227 0.73 13.58 -2.35
C THR A 227 0.09 14.04 -3.66
N VAL A 228 0.13 15.34 -3.94
CA VAL A 228 -0.45 15.85 -5.18
C VAL A 228 0.51 15.60 -6.32
N THR A 229 0.01 14.91 -7.34
CA THR A 229 0.82 14.52 -8.49
C THR A 229 0.65 15.50 -9.65
N GLU A 230 1.47 15.29 -10.66
CA GLU A 230 1.58 16.16 -11.82
C GLU A 230 0.34 15.93 -12.66
N ASN A 231 -0.15 14.69 -12.58
CA ASN A 231 -1.48 14.36 -13.10
C ASN A 231 -2.52 15.18 -12.38
N ASP A 232 -2.50 15.15 -11.05
CA ASP A 232 -3.52 15.85 -10.29
C ASP A 232 -3.58 17.26 -10.78
N ILE A 233 -2.43 17.88 -10.95
CA ILE A 233 -2.32 19.29 -11.36
C ILE A 233 -2.80 19.55 -12.80
N ARG A 234 -2.64 18.55 -13.66
CA ARG A 234 -3.11 18.69 -15.05
C ARG A 234 -4.59 18.46 -15.14
N VAL A 235 -5.13 17.48 -14.44
CA VAL A 235 -6.59 17.39 -14.27
C VAL A 235 -7.15 18.74 -13.81
N GLU A 236 -6.58 19.25 -12.72
CA GLU A 236 -6.94 20.56 -12.18
C GLU A 236 -6.96 21.63 -13.28
N GLU A 237 -5.88 21.71 -14.06
CA GLU A 237 -5.84 22.63 -15.18
C GLU A 237 -7.02 22.42 -16.13
N SER A 238 -7.29 21.15 -16.44
CA SER A 238 -8.32 20.86 -17.38
C SER A 238 -9.65 21.33 -16.83
N ILE A 239 -9.88 21.25 -15.52
CA ILE A 239 -11.10 21.82 -14.94
C ILE A 239 -11.24 23.35 -15.16
N TYR A 240 -10.15 24.12 -15.02
CA TYR A 240 -10.17 25.57 -15.30
C TYR A 240 -10.52 25.82 -16.77
N GLN A 241 -9.90 25.05 -17.66
CA GLN A 241 -10.16 25.17 -19.11
C GLN A 241 -11.63 24.94 -19.53
N CYS A 242 -12.42 24.24 -18.71
CA CYS A 242 -13.84 24.11 -19.01
C CYS A 242 -14.56 25.47 -19.02
N CYS A 243 -14.06 26.45 -18.27
CA CYS A 243 -14.67 27.79 -18.26
C CYS A 243 -14.55 28.48 -19.61
N ASP A 244 -15.47 29.40 -19.86
CA ASP A 244 -15.39 30.30 -20.98
C ASP A 244 -14.36 31.37 -20.62
N LEU A 245 -13.19 31.24 -21.23
CA LEU A 245 -12.00 32.07 -20.93
C LEU A 245 -11.52 32.81 -22.19
N ALA A 246 -10.90 33.96 -21.99
CA ALA A 246 -10.22 34.66 -23.07
C ALA A 246 -9.14 33.73 -23.67
N PRO A 247 -9.01 33.69 -24.99
CA PRO A 247 -8.05 32.73 -25.61
C PRO A 247 -6.58 32.93 -25.17
N GLU A 248 -6.27 34.13 -24.69
CA GLU A 248 -4.96 34.45 -24.13
C GLU A 248 -4.84 33.91 -22.69
N ALA A 249 -5.88 34.19 -21.87
CA ALA A 249 -6.05 33.55 -20.55
C ALA A 249 -5.91 32.03 -20.65
N ARG A 250 -6.54 31.44 -21.67
CA ARG A 250 -6.47 29.99 -21.89
C ARG A 250 -5.03 29.50 -22.05
N GLN A 251 -4.22 30.31 -22.75
CA GLN A 251 -2.80 30.04 -23.04
C GLN A 251 -1.91 30.26 -21.80
N ALA A 252 -2.08 31.39 -21.12
CA ALA A 252 -1.29 31.70 -19.96
C ALA A 252 -1.49 30.64 -18.90
N ILE A 253 -2.72 30.22 -18.68
CA ILE A 253 -3.05 29.12 -17.74
C ILE A 253 -2.35 27.80 -18.10
N LYS A 254 -2.37 27.40 -19.38
CA LYS A 254 -1.65 26.21 -19.87
C LYS A 254 -0.17 26.36 -19.54
N SER A 255 0.37 27.53 -19.84
CA SER A 255 1.80 27.78 -19.67
C SER A 255 2.19 27.80 -18.18
N LEU A 256 1.36 28.42 -17.35
CA LEU A 256 1.65 28.50 -15.94
C LEU A 256 1.67 27.12 -15.32
N THR A 257 0.75 26.24 -15.72
CA THR A 257 0.71 24.94 -15.07
C THR A 257 1.87 24.10 -15.54
N GLU A 258 2.18 24.16 -16.84
CA GLU A 258 3.29 23.35 -17.36
C GLU A 258 4.68 23.79 -16.87
N ARG A 259 4.85 25.09 -16.68
CA ARG A 259 6.13 25.68 -16.31
C ARG A 259 6.32 25.93 -14.80
N LEU A 260 5.22 25.91 -14.04
CA LEU A 260 5.23 26.24 -12.60
C LEU A 260 4.44 25.26 -11.70
N TYR A 261 3.15 25.08 -11.94
CA TYR A 261 2.31 24.35 -11.00
C TYR A 261 2.74 22.90 -10.92
N ILE A 262 3.19 22.37 -12.05
CA ILE A 262 3.52 20.97 -12.19
C ILE A 262 4.79 20.60 -11.47
N GLY A 263 5.69 21.56 -11.35
CA GLY A 263 6.97 21.33 -10.70
C GLY A 263 7.99 22.29 -11.21
N GLY A 264 9.26 22.09 -10.88
CA GLY A 264 10.31 23.05 -11.28
C GLY A 264 11.52 23.10 -10.36
N PRO A 265 12.55 23.87 -10.77
CA PRO A 265 13.75 23.93 -9.96
C PRO A 265 13.50 24.75 -8.69
N LEU A 266 14.13 24.34 -7.61
CA LEU A 266 14.02 24.96 -6.30
C LEU A 266 15.32 25.69 -5.93
N THR A 267 15.22 26.96 -5.57
CA THR A 267 16.41 27.80 -5.35
C THR A 267 16.41 28.49 -3.97
N ASN A 268 17.45 28.31 -3.18
CA ASN A 268 17.49 28.87 -1.83
C ASN A 268 17.78 30.37 -1.81
N SER A 269 17.71 30.96 -0.61
CA SER A 269 17.89 32.40 -0.43
C SER A 269 19.26 32.85 -0.96
N LYS A 270 20.24 31.96 -0.93
CA LYS A 270 21.56 32.28 -1.44
C LYS A 270 21.74 32.12 -2.94
N GLY A 271 20.71 31.63 -3.63
CA GLY A 271 20.76 31.38 -5.07
C GLY A 271 21.41 30.04 -5.45
N GLN A 272 21.66 29.18 -4.48
CA GLN A 272 22.15 27.85 -4.77
C GLN A 272 20.95 27.06 -5.25
N ASN A 273 21.16 26.00 -6.03
CA ASN A 273 20.06 25.18 -6.50
C ASN A 273 19.86 24.01 -5.55
N CYS A 274 18.66 23.86 -5.03
CA CYS A 274 18.37 22.85 -4.00
C CYS A 274 17.77 21.57 -4.52
N GLY A 275 17.22 21.61 -5.72
CA GLY A 275 16.68 20.40 -6.25
C GLY A 275 15.49 20.64 -7.14
N TYR A 276 14.49 19.77 -7.04
CA TYR A 276 13.43 19.78 -8.04
C TYR A 276 12.08 19.32 -7.48
N ARG A 277 11.04 20.14 -7.69
CA ARG A 277 9.71 19.88 -7.12
C ARG A 277 8.85 19.29 -8.18
N ARG A 278 8.13 18.21 -7.85
CA ARG A 278 7.12 17.57 -8.73
C ARG A 278 5.72 17.38 -8.09
N CYS A 279 5.39 18.25 -7.15
CA CYS A 279 4.12 18.22 -6.43
C CYS A 279 3.60 19.64 -6.21
N ARG A 280 2.68 19.84 -5.29
CA ARG A 280 2.18 21.19 -5.02
C ARG A 280 3.21 22.14 -4.42
N ALA A 281 3.28 23.34 -5.00
CA ALA A 281 3.95 24.51 -4.42
C ALA A 281 2.96 25.19 -3.46
N SER A 282 3.37 25.44 -2.22
CA SER A 282 2.42 25.93 -1.25
C SER A 282 2.21 27.41 -1.42
N GLY A 283 3.10 28.08 -2.14
CA GLY A 283 3.02 29.54 -2.30
C GLY A 283 2.79 30.00 -3.73
N VAL A 284 1.78 29.42 -4.38
CA VAL A 284 1.32 29.95 -5.65
C VAL A 284 -0.14 30.29 -5.48
N LEU A 285 -0.70 30.99 -6.45
CA LEU A 285 -2.08 31.42 -6.39
C LEU A 285 -3.11 30.28 -6.47
N THR A 286 -2.74 29.16 -7.06
CA THR A 286 -3.71 28.09 -7.30
C THR A 286 -3.72 27.05 -6.17
N THR A 287 -2.84 27.21 -5.18
CA THR A 287 -2.65 26.18 -4.18
C THR A 287 -3.90 25.82 -3.39
N SER A 288 -4.61 26.85 -2.98
CA SER A 288 -5.85 26.71 -2.26
C SER A 288 -6.93 26.12 -3.12
N CYS A 289 -7.12 26.68 -4.31
CA CYS A 289 -8.12 26.18 -5.23
C CYS A 289 -7.80 24.77 -5.71
N GLY A 290 -6.52 24.53 -5.96
CA GLY A 290 -6.07 23.22 -6.38
C GLY A 290 -6.32 22.16 -5.33
N ASN A 291 -5.79 22.39 -4.16
CA ASN A 291 -5.96 21.42 -3.11
C ASN A 291 -7.42 21.14 -2.79
N THR A 292 -8.24 22.17 -2.84
CA THR A 292 -9.63 22.03 -2.48
C THR A 292 -10.32 21.17 -3.54
N LEU A 293 -10.14 21.54 -4.81
CA LEU A 293 -10.71 20.76 -5.93
C LEU A 293 -10.18 19.34 -5.93
N THR A 294 -8.87 19.19 -5.68
CA THR A 294 -8.25 17.87 -5.73
C THR A 294 -8.75 16.99 -4.59
N CYS A 295 -8.85 17.56 -3.39
CA CYS A 295 -9.33 16.83 -2.21
C CYS A 295 -10.80 16.46 -2.38
N TYR A 296 -11.60 17.38 -2.94
CA TYR A 296 -13.04 17.13 -3.11
C TYR A 296 -13.24 15.98 -4.10
N LEU A 297 -12.45 15.99 -5.18
CA LEU A 297 -12.47 14.96 -6.23
C LEU A 297 -12.18 13.56 -5.68
N LYS A 298 -10.98 13.34 -5.15
CA LYS A 298 -10.61 12.03 -4.61
C LYS A 298 -11.59 11.55 -3.54
N ALA A 299 -11.80 12.40 -2.54
CA ALA A 299 -12.69 12.09 -1.43
C ALA A 299 -14.12 11.77 -1.90
N SER A 300 -14.64 12.49 -2.88
CA SER A 300 -15.94 12.13 -3.43
C SER A 300 -15.88 10.74 -4.08
N ALA A 301 -14.81 10.49 -4.83
CA ALA A 301 -14.59 9.18 -5.40
C ALA A 301 -14.55 8.13 -4.30
N ALA A 302 -13.75 8.43 -3.27
CA ALA A 302 -13.55 7.51 -2.15
C ALA A 302 -14.87 7.16 -1.46
N CYS A 303 -15.78 8.12 -1.40
CA CYS A 303 -17.08 7.89 -0.76
C CYS A 303 -17.88 6.84 -1.51
N ARG A 304 -17.79 6.86 -2.83
CA ARG A 304 -18.51 5.92 -3.65
C ARG A 304 -17.95 4.49 -3.54
N ALA A 305 -16.63 4.38 -3.60
CA ALA A 305 -15.94 3.09 -3.36
C ALA A 305 -16.35 2.44 -2.05
N ALA A 306 -16.51 3.25 -1.00
CA ALA A 306 -16.82 2.79 0.35
C ALA A 306 -18.32 2.59 0.60
N LYS A 307 -19.14 2.97 -0.38
CA LYS A 307 -20.62 2.84 -0.32
C LYS A 307 -21.19 3.52 0.90
N LEU A 308 -20.65 4.71 1.19
CA LEU A 308 -21.15 5.59 2.24
C LEU A 308 -22.46 6.23 1.77
N GLN A 309 -23.52 6.08 2.56
CA GLN A 309 -24.85 6.54 2.18
C GLN A 309 -25.07 8.00 2.55
N ASP A 310 -25.54 8.78 1.59
CA ASP A 310 -26.02 10.14 1.80
C ASP A 310 -24.94 10.99 2.47
N CYS A 311 -23.83 11.17 1.75
CA CYS A 311 -22.68 11.96 2.21
C CYS A 311 -22.82 13.48 1.99
N THR A 312 -22.49 14.24 3.03
CA THR A 312 -22.19 15.66 2.92
C THR A 312 -20.72 15.92 3.25
N MET A 313 -20.04 16.62 2.34
CA MET A 313 -18.64 16.99 2.56
C MET A 313 -18.47 18.49 2.78
N LEU A 314 -17.37 18.81 3.46
CA LEU A 314 -16.94 20.18 3.71
C LEU A 314 -15.43 20.12 3.55
N VAL A 315 -14.93 20.80 2.53
CA VAL A 315 -13.53 20.75 2.16
C VAL A 315 -12.91 22.14 2.29
N ASN A 316 -11.70 22.21 2.87
CA ASN A 316 -10.90 23.44 2.93
C ASN A 316 -9.42 23.12 2.58
N GLY A 317 -9.03 23.31 1.33
CA GLY A 317 -7.71 22.86 0.91
C GLY A 317 -7.64 21.37 1.13
N ASP A 318 -6.63 20.94 1.88
CA ASP A 318 -6.41 19.52 2.26
C ASP A 318 -7.19 19.05 3.48
N ASP A 319 -8.08 19.88 4.01
CA ASP A 319 -8.84 19.53 5.22
C ASP A 319 -10.24 19.07 4.86
N LEU A 320 -10.60 17.87 5.29
CA LEU A 320 -11.85 17.21 4.88
C LEU A 320 -12.73 16.75 6.06
N VAL A 321 -14.03 17.02 6.02
CA VAL A 321 -14.93 16.35 6.95
C VAL A 321 -16.02 15.73 6.14
N VAL A 322 -16.52 14.59 6.59
CA VAL A 322 -17.66 13.97 5.95
C VAL A 322 -18.73 13.67 6.98
N ILE A 323 -19.97 14.03 6.67
CA ILE A 323 -21.09 13.65 7.51
C ILE A 323 -22.08 12.87 6.67
N CYS A 324 -22.50 11.72 7.19
CA CYS A 324 -23.26 10.73 6.43
C CYS A 324 -24.16 9.91 7.35
N GLU A 325 -24.91 9.00 6.74
CA GLU A 325 -25.79 8.06 7.48
C GLU A 325 -25.05 6.79 7.97
N SER A 326 -25.17 6.48 9.27
CA SER A 326 -24.53 5.29 9.82
C SER A 326 -25.19 4.04 9.29
N ALA A 327 -24.39 2.99 9.10
CA ALA A 327 -24.91 1.67 8.76
C ALA A 327 -24.72 0.71 9.92
N GLY A 328 -24.34 1.25 11.08
CA GLY A 328 -23.99 0.45 12.26
C GLY A 328 -22.52 0.68 12.53
N THR A 329 -22.06 0.28 13.72
CA THR A 329 -20.69 0.51 14.13
C THR A 329 -19.66 -0.38 13.37
N GLN A 330 -19.81 -1.70 13.39
CA GLN A 330 -18.99 -2.59 12.54
C GLN A 330 -18.92 -2.03 11.12
N GLU A 331 -20.10 -1.86 10.55
CA GLU A 331 -20.27 -1.45 9.15
C GLU A 331 -19.60 -0.10 8.84
N ASP A 332 -19.67 0.87 9.77
CA ASP A 332 -19.10 2.19 9.55
C ASP A 332 -17.58 2.07 9.51
N ALA A 333 -17.03 1.44 10.54
CA ALA A 333 -15.57 1.26 10.68
C ALA A 333 -14.96 0.59 9.45
N ALA A 334 -15.70 -0.38 8.92
CA ALA A 334 -15.28 -1.16 7.79
C ALA A 334 -15.29 -0.33 6.52
N SER A 335 -16.32 0.49 6.35
CA SER A 335 -16.42 1.33 5.16
C SER A 335 -15.43 2.49 5.25
N LEU A 336 -15.04 2.84 6.47
CA LEU A 336 -14.03 3.87 6.69
C LEU A 336 -12.68 3.40 6.19
N ARG A 337 -12.37 2.13 6.43
CA ARG A 337 -11.15 1.52 5.93
C ARG A 337 -11.17 1.49 4.40
N VAL A 338 -12.30 1.11 3.80
CA VAL A 338 -12.40 1.10 2.33
C VAL A 338 -12.07 2.51 1.81
N PHE A 339 -12.80 3.50 2.30
CA PHE A 339 -12.58 4.93 1.97
C PHE A 339 -11.09 5.30 1.96
N THR A 340 -10.38 4.84 2.99
CA THR A 340 -8.95 5.02 3.17
C THR A 340 -8.07 4.29 2.13
N GLU A 341 -8.43 3.06 1.80
CA GLU A 341 -7.74 2.31 0.74
C GLU A 341 -7.90 3.05 -0.58
N ALA A 342 -9.12 3.55 -0.80
CA ALA A 342 -9.49 4.30 -1.98
C ALA A 342 -8.76 5.62 -2.06
N MET A 343 -8.72 6.35 -0.95
CA MET A 343 -7.97 7.60 -0.95
C MET A 343 -6.51 7.25 -1.29
N THR A 344 -6.01 6.18 -0.68
CA THR A 344 -4.61 5.78 -0.82
C THR A 344 -4.28 5.34 -2.24
N ARG A 345 -5.25 4.77 -2.94
CA ARG A 345 -5.02 4.45 -4.32
C ARG A 345 -4.90 5.71 -5.13
N TYR A 346 -5.74 6.71 -4.85
CA TYR A 346 -5.70 8.02 -5.54
C TYR A 346 -4.53 8.92 -5.12
N SER A 347 -3.62 8.41 -4.28
CA SER A 347 -2.44 9.17 -3.82
C SER A 347 -2.87 10.29 -2.88
N ALA A 348 -3.21 9.88 -1.66
CA ALA A 348 -3.67 10.74 -0.59
C ALA A 348 -3.84 9.87 0.66
N PRO A 349 -2.75 9.24 1.13
CA PRO A 349 -2.91 8.33 2.24
C PRO A 349 -3.02 9.08 3.53
N PRO A 350 -3.51 8.41 4.58
CA PRO A 350 -3.84 9.04 5.86
C PRO A 350 -2.66 9.23 6.77
N GLY A 351 -2.65 10.34 7.51
CA GLY A 351 -1.71 10.57 8.62
C GLY A 351 -2.15 9.80 9.86
N ASP A 352 -2.99 10.42 10.67
CA ASP A 352 -3.70 9.69 11.73
C ASP A 352 -4.72 8.77 11.03
N PRO A 353 -4.90 7.55 11.55
CA PRO A 353 -5.96 6.83 10.87
C PRO A 353 -7.31 7.51 11.14
N PRO A 354 -8.18 7.59 10.12
CA PRO A 354 -9.47 8.24 10.31
C PRO A 354 -10.40 7.37 11.14
N GLN A 355 -11.25 7.98 11.96
CA GLN A 355 -12.17 7.22 12.81
C GLN A 355 -13.59 7.78 12.89
N PRO A 356 -14.57 6.88 13.00
CA PRO A 356 -15.94 7.31 13.06
C PRO A 356 -16.26 7.97 14.40
N GLU A 357 -17.02 9.07 14.33
CA GLU A 357 -17.46 9.79 15.48
C GLU A 357 -18.99 9.86 15.46
N TYR A 358 -19.64 9.72 16.62
CA TYR A 358 -21.11 9.73 16.67
C TYR A 358 -21.58 10.98 17.40
N ASP A 359 -20.69 11.93 17.62
CA ASP A 359 -21.00 13.18 18.31
C ASP A 359 -20.32 14.33 17.55
N LEU A 360 -21.11 15.30 17.09
CA LEU A 360 -20.59 16.40 16.27
C LEU A 360 -19.49 17.14 17.00
N GLU A 361 -19.65 17.32 18.30
CA GLU A 361 -18.68 18.07 19.09
C GLU A 361 -17.30 17.48 19.14
N LEU A 362 -17.20 16.18 18.90
CA LEU A 362 -15.90 15.48 18.91
C LEU A 362 -15.16 15.46 17.57
N ILE A 363 -15.69 16.10 16.53
CA ILE A 363 -15.02 16.11 15.23
C ILE A 363 -14.23 17.43 15.10
N THR A 364 -12.96 17.32 14.72
CA THR A 364 -12.14 18.48 14.47
C THR A 364 -11.97 18.64 12.98
N SER A 365 -12.33 19.81 12.46
CA SER A 365 -12.02 20.19 11.09
C SER A 365 -11.78 21.70 10.92
N CYS A 366 -10.85 22.04 10.04
CA CYS A 366 -10.10 23.30 10.09
C CYS A 366 -9.67 23.62 11.53
N SER A 367 -9.17 22.62 12.23
CA SER A 367 -8.59 22.86 13.56
C SER A 367 -9.64 23.32 14.57
N SER A 368 -10.92 23.11 14.24
CA SER A 368 -12.04 23.54 15.08
C SER A 368 -13.08 22.44 15.22
N ASN A 369 -13.82 22.49 16.33
CA ASN A 369 -14.95 21.66 16.59
C ASN A 369 -16.10 22.54 17.05
N VAL A 370 -17.31 22.09 16.78
CA VAL A 370 -18.49 22.72 17.30
C VAL A 370 -18.59 22.47 18.81
N SER A 371 -18.97 23.53 19.54
CA SER A 371 -19.39 23.40 20.93
C SER A 371 -20.67 24.27 21.14
N VAL A 372 -21.33 24.07 22.27
CA VAL A 372 -22.67 24.61 22.49
C VAL A 372 -22.65 25.44 23.77
N ALA A 373 -23.46 26.50 23.78
CA ALA A 373 -23.56 27.44 24.91
C ALA A 373 -24.93 28.11 24.86
N HIS A 374 -25.23 28.98 25.81
CA HIS A 374 -26.56 29.63 25.87
C HIS A 374 -26.45 31.15 25.79
N ASP A 375 -27.42 31.81 25.13
CA ASP A 375 -27.45 33.27 25.14
C ASP A 375 -28.26 33.82 26.34
N ALA A 376 -28.56 35.13 26.35
CA ALA A 376 -29.18 35.78 27.51
C ALA A 376 -30.60 35.30 27.78
N SER A 377 -31.35 34.98 26.74
CA SER A 377 -32.66 34.35 26.90
C SER A 377 -32.58 32.91 27.44
N GLY A 378 -31.40 32.30 27.36
CA GLY A 378 -31.20 30.91 27.78
C GLY A 378 -31.31 29.91 26.61
N LYS A 379 -31.45 30.42 25.39
CA LYS A 379 -31.48 29.56 24.20
C LYS A 379 -30.11 28.96 23.91
N ARG A 380 -30.10 27.75 23.33
CA ARG A 380 -28.84 27.07 23.02
C ARG A 380 -28.27 27.47 21.65
N VAL A 381 -27.01 27.91 21.68
CA VAL A 381 -26.32 28.51 20.53
C VAL A 381 -25.07 27.69 20.22
N TYR A 382 -24.82 27.42 18.94
CA TYR A 382 -23.63 26.66 18.54
C TYR A 382 -22.57 27.59 18.04
N TYR A 383 -21.33 27.26 18.35
CA TYR A 383 -20.20 28.06 17.89
C TYR A 383 -18.95 27.18 17.67
N LEU A 384 -18.05 27.65 16.82
CA LEU A 384 -16.79 26.95 16.58
C LEU A 384 -15.74 27.31 17.61
N THR A 385 -14.97 26.33 18.09
CA THR A 385 -13.86 26.61 18.99
C THR A 385 -12.69 25.65 18.75
N ARG A 386 -11.69 25.70 19.62
CA ARG A 386 -10.54 24.83 19.54
C ARG A 386 -9.77 24.89 20.84
N ASP A 387 -9.02 23.82 21.10
CA ASP A 387 -7.94 23.84 22.08
C ASP A 387 -7.18 25.13 21.78
N PRO A 388 -7.03 26.02 22.78
CA PRO A 388 -6.45 27.33 22.57
C PRO A 388 -4.95 27.43 22.74
N THR A 389 -4.25 26.31 22.74
CA THR A 389 -2.82 26.31 23.02
C THR A 389 -2.05 27.14 22.00
N THR A 390 -2.22 26.86 20.73
CA THR A 390 -1.50 27.61 19.72
C THR A 390 -1.87 29.10 19.73
N PRO A 391 -3.18 29.43 19.69
CA PRO A 391 -3.52 30.86 19.72
C PRO A 391 -2.87 31.64 20.88
N LEU A 392 -2.77 31.02 22.05
CA LEU A 392 -2.15 31.68 23.20
C LEU A 392 -0.66 31.78 23.01
N ALA A 393 -0.04 30.67 22.65
CA ALA A 393 1.36 30.67 22.26
C ALA A 393 1.74 31.85 21.35
N ARG A 394 1.05 31.98 20.24
CA ARG A 394 1.38 33.01 19.26
C ARG A 394 1.04 34.40 19.75
N ALA A 395 0.10 34.49 20.68
CA ALA A 395 -0.26 35.76 21.30
C ALA A 395 0.88 36.17 22.22
N ALA A 396 1.32 35.22 23.05
CA ALA A 396 2.48 35.45 23.90
C ALA A 396 3.70 35.96 23.08
N TRP A 397 3.87 35.39 21.89
CA TRP A 397 4.94 35.80 20.99
C TRP A 397 4.76 37.21 20.41
N GLU A 398 3.54 37.47 19.96
CA GLU A 398 3.24 38.74 19.33
C GLU A 398 3.23 39.83 20.35
N THR A 399 2.88 39.50 21.58
CA THR A 399 2.97 40.49 22.65
C THR A 399 4.44 40.75 23.01
N ALA A 400 5.31 39.75 22.81
CA ALA A 400 6.76 39.88 23.09
C ALA A 400 7.56 40.57 21.95
N ARG A 401 8.00 39.82 20.95
CA ARG A 401 8.71 40.43 19.81
C ARG A 401 7.71 41.20 18.93
N HIS A 402 8.19 42.11 18.09
CA HIS A 402 7.34 42.82 17.11
C HIS A 402 7.19 41.93 15.87
N THR A 403 5.97 41.89 15.33
CA THR A 403 5.66 40.98 14.24
C THR A 403 4.70 41.66 13.26
N PRO A 404 5.00 41.55 11.95
CA PRO A 404 4.20 42.24 10.95
C PRO A 404 2.76 41.71 10.81
N VAL A 405 2.51 40.46 11.21
CA VAL A 405 1.16 39.87 11.20
C VAL A 405 0.72 39.50 12.63
N ASN A 406 -0.58 39.64 12.88
CA ASN A 406 -1.20 39.49 14.19
C ASN A 406 -2.23 38.35 14.29
N SER A 407 -1.76 37.15 14.64
CA SER A 407 -2.67 36.04 14.79
C SER A 407 -3.78 36.34 15.81
N TRP A 408 -3.45 37.04 16.88
CA TRP A 408 -4.40 37.32 17.96
C TRP A 408 -5.71 37.98 17.51
N LEU A 409 -5.61 38.94 16.61
CA LEU A 409 -6.79 39.67 16.12
C LEU A 409 -7.63 38.76 15.22
N GLY A 410 -6.93 38.00 14.38
CA GLY A 410 -7.55 36.99 13.53
C GLY A 410 -8.30 36.00 14.39
N ASN A 411 -7.63 35.54 15.43
CA ASN A 411 -8.26 34.67 16.39
C ASN A 411 -9.43 35.32 17.12
N ILE A 412 -9.29 36.59 17.46
CA ILE A 412 -10.44 37.26 18.06
C ILE A 412 -11.63 37.17 17.10
N ILE A 413 -11.40 37.47 15.82
CA ILE A 413 -12.47 37.49 14.84
C ILE A 413 -13.00 36.10 14.56
N MET A 414 -12.11 35.16 14.28
CA MET A 414 -12.56 33.80 14.00
C MET A 414 -13.25 33.18 15.22
N TYR A 415 -12.75 33.46 16.42
CA TYR A 415 -13.22 32.77 17.62
C TYR A 415 -13.89 33.66 18.67
N ALA A 416 -14.54 34.75 18.24
CA ALA A 416 -15.16 35.73 19.15
C ALA A 416 -16.11 35.14 20.18
N PRO A 417 -16.93 34.18 19.79
CA PRO A 417 -17.82 33.65 20.82
C PRO A 417 -17.12 32.79 21.88
N THR A 418 -15.91 32.34 21.61
CA THR A 418 -15.29 31.40 22.53
C THR A 418 -15.01 32.04 23.86
N LEU A 419 -14.94 31.18 24.84
CA LEU A 419 -14.69 31.52 26.22
C LEU A 419 -13.27 32.04 26.33
N TRP A 420 -12.37 31.37 25.64
CA TRP A 420 -10.94 31.70 25.70
C TRP A 420 -10.58 33.02 24.99
N ALA A 421 -11.26 33.35 23.89
CA ALA A 421 -10.94 34.55 23.11
C ALA A 421 -11.51 35.78 23.78
N ARG A 422 -12.72 35.64 24.32
CA ARG A 422 -13.36 36.70 25.07
C ARG A 422 -12.61 37.08 26.33
N MET A 423 -12.34 36.08 27.18
CA MET A 423 -11.83 36.35 28.53
C MET A 423 -10.34 36.67 28.53
N ILE A 424 -9.59 36.11 27.58
CA ILE A 424 -8.14 36.22 27.58
C ILE A 424 -7.61 37.14 26.52
N LEU A 425 -7.93 36.90 25.25
CA LEU A 425 -7.35 37.71 24.17
C LEU A 425 -7.81 39.16 24.19
N MET A 426 -9.10 39.36 23.97
CA MET A 426 -9.69 40.71 24.00
C MET A 426 -9.15 41.50 25.20
N THR A 427 -9.31 40.95 26.41
CA THR A 427 -8.81 41.56 27.62
C THR A 427 -7.34 41.99 27.48
N HIS A 428 -6.46 41.01 27.25
CA HIS A 428 -5.00 41.24 27.09
C HIS A 428 -4.65 42.34 26.10
N PHE A 429 -5.16 42.22 24.87
CA PHE A 429 -4.77 43.14 23.82
C PHE A 429 -5.44 44.52 23.92
N PHE A 430 -6.68 44.58 24.36
CA PHE A 430 -7.27 45.88 24.65
C PHE A 430 -6.56 46.58 25.81
N SER A 431 -6.06 45.81 26.76
CA SER A 431 -5.24 46.38 27.85
C SER A 431 -3.93 47.00 27.31
N ILE A 432 -3.36 46.35 26.30
CA ILE A 432 -2.08 46.76 25.71
C ILE A 432 -2.24 47.96 24.80
N LEU A 433 -3.32 47.99 24.03
CA LEU A 433 -3.55 49.08 23.11
C LEU A 433 -3.85 50.35 23.89
N LEU A 434 -4.80 50.22 24.82
CA LEU A 434 -5.10 51.20 25.84
C LEU A 434 -3.84 51.80 26.44
N ALA A 435 -2.92 50.95 26.88
CA ALA A 435 -1.68 51.36 27.56
C ALA A 435 -0.71 52.05 26.65
N GLN A 436 -0.73 51.70 25.36
CA GLN A 436 0.16 52.31 24.39
C GLN A 436 -0.55 53.34 23.53
N GLU A 437 -1.68 53.85 24.03
CA GLU A 437 -2.49 54.81 23.29
C GLU A 437 -2.51 54.47 21.79
N GLN A 438 -3.10 53.33 21.45
CA GLN A 438 -3.01 52.79 20.08
C GLN A 438 -4.23 51.96 19.63
N LEU A 439 -5.42 52.36 20.05
CA LEU A 439 -6.65 51.69 19.61
C LEU A 439 -7.06 52.03 18.20
N GLU A 440 -6.49 53.11 17.69
CA GLU A 440 -6.91 53.72 16.42
C GLU A 440 -6.21 53.07 15.22
N LYS A 441 -4.96 52.65 15.41
CA LYS A 441 -4.15 52.07 14.33
C LYS A 441 -4.71 50.78 13.76
N ALA A 442 -5.03 50.80 12.46
CA ALA A 442 -5.33 49.58 11.72
C ALA A 442 -4.16 48.57 11.78
N LEU A 443 -4.52 47.29 11.72
CA LEU A 443 -3.56 46.20 11.82
C LEU A 443 -3.79 45.14 10.75
N ASP A 444 -2.71 44.55 10.29
CA ASP A 444 -2.80 43.53 9.25
C ASP A 444 -3.03 42.18 9.89
N CYS A 445 -4.18 41.57 9.66
CA CYS A 445 -4.30 40.15 9.95
C CYS A 445 -4.77 39.38 8.73
N GLN A 446 -4.70 38.05 8.85
CA GLN A 446 -4.97 37.11 7.76
C GLN A 446 -6.33 36.44 7.93
N ILE A 447 -7.14 36.41 6.86
CA ILE A 447 -8.37 35.64 6.87
C ILE A 447 -8.52 34.78 5.61
N TYR A 448 -8.60 33.46 5.82
CA TYR A 448 -8.53 32.48 4.73
C TYR A 448 -7.37 32.82 3.79
N GLY A 449 -6.24 33.23 4.37
CA GLY A 449 -5.01 33.48 3.61
C GLY A 449 -4.90 34.85 2.95
N ALA A 450 -5.95 35.66 2.99
CA ALA A 450 -5.87 37.00 2.42
C ALA A 450 -5.52 37.94 3.54
N CYS A 451 -4.74 38.97 3.24
CA CYS A 451 -4.37 39.98 4.24
C CYS A 451 -5.39 41.12 4.26
N TYR A 452 -5.98 41.36 5.43
CA TYR A 452 -6.87 42.50 5.69
C TYR A 452 -6.19 43.47 6.66
N SER A 453 -6.43 44.78 6.45
CA SER A 453 -6.06 45.85 7.37
C SER A 453 -7.31 46.13 8.14
N ILE A 454 -7.27 45.91 9.46
CA ILE A 454 -8.46 46.00 10.30
C ILE A 454 -8.19 46.88 11.50
N GLU A 455 -9.23 47.62 11.86
CA GLU A 455 -9.23 48.53 13.00
C GLU A 455 -9.88 47.86 14.22
N PRO A 456 -9.12 47.65 15.30
CA PRO A 456 -9.65 47.01 16.48
C PRO A 456 -10.91 47.71 17.00
N LEU A 457 -11.00 49.02 16.86
CA LEU A 457 -12.20 49.70 17.31
C LEU A 457 -13.45 49.28 16.57
N ASP A 458 -13.28 48.62 15.42
CA ASP A 458 -14.43 48.17 14.61
C ASP A 458 -14.93 46.77 15.00
N LEU A 459 -14.21 46.12 15.90
CA LEU A 459 -14.52 44.74 16.28
C LEU A 459 -15.97 44.42 16.67
N PRO A 460 -16.66 45.32 17.39
CA PRO A 460 -18.05 44.95 17.72
C PRO A 460 -18.93 44.73 16.48
N GLN A 461 -18.93 45.70 15.59
CA GLN A 461 -19.63 45.56 14.30
C GLN A 461 -19.28 44.24 13.60
N ILE A 462 -17.98 43.94 13.58
CA ILE A 462 -17.48 42.77 12.86
C ILE A 462 -18.05 41.51 13.49
N ILE A 463 -18.09 41.47 14.81
CA ILE A 463 -18.60 40.29 15.51
C ILE A 463 -20.09 40.14 15.33
N GLU A 464 -20.85 41.21 15.49
CA GLU A 464 -22.30 41.14 15.27
C GLU A 464 -22.65 40.59 13.87
N ARG A 465 -21.85 40.95 12.87
CA ARG A 465 -22.07 40.50 11.52
C ARG A 465 -21.66 39.03 11.30
N LEU A 466 -20.50 38.61 11.83
CA LEU A 466 -20.01 37.24 11.54
C LEU A 466 -20.57 36.16 12.48
N HIS A 467 -21.31 36.61 13.49
CA HIS A 467 -21.62 35.77 14.65
C HIS A 467 -23.01 36.03 15.27
N GLY A 468 -23.43 37.29 15.34
CA GLY A 468 -24.70 37.68 15.95
C GLY A 468 -24.49 38.34 17.31
N LEU A 469 -25.41 39.22 17.70
CA LEU A 469 -25.42 39.78 19.07
C LEU A 469 -25.24 38.74 20.14
N SER A 470 -25.67 37.50 19.89
CA SER A 470 -25.54 36.43 20.89
C SER A 470 -24.10 36.29 21.39
N ALA A 471 -23.13 36.66 20.59
CA ALA A 471 -21.73 36.42 20.90
C ALA A 471 -21.18 37.34 21.99
N PHE A 472 -21.96 38.36 22.35
CA PHE A 472 -21.61 39.22 23.46
C PHE A 472 -22.25 38.80 24.79
N SER A 473 -23.04 37.73 24.74
CA SER A 473 -23.88 37.30 25.86
C SER A 473 -23.91 35.79 26.13
N LEU A 474 -23.06 34.99 25.46
CA LEU A 474 -23.05 33.53 25.71
C LEU A 474 -22.61 33.21 27.14
N HIS A 475 -23.07 32.11 27.75
CA HIS A 475 -22.81 31.93 29.19
C HIS A 475 -22.70 30.51 29.80
N SER A 476 -23.55 29.55 29.46
CA SER A 476 -23.44 28.27 30.17
C SER A 476 -22.69 27.28 29.28
N TYR A 477 -21.40 27.55 29.17
CA TYR A 477 -20.48 26.84 28.29
C TYR A 477 -20.36 25.37 28.67
N SER A 478 -20.06 24.49 27.72
CA SER A 478 -20.03 23.06 28.03
C SER A 478 -18.86 22.77 28.99
N PRO A 479 -19.03 21.84 29.92
CA PRO A 479 -17.97 21.59 30.92
C PRO A 479 -16.69 21.10 30.27
N GLY A 480 -16.84 20.22 29.27
CA GLY A 480 -15.72 19.80 28.41
C GLY A 480 -14.92 20.95 27.83
N GLU A 481 -15.62 21.96 27.29
CA GLU A 481 -14.94 23.18 26.85
C GLU A 481 -14.23 23.86 28.02
N ILE A 482 -14.96 24.09 29.12
CA ILE A 482 -14.41 24.82 30.24
C ILE A 482 -13.16 24.13 30.77
N ASN A 483 -13.15 22.79 30.73
CA ASN A 483 -12.01 22.04 31.24
C ASN A 483 -10.81 22.32 30.37
N ARG A 484 -10.96 22.00 29.09
CA ARG A 484 -9.88 22.17 28.12
C ARG A 484 -9.24 23.53 28.24
N VAL A 485 -10.05 24.54 28.50
CA VAL A 485 -9.50 25.88 28.65
C VAL A 485 -8.63 25.98 29.91
N ALA A 486 -9.20 25.88 31.11
CA ALA A 486 -8.37 26.05 32.33
C ALA A 486 -7.19 25.08 32.34
N SER A 487 -7.39 23.90 31.72
CA SER A 487 -6.34 22.89 31.61
C SER A 487 -5.18 23.40 30.75
N CYS A 488 -5.53 23.92 29.57
CA CYS A 488 -4.52 24.60 28.77
C CYS A 488 -3.79 25.69 29.57
N LEU A 489 -4.54 26.52 30.30
CA LEU A 489 -3.94 27.60 31.08
C LEU A 489 -2.96 27.11 32.16
N ARG A 490 -3.31 26.05 32.88
CA ARG A 490 -2.38 25.47 33.86
C ARG A 490 -1.13 25.05 33.11
N LYS A 491 -1.32 24.27 32.05
CA LYS A 491 -0.23 23.76 31.23
C LYS A 491 0.76 24.86 30.86
N LEU A 492 0.23 26.00 30.40
CA LEU A 492 1.06 27.06 29.81
C LEU A 492 1.58 28.07 30.80
N GLY A 493 1.07 28.03 32.03
CA GLY A 493 1.44 29.03 33.03
C GLY A 493 0.73 30.36 32.84
N VAL A 494 -0.51 30.33 32.40
CA VAL A 494 -1.29 31.56 32.22
C VAL A 494 -2.28 31.66 33.38
N PRO A 495 -2.50 32.89 33.88
CA PRO A 495 -3.48 33.16 34.92
C PRO A 495 -4.84 32.46 34.72
N PRO A 496 -5.41 31.93 35.81
CA PRO A 496 -6.75 31.31 35.72
C PRO A 496 -7.83 32.31 35.32
N LEU A 497 -8.99 31.81 34.94
CA LEU A 497 -10.01 32.63 34.33
C LEU A 497 -10.57 33.67 35.29
N ARG A 498 -10.56 33.35 36.59
CA ARG A 498 -11.05 34.27 37.63
C ARG A 498 -10.32 35.63 37.52
N VAL A 499 -9.01 35.56 37.24
CA VAL A 499 -8.15 36.73 37.18
C VAL A 499 -8.45 37.63 36.01
N TRP A 500 -8.76 37.02 34.86
CA TRP A 500 -9.07 37.76 33.60
C TRP A 500 -10.34 38.57 33.74
N ARG A 501 -11.29 37.98 34.45
CA ARG A 501 -12.54 38.61 34.74
C ARG A 501 -12.28 39.94 35.45
N HIS A 502 -11.34 39.95 36.40
CA HIS A 502 -11.03 41.16 37.16
C HIS A 502 -10.29 42.16 36.29
N ARG A 503 -9.31 41.69 35.52
CA ARG A 503 -8.59 42.55 34.56
C ARG A 503 -9.52 43.16 33.50
N ALA A 504 -10.51 42.37 33.06
CA ALA A 504 -11.46 42.82 32.06
C ALA A 504 -12.36 43.92 32.60
N ARG A 505 -12.85 43.73 33.83
CA ARG A 505 -13.62 44.75 34.53
C ARG A 505 -12.96 46.14 34.48
N SER A 506 -11.65 46.16 34.68
CA SER A 506 -10.88 47.40 34.66
C SER A 506 -10.76 47.97 33.23
N VAL A 507 -10.32 47.12 32.30
CA VAL A 507 -10.22 47.47 30.88
C VAL A 507 -11.59 47.96 30.35
N ARG A 508 -12.66 47.24 30.68
CA ARG A 508 -14.01 47.68 30.31
C ARG A 508 -14.22 49.15 30.73
N ALA A 509 -13.82 49.45 31.96
CA ALA A 509 -14.05 50.75 32.54
C ALA A 509 -13.25 51.88 31.84
N ARG A 510 -11.99 51.62 31.53
CA ARG A 510 -11.14 52.65 30.90
C ARG A 510 -11.67 52.92 29.49
N LEU A 511 -12.18 51.86 28.87
CA LEU A 511 -12.66 51.93 27.51
C LEU A 511 -13.87 52.81 27.42
N LEU A 512 -14.84 52.59 28.32
CA LEU A 512 -16.03 53.43 28.48
C LEU A 512 -15.69 54.89 28.75
N SER A 513 -14.64 55.13 29.54
CA SER A 513 -14.25 56.51 29.89
C SER A 513 -13.75 57.32 28.71
N GLN A 514 -13.47 56.66 27.58
CA GLN A 514 -12.98 57.31 26.37
C GLN A 514 -14.05 57.60 25.33
N GLY A 515 -15.21 56.96 25.44
CA GLY A 515 -16.37 57.35 24.65
C GLY A 515 -16.27 57.00 23.18
N GLY A 516 -17.35 57.23 22.43
CA GLY A 516 -17.38 56.89 21.03
C GLY A 516 -17.26 55.39 20.84
N ARG A 517 -16.27 54.99 20.02
CA ARG A 517 -16.11 53.59 19.62
C ARG A 517 -15.38 52.74 20.67
N ALA A 518 -14.55 53.35 21.49
CA ALA A 518 -13.87 52.62 22.56
C ALA A 518 -14.87 52.30 23.66
N ALA A 519 -15.81 53.22 23.87
CA ALA A 519 -16.91 52.95 24.78
C ALA A 519 -17.75 51.78 24.26
N THR A 520 -18.01 51.75 22.95
CA THR A 520 -18.77 50.67 22.38
C THR A 520 -18.03 49.35 22.57
N CYS A 521 -16.72 49.37 22.37
CA CYS A 521 -15.91 48.19 22.67
C CYS A 521 -16.05 47.74 24.13
N GLY A 522 -15.94 48.68 25.06
CA GLY A 522 -16.21 48.41 26.47
C GLY A 522 -17.60 47.83 26.72
N LYS A 523 -18.62 48.42 26.13
CA LYS A 523 -19.97 47.96 26.40
C LYS A 523 -20.15 46.55 25.93
N TYR A 524 -19.78 46.27 24.68
CA TYR A 524 -20.11 45.00 24.00
C TYR A 524 -19.14 43.86 24.31
N LEU A 525 -17.85 44.08 24.07
CA LEU A 525 -16.85 43.03 24.21
C LEU A 525 -16.71 42.42 25.64
N PHE A 526 -16.95 43.25 26.65
CA PHE A 526 -16.67 42.89 28.07
C PHE A 526 -17.92 42.91 28.96
N ASN A 527 -19.09 43.01 28.35
CA ASN A 527 -20.34 42.73 29.05
C ASN A 527 -20.36 41.39 29.79
N TRP A 528 -19.65 40.39 29.29
CA TRP A 528 -19.48 39.16 30.06
C TRP A 528 -18.90 39.40 31.48
N ALA A 529 -18.11 40.46 31.64
CA ALA A 529 -17.32 40.66 32.85
C ALA A 529 -18.05 41.37 33.98
N VAL A 530 -19.20 41.98 33.71
CA VAL A 530 -19.73 42.95 34.65
C VAL A 530 -20.29 42.36 35.94
N LYS A 531 -21.30 41.51 35.80
CA LYS A 531 -22.09 40.97 36.94
C LYS A 531 -23.55 41.32 36.76
N THR A 532 -23.85 42.61 36.67
CA THR A 532 -25.19 43.07 36.26
C THR A 532 -25.05 43.71 34.89
N LYS A 533 -25.76 43.13 33.92
CA LYS A 533 -25.44 43.29 32.50
C LYS A 533 -26.21 44.43 31.88
N LEU A 534 -25.53 45.25 31.09
CA LEU A 534 -26.22 46.18 30.22
C LEU A 534 -26.92 45.37 29.08
N LYS A 535 -28.16 45.74 28.75
CA LYS A 535 -28.92 45.09 27.69
C LYS A 535 -28.40 45.63 26.38
N LEU A 536 -28.15 44.73 25.44
CA LEU A 536 -27.38 45.09 24.26
C LEU A 536 -28.24 45.18 23.00
N THR A 537 -28.01 46.23 22.21
CA THR A 537 -28.83 46.50 21.03
C THR A 537 -27.95 46.54 19.78
N PRO A 538 -28.54 46.30 18.61
CA PRO A 538 -27.71 46.19 17.40
C PRO A 538 -27.22 47.56 16.89
N ILE A 539 -26.42 47.56 15.82
CA ILE A 539 -25.87 48.81 15.27
C ILE A 539 -25.70 48.76 13.75
N SER A 548 -18.42 43.91 3.65
CA SER A 548 -17.71 42.64 3.52
C SER A 548 -17.66 42.04 2.08
N GLY A 549 -16.84 41.00 1.97
CA GLY A 549 -16.49 40.28 0.74
C GLY A 549 -15.36 39.35 1.23
N TRP A 550 -15.61 38.71 2.37
CA TRP A 550 -14.58 38.25 3.30
C TRP A 550 -14.41 36.72 3.35
N PHE A 551 -15.53 36.03 3.43
CA PHE A 551 -15.55 34.58 3.50
C PHE A 551 -16.21 34.15 2.23
N VAL A 552 -15.42 34.22 1.16
CA VAL A 552 -15.88 34.02 -0.22
C VAL A 552 -15.02 32.96 -0.94
N ALA A 553 -13.72 33.01 -0.71
CA ALA A 553 -12.77 31.98 -1.22
C ALA A 553 -11.42 31.98 -0.47
N GLY A 554 -10.67 30.90 -0.63
CA GLY A 554 -9.43 30.70 0.08
C GLY A 554 -8.26 31.11 -0.80
N TYR A 555 -7.34 31.87 -0.20
CA TYR A 555 -6.13 32.35 -0.88
C TYR A 555 -4.87 32.04 -0.09
N SER A 556 -4.85 30.96 0.69
CA SER A 556 -3.61 30.61 1.40
C SER A 556 -2.51 30.36 0.39
N GLY A 557 -1.38 30.99 0.67
CA GLY A 557 -0.20 30.90 -0.16
C GLY A 557 -0.24 31.82 -1.35
N GLY A 558 -1.39 32.47 -1.54
CA GLY A 558 -1.72 33.17 -2.78
C GLY A 558 -1.28 34.63 -2.93
N ASP A 559 -0.66 35.22 -1.91
CA ASP A 559 -0.12 36.58 -2.06
C ASP A 559 -1.27 37.58 -2.42
N ILE A 560 -2.22 37.74 -1.52
CA ILE A 560 -3.42 38.53 -1.75
C ILE A 560 -3.67 39.55 -0.64
N TYR A 561 -4.17 40.71 -1.04
CA TYR A 561 -4.45 41.83 -0.16
C TYR A 561 -5.77 42.47 -0.58
N HIS A 562 -6.73 42.55 0.35
CA HIS A 562 -8.03 43.23 0.13
C HIS A 562 -8.14 44.48 0.96
N SER B 1 21.08 16.04 -19.23
CA SER B 1 20.72 14.70 -18.72
C SER B 1 21.25 13.65 -19.67
N MET B 2 21.44 12.45 -19.16
CA MET B 2 22.03 11.34 -19.91
C MET B 2 21.05 10.78 -20.94
N SER B 3 21.44 10.83 -22.21
CA SER B 3 20.62 10.30 -23.30
C SER B 3 20.16 8.88 -23.01
N TYR B 4 21.04 8.10 -22.36
CA TYR B 4 20.76 6.74 -21.89
C TYR B 4 21.45 6.48 -20.53
N THR B 5 20.93 5.50 -19.79
CA THR B 5 21.62 4.93 -18.64
C THR B 5 21.30 3.46 -18.71
N TRP B 6 22.28 2.62 -18.39
CA TRP B 6 22.17 1.20 -18.71
C TRP B 6 22.23 0.36 -17.45
N THR B 7 21.26 -0.54 -17.31
CA THR B 7 21.24 -1.52 -16.20
C THR B 7 22.38 -2.52 -16.27
N GLY B 8 22.72 -2.94 -17.49
CA GLY B 8 23.77 -3.91 -17.72
C GLY B 8 23.26 -5.08 -18.51
N ALA B 9 21.94 -5.23 -18.58
CA ALA B 9 21.36 -6.34 -19.33
C ALA B 9 21.58 -6.06 -20.80
N LEU B 10 21.77 -7.12 -21.56
CA LEU B 10 22.15 -6.99 -22.96
C LEU B 10 20.97 -6.66 -23.83
N ILE B 11 21.27 -6.22 -25.05
CA ILE B 11 20.29 -6.03 -26.11
C ILE B 11 20.35 -7.31 -26.92
N THR B 12 19.24 -8.03 -26.92
CA THR B 12 19.20 -9.40 -27.35
C THR B 12 18.49 -9.53 -28.68
N PRO B 13 18.95 -10.49 -29.49
CA PRO B 13 18.34 -10.69 -30.78
C PRO B 13 16.96 -11.28 -30.57
N CYS B 14 16.21 -11.39 -31.66
CA CYS B 14 14.80 -11.73 -31.58
C CYS B 14 14.57 -13.03 -32.35
N ALA B 15 15.25 -13.14 -33.51
CA ALA B 15 15.57 -14.42 -34.15
C ALA B 15 17.09 -14.57 -34.18
N ALA B 16 17.59 -15.62 -34.79
CA ALA B 16 19.03 -15.76 -34.99
C ALA B 16 19.42 -14.96 -36.22
N GLU B 17 20.44 -14.13 -36.09
CA GLU B 17 20.82 -13.18 -37.14
C GLU B 17 21.90 -13.80 -38.03
N GLU B 18 21.91 -13.41 -39.32
CA GLU B 18 23.01 -13.75 -40.24
C GLU B 18 23.97 -12.54 -40.35
N SER B 19 25.20 -12.76 -40.80
CA SER B 19 26.16 -11.65 -40.89
C SER B 19 27.09 -11.64 -42.12
N LYS B 20 27.06 -12.71 -42.91
CA LYS B 20 27.77 -12.75 -44.18
C LYS B 20 26.84 -13.36 -45.26
N LEU B 21 27.24 -13.22 -46.52
CA LEU B 21 26.63 -13.95 -47.64
C LEU B 21 26.86 -15.45 -47.46
N PRO B 22 25.90 -16.28 -47.87
CA PRO B 22 26.25 -17.71 -47.95
C PRO B 22 27.32 -18.01 -49.00
N ASN B 28 26.81 -14.02 -56.30
CA ASN B 28 28.18 -14.17 -56.77
C ASN B 28 28.30 -13.83 -58.27
N SER B 29 27.18 -13.78 -58.97
CA SER B 29 27.12 -13.24 -60.35
C SER B 29 27.09 -11.71 -60.30
N LEU B 30 26.62 -11.18 -59.16
CA LEU B 30 26.71 -9.76 -58.92
C LEU B 30 28.11 -9.36 -58.47
N LEU B 31 28.63 -9.98 -57.40
CA LEU B 31 29.99 -9.64 -56.92
C LEU B 31 30.83 -10.82 -56.41
N ARG B 32 32.14 -10.75 -56.67
CA ARG B 32 33.05 -11.82 -56.24
C ARG B 32 33.44 -11.62 -54.77
N HIS B 33 33.74 -10.38 -54.38
CA HIS B 33 34.30 -10.08 -53.06
C HIS B 33 33.24 -10.13 -51.97
N HIS B 34 32.66 -11.31 -51.78
CA HIS B 34 31.64 -11.52 -50.79
C HIS B 34 32.09 -11.18 -49.35
N ASN B 35 33.37 -11.32 -49.03
CA ASN B 35 33.89 -10.93 -47.71
C ASN B 35 33.87 -9.43 -47.41
N MET B 36 33.61 -8.60 -48.40
CA MET B 36 33.50 -7.16 -48.15
C MET B 36 32.09 -6.77 -47.66
N VAL B 37 31.18 -7.73 -47.72
CA VAL B 37 29.79 -7.50 -47.37
C VAL B 37 29.50 -8.07 -45.99
N TYR B 38 29.01 -7.21 -45.09
CA TYR B 38 28.69 -7.64 -43.72
C TYR B 38 27.32 -7.11 -43.28
N ALA B 39 26.65 -7.83 -42.37
CA ALA B 39 25.43 -7.29 -41.76
C ALA B 39 25.71 -6.98 -40.31
N THR B 40 25.20 -5.85 -39.85
CA THR B 40 25.27 -5.51 -38.45
C THR B 40 24.36 -6.46 -37.69
N THR B 41 24.77 -6.82 -36.48
CA THR B 41 24.03 -7.74 -35.62
C THR B 41 24.12 -7.22 -34.20
N SER B 42 23.33 -7.83 -33.33
CA SER B 42 23.37 -7.52 -31.90
C SER B 42 24.76 -7.72 -31.26
N ARG B 43 25.63 -8.52 -31.88
CA ARG B 43 27.02 -8.62 -31.42
C ARG B 43 27.66 -7.26 -31.20
N SER B 44 27.30 -6.29 -32.04
CA SER B 44 27.91 -4.96 -32.03
C SER B 44 27.19 -3.95 -31.12
N ALA B 45 26.11 -4.39 -30.47
CA ALA B 45 25.22 -3.48 -29.76
C ALA B 45 25.94 -2.66 -28.71
N GLY B 46 26.88 -3.26 -28.00
CA GLY B 46 27.67 -2.57 -27.00
C GLY B 46 28.47 -1.44 -27.57
N LEU B 47 28.94 -1.63 -28.80
CA LEU B 47 29.77 -0.60 -29.44
C LEU B 47 28.94 0.63 -29.76
N ARG B 48 27.72 0.42 -30.25
CA ARG B 48 26.77 1.49 -30.48
C ARG B 48 26.35 2.18 -29.19
N GLN B 49 26.17 1.40 -28.13
CA GLN B 49 25.85 1.94 -26.81
C GLN B 49 26.89 2.95 -26.32
N LYS B 50 28.18 2.62 -26.41
CA LYS B 50 29.21 3.61 -26.03
C LYS B 50 29.10 4.93 -26.81
N LYS B 51 28.73 4.86 -28.08
CA LYS B 51 28.71 6.04 -28.96
C LYS B 51 27.52 6.95 -28.73
N VAL B 52 26.35 6.38 -28.43
CA VAL B 52 25.10 7.15 -28.28
C VAL B 52 24.74 7.55 -26.85
N THR B 53 25.57 7.21 -25.87
CA THR B 53 25.25 7.57 -24.49
C THR B 53 26.19 8.68 -24.06
N PHE B 54 25.61 9.84 -23.74
CA PHE B 54 26.36 10.94 -23.15
C PHE B 54 25.39 11.94 -22.53
N ASP B 55 25.93 12.93 -21.81
CA ASP B 55 25.13 14.00 -21.17
C ASP B 55 24.94 15.14 -22.17
N ARG B 56 23.79 15.82 -22.13
CA ARG B 56 23.49 16.88 -23.07
C ARG B 56 23.36 18.19 -22.34
N LEU B 57 24.29 19.12 -22.59
CA LEU B 57 24.18 20.46 -22.04
C LEU B 57 23.68 21.33 -23.20
N GLN B 58 22.42 21.73 -23.12
CA GLN B 58 21.77 22.54 -24.14
C GLN B 58 21.56 23.96 -23.62
N VAL B 59 21.98 24.95 -24.40
CA VAL B 59 21.71 26.34 -24.04
C VAL B 59 21.06 26.98 -25.25
N LEU B 60 20.09 27.85 -25.02
CA LEU B 60 19.35 28.44 -26.13
C LEU B 60 19.43 29.97 -26.08
N ASP B 61 19.05 30.64 -27.17
CA ASP B 61 19.28 32.08 -27.27
C ASP B 61 18.19 32.79 -28.11
N ASP B 62 18.37 34.08 -28.36
CA ASP B 62 17.33 34.88 -29.02
C ASP B 62 16.99 34.36 -30.41
N HIS B 63 18.01 33.87 -31.13
CA HIS B 63 17.81 33.39 -32.49
C HIS B 63 16.92 32.14 -32.49
N TYR B 64 17.21 31.20 -31.58
CA TYR B 64 16.32 30.06 -31.30
C TYR B 64 14.90 30.53 -31.05
N ARG B 65 14.73 31.43 -30.09
CA ARG B 65 13.38 31.87 -29.74
C ARG B 65 12.68 32.61 -30.90
N ASP B 66 13.41 33.37 -31.71
CA ASP B 66 12.76 34.08 -32.82
C ASP B 66 12.22 33.10 -33.84
N VAL B 67 13.04 32.12 -34.18
CA VAL B 67 12.69 31.10 -35.17
C VAL B 67 11.55 30.21 -34.67
N LEU B 68 11.59 29.86 -33.37
CA LEU B 68 10.48 29.11 -32.79
C LEU B 68 9.17 29.89 -32.82
N LYS B 69 9.24 31.19 -32.62
CA LYS B 69 8.08 32.06 -32.64
C LYS B 69 7.51 32.05 -34.03
N GLU B 70 8.38 32.12 -35.04
CA GLU B 70 7.93 32.11 -36.42
C GLU B 70 7.31 30.76 -36.78
N MET B 71 7.95 29.69 -36.33
CA MET B 71 7.47 28.35 -36.59
C MET B 71 6.07 28.13 -36.02
N LYS B 72 5.83 28.58 -34.80
CA LYS B 72 4.50 28.42 -34.21
C LYS B 72 3.46 29.22 -35.00
N ALA B 73 3.83 30.38 -35.53
CA ALA B 73 2.82 31.24 -36.15
C ALA B 73 2.27 30.57 -37.40
N LYS B 74 3.12 29.80 -38.10
CA LYS B 74 2.68 29.05 -39.29
C LYS B 74 1.90 27.78 -38.91
N ALA B 75 2.33 27.11 -37.85
CA ALA B 75 1.61 25.95 -37.37
C ALA B 75 0.18 26.28 -36.88
N SER B 76 -0.07 27.53 -36.47
CA SER B 76 -1.42 27.97 -36.06
C SER B 76 -2.41 28.08 -37.22
N THR B 77 -1.88 28.20 -38.45
CA THR B 77 -2.72 28.25 -39.64
C THR B 77 -3.21 26.85 -40.06
N VAL B 78 -2.73 25.82 -39.39
CA VAL B 78 -3.00 24.43 -39.78
C VAL B 78 -4.12 23.77 -38.98
N LYS B 79 -4.95 23.00 -39.67
CA LYS B 79 -5.96 22.20 -39.02
C LYS B 79 -5.73 20.72 -39.32
N ALA B 80 -5.75 19.91 -38.27
CA ALA B 80 -5.51 18.48 -38.41
C ALA B 80 -6.61 17.75 -37.69
N LYS B 81 -6.87 16.53 -38.12
CA LYS B 81 -8.03 15.80 -37.68
C LYS B 81 -7.59 14.47 -37.14
N LEU B 82 -8.39 13.95 -36.20
CA LEU B 82 -8.29 12.58 -35.68
C LEU B 82 -8.41 11.58 -36.83
N LEU B 83 -7.70 10.49 -36.72
CA LEU B 83 -7.93 9.37 -37.61
C LEU B 83 -8.85 8.41 -36.89
N SER B 84 -9.82 7.87 -37.62
CA SER B 84 -10.66 6.81 -37.08
C SER B 84 -9.80 5.57 -36.83
N VAL B 85 -10.30 4.69 -35.97
CA VAL B 85 -9.67 3.40 -35.67
C VAL B 85 -9.45 2.64 -36.98
N GLU B 86 -10.54 2.51 -37.74
CA GLU B 86 -10.53 1.80 -39.02
C GLU B 86 -9.46 2.38 -39.93
N GLU B 87 -9.40 3.71 -40.00
CA GLU B 87 -8.44 4.41 -40.83
C GLU B 87 -7.05 4.08 -40.32
N ALA B 88 -6.84 4.23 -39.02
CA ALA B 88 -5.51 4.03 -38.44
C ALA B 88 -5.04 2.59 -38.60
N CYS B 89 -5.96 1.64 -38.40
CA CYS B 89 -5.68 0.21 -38.56
C CYS B 89 -5.29 -0.18 -39.98
N LYS B 90 -5.82 0.54 -40.95
CA LYS B 90 -5.50 0.25 -42.36
C LYS B 90 -4.05 0.65 -42.70
N LEU B 91 -3.51 1.65 -41.99
CA LEU B 91 -2.13 2.08 -42.18
C LEU B 91 -1.06 1.15 -41.59
N THR B 92 -1.48 0.10 -40.88
CA THR B 92 -0.53 -0.81 -40.22
C THR B 92 0.06 -1.83 -41.25
N PRO B 93 1.39 -1.92 -41.39
CA PRO B 93 1.95 -2.98 -42.22
C PRO B 93 1.56 -4.40 -41.77
N PRO B 94 1.24 -5.31 -42.74
CA PRO B 94 0.81 -6.67 -42.44
C PRO B 94 1.79 -7.44 -41.60
N HIS B 95 3.09 -7.15 -41.75
CA HIS B 95 4.09 -7.86 -40.95
C HIS B 95 4.68 -7.01 -39.83
N SER B 96 3.87 -6.08 -39.33
CA SER B 96 4.27 -5.23 -38.23
C SER B 96 4.30 -6.10 -37.01
N ALA B 97 5.25 -5.84 -36.11
CA ALA B 97 5.38 -6.59 -34.87
C ALA B 97 4.07 -6.66 -34.14
N LYS B 98 3.76 -7.87 -33.67
CA LYS B 98 2.55 -8.17 -32.93
C LYS B 98 2.54 -7.49 -31.56
N SER B 99 1.34 -7.33 -31.03
CA SER B 99 1.14 -6.82 -29.69
C SER B 99 1.54 -7.88 -28.70
N LYS B 100 1.96 -7.45 -27.52
CA LYS B 100 2.13 -8.40 -26.43
C LYS B 100 0.83 -8.66 -25.67
N PHE B 101 -0.29 -8.08 -26.10
CA PHE B 101 -1.58 -8.41 -25.49
C PHE B 101 -2.45 -9.26 -26.44
N GLY B 102 -1.84 -10.24 -27.06
CA GLY B 102 -2.59 -11.27 -27.79
C GLY B 102 -3.31 -10.85 -29.07
N TYR B 103 -2.59 -10.17 -29.96
CA TYR B 103 -3.07 -9.93 -31.32
C TYR B 103 -1.93 -9.36 -32.15
N GLY B 104 -2.04 -9.53 -33.46
CA GLY B 104 -1.04 -9.02 -34.38
C GLY B 104 -1.65 -8.00 -35.32
N ALA B 105 -0.83 -7.57 -36.24
CA ALA B 105 -1.20 -6.55 -37.20
C ALA B 105 -2.23 -7.09 -38.19
N LYS B 106 -2.22 -8.41 -38.37
CA LYS B 106 -3.21 -9.11 -39.18
C LYS B 106 -4.60 -8.85 -38.56
N ASP B 107 -4.68 -9.02 -37.24
CA ASP B 107 -5.90 -8.70 -36.46
C ASP B 107 -6.26 -7.22 -36.57
N VAL B 108 -5.26 -6.37 -36.43
CA VAL B 108 -5.48 -4.94 -36.57
C VAL B 108 -6.00 -4.61 -37.94
N ARG B 109 -5.35 -5.08 -38.99
CA ARG B 109 -5.84 -4.86 -40.36
C ARG B 109 -7.28 -5.39 -40.60
N ASN B 110 -7.64 -6.47 -39.91
CA ASN B 110 -8.99 -7.04 -40.02
C ASN B 110 -10.03 -6.47 -39.11
N LEU B 111 -9.71 -5.38 -38.42
CA LEU B 111 -10.63 -4.81 -37.44
C LEU B 111 -11.21 -5.83 -36.44
N SER B 112 -10.42 -6.83 -36.06
CA SER B 112 -10.89 -7.74 -35.00
C SER B 112 -11.24 -6.92 -33.73
N SER B 113 -12.45 -7.08 -33.23
CA SER B 113 -12.90 -6.43 -32.02
C SER B 113 -11.98 -6.59 -30.79
N LYS B 114 -11.25 -7.69 -30.71
CA LYS B 114 -10.27 -7.83 -29.66
C LYS B 114 -9.17 -6.78 -29.75
N ALA B 115 -8.57 -6.63 -30.93
CA ALA B 115 -7.56 -5.60 -31.18
C ALA B 115 -8.18 -4.22 -30.97
N VAL B 116 -9.35 -3.99 -31.55
CA VAL B 116 -9.99 -2.69 -31.49
C VAL B 116 -10.36 -2.31 -30.06
N ASN B 117 -10.85 -3.30 -29.30
CA ASN B 117 -11.11 -3.08 -27.88
C ASN B 117 -9.83 -2.78 -27.13
N HIS B 118 -8.73 -3.46 -27.46
CA HIS B 118 -7.45 -3.14 -26.83
C HIS B 118 -6.96 -1.76 -27.25
N ILE B 119 -7.12 -1.42 -28.52
CA ILE B 119 -6.73 -0.10 -28.96
C ILE B 119 -7.52 0.96 -28.20
N HIS B 120 -8.86 0.85 -28.11
CA HIS B 120 -9.69 1.77 -27.28
C HIS B 120 -9.11 1.87 -25.84
N SER B 121 -8.76 0.71 -25.27
CA SER B 121 -8.36 0.71 -23.87
C SER B 121 -7.04 1.48 -23.64
N VAL B 122 -6.12 1.39 -24.61
CA VAL B 122 -4.87 2.13 -24.61
C VAL B 122 -5.15 3.62 -24.82
N TRP B 123 -6.12 3.94 -25.68
CA TRP B 123 -6.54 5.34 -25.91
C TRP B 123 -7.12 6.01 -24.67
N LYS B 124 -8.05 5.31 -24.01
CA LYS B 124 -8.70 5.80 -22.80
C LYS B 124 -7.65 6.09 -21.76
N ASP B 125 -6.64 5.24 -21.70
CA ASP B 125 -5.64 5.33 -20.68
C ASP B 125 -4.77 6.54 -20.96
N LEU B 126 -4.60 6.87 -22.25
CA LEU B 126 -3.79 8.03 -22.65
C LEU B 126 -4.49 9.32 -22.21
N LEU B 127 -5.81 9.35 -22.39
CA LEU B 127 -6.63 10.49 -21.96
C LEU B 127 -6.59 10.71 -20.44
N GLU B 128 -6.46 9.64 -19.66
CA GLU B 128 -6.48 9.70 -18.18
C GLU B 128 -5.12 9.95 -17.53
N ASP B 129 -4.04 9.70 -18.26
CA ASP B 129 -2.72 9.60 -17.66
C ASP B 129 -1.66 10.20 -18.57
N THR B 130 -1.07 11.32 -18.11
CA THR B 130 -0.16 12.10 -18.91
C THR B 130 1.26 11.99 -18.40
N VAL B 131 1.56 11.00 -17.58
CA VAL B 131 2.86 10.93 -16.89
C VAL B 131 3.52 9.56 -16.86
N THR B 132 2.73 8.48 -16.80
CA THR B 132 3.33 7.18 -16.57
C THR B 132 4.11 6.78 -17.81
N PRO B 133 5.45 6.62 -17.69
CA PRO B 133 6.27 6.23 -18.83
C PRO B 133 5.77 4.95 -19.49
N ILE B 134 5.85 4.89 -20.81
CA ILE B 134 5.28 3.79 -21.52
C ILE B 134 6.37 2.86 -21.99
N ASP B 135 6.12 1.56 -21.84
CA ASP B 135 7.12 0.62 -22.21
C ASP B 135 7.50 0.69 -23.70
N THR B 136 8.79 0.47 -23.95
CA THR B 136 9.34 0.36 -25.30
C THR B 136 10.23 -0.86 -25.32
N THR B 137 10.46 -1.35 -26.53
CA THR B 137 11.30 -2.52 -26.81
C THR B 137 12.56 -2.03 -27.48
N ILE B 138 13.71 -2.58 -27.13
CA ILE B 138 14.94 -2.10 -27.74
C ILE B 138 15.54 -3.23 -28.54
N MET B 139 15.95 -2.91 -29.77
CA MET B 139 16.43 -3.91 -30.71
C MET B 139 17.56 -3.36 -31.57
N ALA B 140 18.46 -4.25 -31.98
CA ALA B 140 19.59 -3.92 -32.82
C ALA B 140 19.21 -4.15 -34.27
N LYS B 141 19.49 -3.17 -35.14
CA LYS B 141 19.17 -3.27 -36.56
C LYS B 141 20.14 -4.16 -37.32
N ASN B 142 19.59 -5.04 -38.15
CA ASN B 142 20.37 -5.79 -39.16
C ASN B 142 20.28 -5.08 -40.50
N GLU B 143 21.32 -4.32 -40.82
CA GLU B 143 21.42 -3.64 -42.11
C GLU B 143 22.75 -4.02 -42.72
N VAL B 144 22.83 -4.01 -44.05
CA VAL B 144 24.03 -4.46 -44.77
C VAL B 144 24.89 -3.28 -45.18
N PHE B 145 26.20 -3.49 -45.19
CA PHE B 145 27.18 -2.49 -45.64
C PHE B 145 28.37 -3.14 -46.38
N CYS B 146 29.23 -2.29 -46.96
CA CYS B 146 30.56 -2.68 -47.42
C CYS B 146 31.63 -2.12 -46.48
N VAL B 147 32.75 -2.83 -46.41
CA VAL B 147 33.86 -2.49 -45.52
C VAL B 147 34.52 -1.15 -45.93
N GLN B 148 35.02 -0.40 -44.94
CA GLN B 148 35.63 0.93 -45.17
C GLN B 148 34.70 1.85 -45.97
N ARG B 154 34.34 -0.96 -39.31
CA ARG B 154 33.00 -1.55 -39.33
C ARG B 154 32.00 -0.75 -38.50
N LYS B 155 30.82 -0.51 -39.04
CA LYS B 155 29.76 0.23 -38.34
C LYS B 155 29.04 -0.69 -37.36
N PRO B 156 28.94 -0.28 -36.09
CA PRO B 156 28.07 -1.05 -35.21
C PRO B 156 26.59 -0.79 -35.54
N ALA B 157 25.77 -1.80 -35.26
CA ALA B 157 24.33 -1.74 -35.50
C ALA B 157 23.69 -0.52 -34.86
N ARG B 158 22.75 0.07 -35.56
CA ARG B 158 21.95 1.13 -34.97
C ARG B 158 20.99 0.46 -33.99
N LEU B 159 20.63 1.17 -32.93
CA LEU B 159 19.61 0.71 -31.97
C LEU B 159 18.27 1.24 -32.40
N ILE B 160 17.29 0.35 -32.62
CA ILE B 160 15.92 0.79 -32.89
C ILE B 160 15.17 0.63 -31.57
N VAL B 161 14.32 1.61 -31.25
CA VAL B 161 13.50 1.60 -30.03
C VAL B 161 12.07 1.91 -30.44
N PHE B 162 11.10 1.14 -29.91
CA PHE B 162 9.70 1.29 -30.32
C PHE B 162 8.68 0.73 -29.32
N PRO B 163 7.44 1.26 -29.32
CA PRO B 163 6.40 0.82 -28.41
C PRO B 163 5.56 -0.36 -28.95
N ASP B 164 4.64 -0.85 -28.13
CA ASP B 164 3.72 -1.91 -28.50
C ASP B 164 2.66 -1.50 -29.54
N LEU B 165 2.15 -2.50 -30.26
CA LEU B 165 1.24 -2.29 -31.40
C LEU B 165 0.00 -1.40 -31.08
N GLY B 166 -0.61 -1.64 -29.93
CA GLY B 166 -1.78 -0.86 -29.55
C GLY B 166 -1.39 0.60 -29.56
N VAL B 167 -0.22 0.89 -29.00
CA VAL B 167 0.26 2.25 -28.89
C VAL B 167 0.50 2.83 -30.28
N ARG B 168 1.24 2.10 -31.11
CA ARG B 168 1.48 2.58 -32.48
C ARG B 168 0.15 2.92 -33.16
N VAL B 169 -0.88 2.09 -33.01
CA VAL B 169 -2.16 2.40 -33.66
C VAL B 169 -2.76 3.70 -33.12
N CYS B 170 -2.57 3.95 -31.83
CA CYS B 170 -3.07 5.20 -31.23
C CYS B 170 -2.30 6.41 -31.72
N GLU B 171 -0.99 6.23 -31.97
CA GLU B 171 -0.12 7.29 -32.50
C GLU B 171 -0.61 7.77 -33.84
N LYS B 172 -1.05 6.82 -34.65
CA LYS B 172 -1.70 7.12 -35.91
C LYS B 172 -2.98 7.95 -35.69
N MET B 173 -3.85 7.53 -34.78
CA MET B 173 -5.10 8.27 -34.55
C MET B 173 -4.85 9.76 -34.20
N ALA B 174 -3.84 9.99 -33.36
CA ALA B 174 -3.56 11.32 -32.84
C ALA B 174 -2.72 12.18 -33.76
N LEU B 175 -1.77 11.56 -34.45
CA LEU B 175 -0.72 12.34 -35.09
C LEU B 175 -0.48 12.07 -36.57
N TYR B 176 -1.05 11.02 -37.17
CA TYR B 176 -0.83 10.78 -38.61
C TYR B 176 -1.08 12.02 -39.46
N ASP B 177 -2.29 12.56 -39.40
CA ASP B 177 -2.61 13.75 -40.15
C ASP B 177 -1.65 14.88 -39.83
N VAL B 178 -1.35 15.09 -38.55
CA VAL B 178 -0.44 16.16 -38.16
C VAL B 178 0.93 16.00 -38.81
N VAL B 179 1.55 14.83 -38.68
CA VAL B 179 2.90 14.62 -39.23
C VAL B 179 2.89 14.60 -40.77
N SER B 180 1.75 14.28 -41.34
CA SER B 180 1.62 14.31 -42.80
C SER B 180 1.51 15.76 -43.39
N THR B 181 1.08 16.72 -42.58
CA THR B 181 0.59 18.01 -43.05
C THR B 181 1.31 19.22 -42.49
N LEU B 182 1.71 19.14 -41.21
CA LEU B 182 2.35 20.25 -40.50
C LEU B 182 3.76 20.62 -40.99
N PRO B 183 4.67 19.65 -41.07
CA PRO B 183 6.04 20.02 -41.45
C PRO B 183 6.05 20.86 -42.71
N GLN B 184 5.33 20.41 -43.72
CA GLN B 184 5.23 21.05 -45.04
C GLN B 184 4.85 22.54 -44.92
N VAL B 185 3.81 22.86 -44.15
CA VAL B 185 3.38 24.26 -43.96
C VAL B 185 4.33 25.09 -43.13
N VAL B 186 4.92 24.46 -42.11
CA VAL B 186 5.77 25.20 -41.20
C VAL B 186 7.01 25.57 -41.95
N MET B 187 7.69 24.55 -42.44
CA MET B 187 9.02 24.73 -43.02
C MET B 187 9.00 25.12 -44.49
N GLY B 188 7.83 25.13 -45.12
CA GLY B 188 7.74 25.54 -46.51
C GLY B 188 8.70 24.74 -47.38
N SER B 189 9.44 25.42 -48.25
CA SER B 189 10.20 24.73 -49.30
C SER B 189 11.38 23.94 -48.73
N SER B 190 11.76 24.26 -47.50
CA SER B 190 12.83 23.54 -46.83
C SER B 190 12.45 22.12 -46.45
N TYR B 191 11.17 21.77 -46.45
CA TYR B 191 10.78 20.43 -46.02
C TYR B 191 11.09 19.47 -47.12
N GLY B 192 12.04 18.58 -46.88
CA GLY B 192 12.60 17.75 -47.94
C GLY B 192 11.75 16.62 -48.51
N PHE B 193 10.92 16.02 -47.65
CA PHE B 193 10.10 14.85 -48.03
C PHE B 193 8.89 15.17 -48.93
N GLN B 194 8.65 16.45 -49.20
CA GLN B 194 7.68 16.88 -50.22
C GLN B 194 8.18 16.65 -51.65
N TYR B 195 9.45 16.32 -51.85
CA TYR B 195 10.03 16.20 -53.22
C TYR B 195 10.26 14.77 -53.74
N SER B 196 9.84 14.53 -54.98
CA SER B 196 10.33 13.41 -55.75
C SER B 196 11.81 13.62 -55.92
N PRO B 197 12.50 12.64 -56.46
CA PRO B 197 13.96 12.86 -56.57
C PRO B 197 14.32 13.84 -57.68
N GLY B 198 13.54 13.83 -58.77
CA GLY B 198 13.65 14.87 -59.81
C GLY B 198 13.28 16.28 -59.36
N GLN B 199 12.27 16.37 -58.48
CA GLN B 199 11.90 17.63 -57.85
C GLN B 199 13.00 18.16 -56.90
N ARG B 200 13.74 17.25 -56.27
CA ARG B 200 14.78 17.64 -55.32
C ARG B 200 16.02 18.13 -56.05
N VAL B 201 16.29 17.55 -57.20
CA VAL B 201 17.39 18.00 -58.02
C VAL B 201 17.07 19.39 -58.56
N GLU B 202 15.85 19.57 -59.09
CA GLU B 202 15.41 20.86 -59.56
C GLU B 202 15.51 21.92 -58.49
N PHE B 203 15.05 21.62 -57.27
CA PHE B 203 15.10 22.60 -56.21
C PHE B 203 16.55 22.98 -55.90
N LEU B 204 17.39 22.01 -55.56
CA LEU B 204 18.78 22.32 -55.27
C LEU B 204 19.47 23.07 -56.39
N VAL B 205 19.15 22.75 -57.64
CA VAL B 205 19.86 23.31 -58.80
C VAL B 205 19.41 24.75 -58.98
N ASN B 206 18.10 24.97 -58.94
CA ASN B 206 17.58 26.34 -59.06
C ASN B 206 17.99 27.21 -57.91
N THR B 207 18.05 26.69 -56.67
CA THR B 207 18.47 27.58 -55.62
C THR B 207 19.96 27.89 -55.78
N TRP B 208 20.72 26.97 -56.35
CA TRP B 208 22.13 27.22 -56.56
C TRP B 208 22.33 28.29 -57.61
N LYS B 209 21.62 28.14 -58.72
CA LYS B 209 21.75 29.11 -59.79
C LYS B 209 21.19 30.47 -59.39
N SER B 210 20.35 30.51 -58.37
CA SER B 210 19.70 31.76 -58.00
C SER B 210 20.59 32.65 -57.19
N LYS B 211 21.59 32.08 -56.56
CA LYS B 211 22.52 32.89 -55.82
C LYS B 211 23.43 33.60 -56.80
N LYS B 212 23.83 34.81 -56.43
CA LYS B 212 24.81 35.62 -57.18
C LYS B 212 26.12 34.89 -57.20
N ASN B 213 26.54 34.45 -56.02
CA ASN B 213 27.80 33.74 -55.83
C ASN B 213 27.72 32.61 -54.81
N PRO B 214 27.36 31.40 -55.27
CA PRO B 214 26.84 30.42 -54.32
C PRO B 214 27.89 29.66 -53.51
N MET B 215 27.51 29.27 -52.30
CA MET B 215 28.27 28.37 -51.48
C MET B 215 27.30 27.49 -50.75
N GLY B 216 27.68 26.22 -50.55
CA GLY B 216 26.83 25.29 -49.80
C GLY B 216 27.63 24.39 -48.88
N PHE B 217 26.95 23.78 -47.90
CA PHE B 217 27.53 22.75 -47.07
C PHE B 217 26.44 21.83 -46.55
N SER B 218 26.79 20.57 -46.32
CA SER B 218 25.95 19.67 -45.52
C SER B 218 26.45 19.74 -44.10
N TYR B 219 25.64 19.23 -43.19
CA TYR B 219 25.96 19.22 -41.77
C TYR B 219 25.50 17.91 -41.17
N ASP B 220 26.49 17.11 -40.80
CA ASP B 220 26.31 15.81 -40.17
C ASP B 220 26.29 16.01 -38.65
N THR B 221 25.17 15.71 -38.01
CA THR B 221 25.09 15.79 -36.55
C THR B 221 25.48 14.44 -36.00
N ARG B 222 26.25 14.46 -34.91
CA ARG B 222 26.72 13.24 -34.26
C ARG B 222 25.53 12.60 -33.57
N CYS B 223 25.09 11.46 -34.11
CA CYS B 223 23.99 10.66 -33.56
C CYS B 223 22.86 11.56 -33.12
N PHE B 224 22.18 12.15 -34.10
CA PHE B 224 21.19 13.22 -33.88
C PHE B 224 20.15 12.81 -32.84
N ASP B 225 19.70 11.56 -32.93
CA ASP B 225 18.72 11.05 -32.00
C ASP B 225 19.18 11.17 -30.55
N SER B 226 20.46 10.94 -30.27
CA SER B 226 20.97 11.10 -28.91
C SER B 226 21.02 12.54 -28.40
N THR B 227 21.18 13.49 -29.32
CA THR B 227 21.35 14.88 -28.96
C THR B 227 20.00 15.55 -28.83
N VAL B 228 18.94 14.90 -29.32
CA VAL B 228 17.60 15.43 -29.14
C VAL B 228 17.22 15.36 -27.65
N THR B 229 17.06 16.51 -27.03
CA THR B 229 16.79 16.56 -25.62
C THR B 229 15.32 16.48 -25.37
N GLU B 230 14.97 16.08 -24.15
CA GLU B 230 13.59 16.13 -23.68
C GLU B 230 12.95 17.50 -23.96
N ASN B 231 13.68 18.59 -23.71
CA ASN B 231 13.15 19.91 -24.03
C ASN B 231 12.76 20.02 -25.50
N ASP B 232 13.65 19.59 -26.39
CA ASP B 232 13.40 19.64 -27.83
C ASP B 232 12.07 19.00 -28.13
N ILE B 233 11.85 17.85 -27.50
CA ILE B 233 10.66 17.04 -27.77
C ILE B 233 9.40 17.66 -27.22
N ARG B 234 9.48 18.30 -26.05
CA ARG B 234 8.37 19.10 -25.51
C ARG B 234 8.07 20.36 -26.31
N VAL B 235 9.08 20.94 -26.94
CA VAL B 235 8.89 22.14 -27.74
C VAL B 235 8.22 21.73 -29.04
N GLU B 236 8.82 20.74 -29.69
CA GLU B 236 8.15 20.04 -30.77
C GLU B 236 6.65 19.90 -30.43
N GLU B 237 6.31 19.36 -29.25
CA GLU B 237 4.91 19.23 -28.82
C GLU B 237 4.16 20.56 -28.72
N SER B 238 4.80 21.58 -28.18
CA SER B 238 4.13 22.86 -28.07
C SER B 238 3.77 23.36 -29.49
N ILE B 239 4.62 23.03 -30.46
CA ILE B 239 4.32 23.36 -31.86
C ILE B 239 3.07 22.66 -32.38
N TYR B 240 2.89 21.37 -32.09
CA TYR B 240 1.71 20.64 -32.60
C TYR B 240 0.43 21.27 -32.04
N GLN B 241 0.47 21.56 -30.74
CA GLN B 241 -0.68 22.13 -30.04
C GLN B 241 -1.18 23.47 -30.60
N CYS B 242 -0.34 24.24 -31.29
CA CYS B 242 -0.81 25.41 -32.05
C CYS B 242 -1.88 25.07 -33.06
N CYS B 243 -1.77 23.93 -33.72
CA CYS B 243 -2.75 23.53 -34.72
C CYS B 243 -4.16 23.53 -34.15
N ASP B 244 -5.14 23.65 -35.03
CA ASP B 244 -6.54 23.46 -34.67
C ASP B 244 -6.83 21.95 -34.64
N LEU B 245 -6.90 21.41 -33.42
CA LEU B 245 -6.96 19.99 -33.14
C LEU B 245 -8.18 19.62 -32.28
N ALA B 246 -8.75 18.45 -32.52
CA ALA B 246 -9.90 17.97 -31.72
C ALA B 246 -9.55 17.80 -30.23
N PRO B 247 -10.51 18.02 -29.33
CA PRO B 247 -10.20 17.99 -27.87
C PRO B 247 -9.46 16.73 -27.39
N GLU B 248 -9.88 15.60 -27.92
CA GLU B 248 -9.36 14.30 -27.51
C GLU B 248 -8.02 13.98 -28.16
N ALA B 249 -7.70 14.64 -29.26
CA ALA B 249 -6.38 14.51 -29.87
C ALA B 249 -5.35 15.25 -29.01
N ARG B 250 -5.68 16.47 -28.60
CA ARG B 250 -4.77 17.27 -27.78
C ARG B 250 -4.27 16.50 -26.58
N GLN B 251 -5.18 15.82 -25.90
CA GLN B 251 -4.77 15.17 -24.68
C GLN B 251 -3.92 13.95 -25.00
N ALA B 252 -4.27 13.26 -26.09
CA ALA B 252 -3.49 12.10 -26.53
C ALA B 252 -2.10 12.52 -26.97
N ILE B 253 -1.98 13.70 -27.58
CA ILE B 253 -0.69 14.21 -27.99
C ILE B 253 0.16 14.54 -26.79
N LYS B 254 -0.35 15.27 -25.80
CA LYS B 254 0.49 15.56 -24.64
C LYS B 254 0.89 14.29 -23.92
N SER B 255 -0.06 13.38 -23.70
CA SER B 255 0.23 12.11 -23.01
C SER B 255 1.29 11.30 -23.74
N LEU B 256 1.20 11.30 -25.05
CA LEU B 256 2.14 10.54 -25.85
C LEU B 256 3.52 11.16 -25.71
N THR B 257 3.61 12.50 -25.75
CA THR B 257 4.95 13.04 -25.72
C THR B 257 5.56 12.86 -24.32
N GLU B 258 4.78 13.02 -23.25
CA GLU B 258 5.35 12.94 -21.89
C GLU B 258 5.63 11.51 -21.44
N ARG B 259 4.92 10.54 -21.99
CA ARG B 259 5.04 9.15 -21.56
C ARG B 259 5.89 8.29 -22.50
N LEU B 260 6.16 8.79 -23.71
CA LEU B 260 6.84 8.02 -24.74
C LEU B 260 7.84 8.83 -25.56
N TYR B 261 7.41 9.94 -26.15
CA TYR B 261 8.35 10.64 -27.02
C TYR B 261 9.55 11.19 -26.21
N ILE B 262 9.26 11.68 -24.99
CA ILE B 262 10.25 12.25 -24.06
C ILE B 262 11.28 11.23 -23.61
N GLY B 263 10.81 10.00 -23.42
CA GLY B 263 11.66 8.95 -22.93
C GLY B 263 10.84 7.88 -22.27
N GLY B 264 11.52 6.90 -21.70
CA GLY B 264 10.87 5.83 -20.92
C GLY B 264 11.74 4.60 -20.85
N PRO B 265 11.21 3.52 -20.29
CA PRO B 265 12.07 2.38 -20.05
C PRO B 265 12.26 1.53 -21.31
N LEU B 266 13.43 0.88 -21.39
CA LEU B 266 13.83 0.04 -22.54
C LEU B 266 13.82 -1.42 -22.12
N THR B 267 13.20 -2.29 -22.92
CA THR B 267 13.05 -3.69 -22.56
C THR B 267 13.50 -4.52 -23.72
N ASN B 268 14.55 -5.31 -23.57
CA ASN B 268 14.97 -6.21 -24.66
C ASN B 268 13.92 -7.30 -24.99
N SER B 269 14.19 -8.10 -26.03
CA SER B 269 13.26 -9.13 -26.52
C SER B 269 12.93 -10.19 -25.47
N LYS B 270 13.88 -10.42 -24.55
CA LYS B 270 13.69 -11.37 -23.45
C LYS B 270 12.85 -10.85 -22.28
N GLY B 271 12.20 -9.69 -22.45
CA GLY B 271 11.45 -9.08 -21.38
C GLY B 271 12.26 -8.44 -20.24
N GLN B 272 13.58 -8.34 -20.36
CA GLN B 272 14.38 -7.80 -19.26
C GLN B 272 14.51 -6.28 -19.37
N ASN B 273 14.66 -5.60 -18.24
CA ASN B 273 14.88 -4.17 -18.27
C ASN B 273 16.34 -3.82 -18.60
N CYS B 274 16.54 -3.01 -19.64
CA CYS B 274 17.86 -2.69 -20.20
C CYS B 274 18.46 -1.40 -19.73
N GLY B 275 17.63 -0.39 -19.56
CA GLY B 275 18.09 0.95 -19.25
C GLY B 275 16.95 1.96 -19.38
N TYR B 276 17.32 3.22 -19.63
CA TYR B 276 16.33 4.32 -19.71
C TYR B 276 16.73 5.37 -20.73
N ARG B 277 15.77 5.70 -21.58
CA ARG B 277 15.98 6.60 -22.71
C ARG B 277 15.44 7.96 -22.34
N ARG B 278 16.29 8.98 -22.47
CA ARG B 278 15.90 10.40 -22.35
C ARG B 278 16.25 11.18 -23.61
N CYS B 279 16.11 10.52 -24.76
CA CYS B 279 16.29 11.16 -26.08
C CYS B 279 15.27 10.61 -27.10
N ARG B 280 15.44 10.99 -28.35
CA ARG B 280 14.62 10.54 -29.47
C ARG B 280 14.57 9.04 -29.70
N ALA B 281 13.38 8.50 -29.87
CA ALA B 281 13.21 7.09 -30.22
C ALA B 281 13.08 7.01 -31.74
N SER B 282 13.79 6.08 -32.35
CA SER B 282 13.75 5.91 -33.79
C SER B 282 12.38 5.38 -34.24
N GLY B 283 11.81 4.42 -33.51
CA GLY B 283 10.59 3.71 -33.96
C GLY B 283 9.20 4.20 -33.54
N VAL B 284 9.01 5.50 -33.42
CA VAL B 284 7.69 6.06 -33.12
C VAL B 284 7.25 6.87 -34.33
N LEU B 285 6.01 7.33 -34.34
CA LEU B 285 5.49 8.04 -35.51
C LEU B 285 6.11 9.42 -35.70
N THR B 286 6.50 10.05 -34.61
CA THR B 286 6.85 11.46 -34.64
C THR B 286 8.35 11.72 -34.84
N THR B 287 9.13 10.70 -35.12
CA THR B 287 10.57 10.82 -35.28
C THR B 287 11.00 11.53 -36.53
N SER B 288 10.37 11.27 -37.66
CA SER B 288 10.74 11.90 -38.90
C SER B 288 10.39 13.37 -38.83
N CYS B 289 9.14 13.66 -38.49
CA CYS B 289 8.64 15.04 -38.44
C CYS B 289 9.31 15.79 -37.31
N GLY B 290 9.32 15.19 -36.15
CA GLY B 290 10.03 15.74 -35.02
C GLY B 290 11.44 16.16 -35.34
N ASN B 291 12.19 15.27 -35.96
CA ASN B 291 13.61 15.54 -36.14
C ASN B 291 13.82 16.62 -37.15
N THR B 292 13.00 16.60 -38.20
CA THR B 292 13.03 17.59 -39.25
C THR B 292 12.76 19.00 -38.69
N LEU B 293 11.73 19.12 -37.84
CA LEU B 293 11.45 20.37 -37.15
C LEU B 293 12.63 20.77 -36.31
N THR B 294 13.04 19.87 -35.42
CA THR B 294 14.13 20.18 -34.49
C THR B 294 15.41 20.64 -35.23
N CYS B 295 15.81 19.88 -36.24
CA CYS B 295 16.98 20.18 -37.08
C CYS B 295 16.82 21.50 -37.82
N TYR B 296 15.64 21.69 -38.41
CA TYR B 296 15.32 22.96 -39.08
C TYR B 296 15.40 24.10 -38.08
N LEU B 297 14.75 23.94 -36.94
CA LEU B 297 14.75 24.97 -35.91
C LEU B 297 16.19 25.35 -35.51
N LYS B 298 17.03 24.34 -35.28
CA LYS B 298 18.38 24.59 -34.78
C LYS B 298 19.25 25.22 -35.84
N ALA B 299 19.15 24.69 -37.04
CA ALA B 299 19.92 25.22 -38.17
C ALA B 299 19.53 26.65 -38.59
N SER B 300 18.25 27.01 -38.48
CA SER B 300 17.80 28.35 -38.91
C SER B 300 18.39 29.39 -37.99
N ALA B 301 18.39 29.11 -36.69
CA ALA B 301 19.01 29.99 -35.70
C ALA B 301 20.54 30.06 -35.87
N ALA B 302 21.17 28.92 -36.18
CA ALA B 302 22.63 28.92 -36.40
C ALA B 302 22.92 29.70 -37.66
N CYS B 303 22.08 29.53 -38.68
CA CYS B 303 22.23 30.36 -39.87
C CYS B 303 22.32 31.82 -39.45
N ARG B 304 21.42 32.20 -38.55
CA ARG B 304 21.43 33.54 -37.94
C ARG B 304 22.66 33.89 -37.07
N ALA B 305 23.00 33.08 -36.09
CA ALA B 305 24.24 33.28 -35.34
C ALA B 305 25.48 33.48 -36.25
N ALA B 306 25.56 32.74 -37.36
CA ALA B 306 26.71 32.74 -38.26
C ALA B 306 26.65 33.85 -39.29
N LYS B 307 25.43 34.36 -39.51
CA LYS B 307 25.17 35.56 -40.30
C LYS B 307 25.33 35.32 -41.78
N LEU B 308 25.10 34.06 -42.19
CA LEU B 308 25.04 33.67 -43.60
C LEU B 308 23.95 34.46 -44.31
N GLN B 309 24.19 34.87 -45.54
CA GLN B 309 23.25 35.74 -46.24
C GLN B 309 22.42 34.97 -47.25
N ASP B 310 21.13 35.25 -47.31
CA ASP B 310 20.23 34.58 -48.26
C ASP B 310 20.38 33.04 -48.18
N CYS B 311 20.05 32.52 -47.00
CA CYS B 311 20.13 31.09 -46.68
C CYS B 311 18.92 30.30 -47.14
N THR B 312 19.15 29.28 -47.95
CA THR B 312 18.10 28.34 -48.34
C THR B 312 18.45 26.98 -47.80
N MET B 313 17.67 26.51 -46.83
CA MET B 313 17.92 25.20 -46.22
C MET B 313 17.09 24.07 -46.82
N LEU B 314 17.63 22.86 -46.76
CA LEU B 314 16.88 21.69 -47.17
C LEU B 314 17.07 20.67 -46.10
N VAL B 315 15.98 20.19 -45.50
CA VAL B 315 16.05 19.32 -44.33
C VAL B 315 15.24 18.04 -44.51
N ASN B 316 15.87 16.90 -44.21
CA ASN B 316 15.19 15.59 -44.10
C ASN B 316 15.54 14.90 -42.77
N GLY B 317 14.74 15.11 -41.73
CA GLY B 317 15.11 14.61 -40.42
C GLY B 317 16.47 15.13 -40.00
N ASP B 318 17.44 14.24 -39.77
CA ASP B 318 18.76 14.71 -39.28
C ASP B 318 19.70 15.30 -40.36
N ASP B 319 19.35 15.13 -41.62
CA ASP B 319 20.22 15.48 -42.74
C ASP B 319 19.91 16.89 -43.20
N LEU B 320 20.92 17.73 -43.30
CA LEU B 320 20.72 19.15 -43.55
C LEU B 320 21.64 19.66 -44.64
N VAL B 321 21.09 20.41 -45.60
CA VAL B 321 21.92 21.20 -46.53
C VAL B 321 21.60 22.67 -46.43
N VAL B 322 22.63 23.50 -46.36
CA VAL B 322 22.44 24.95 -46.48
C VAL B 322 23.13 25.43 -47.75
N ILE B 323 22.45 26.29 -48.50
CA ILE B 323 22.98 26.94 -49.71
C ILE B 323 22.81 28.45 -49.51
N CYS B 324 23.91 29.17 -49.57
CA CYS B 324 23.83 30.59 -49.33
C CYS B 324 24.66 31.43 -50.31
N GLU B 325 24.68 32.74 -50.07
CA GLU B 325 25.55 33.69 -50.78
C GLU B 325 26.90 33.72 -50.10
N SER B 326 27.95 33.39 -50.85
CA SER B 326 29.32 33.41 -50.31
C SER B 326 29.81 34.80 -49.96
N ALA B 327 30.61 34.94 -48.92
CA ALA B 327 31.20 36.26 -48.61
C ALA B 327 32.70 36.32 -48.88
N GLY B 328 33.23 35.37 -49.66
CA GLY B 328 34.68 35.13 -49.80
C GLY B 328 35.06 33.83 -49.10
N THR B 329 36.10 33.14 -49.60
CA THR B 329 36.47 31.78 -49.13
C THR B 329 36.83 31.72 -47.67
N GLN B 330 37.53 32.75 -47.21
CA GLN B 330 38.01 32.83 -45.85
C GLN B 330 36.84 33.06 -44.93
N GLU B 331 36.07 34.07 -45.30
CA GLU B 331 34.92 34.50 -44.52
C GLU B 331 33.88 33.36 -44.43
N ASP B 332 33.67 32.62 -45.53
CA ASP B 332 32.83 31.40 -45.50
C ASP B 332 33.31 30.37 -44.47
N ALA B 333 34.62 30.11 -44.41
CA ALA B 333 35.14 29.09 -43.49
C ALA B 333 34.85 29.43 -42.02
N ALA B 334 34.95 30.72 -41.70
CA ALA B 334 34.74 31.19 -40.34
C ALA B 334 33.25 31.16 -39.99
N SER B 335 32.40 31.61 -40.91
CA SER B 335 30.96 31.60 -40.65
C SER B 335 30.48 30.18 -40.37
N LEU B 336 31.16 29.19 -40.95
CA LEU B 336 30.80 27.81 -40.70
C LEU B 336 31.19 27.35 -39.31
N ARG B 337 32.39 27.71 -38.90
CA ARG B 337 32.85 27.41 -37.55
C ARG B 337 31.89 28.02 -36.51
N VAL B 338 31.36 29.20 -36.84
CA VAL B 338 30.42 29.90 -35.96
C VAL B 338 29.05 29.21 -35.91
N PHE B 339 28.55 28.84 -37.09
CA PHE B 339 27.34 28.03 -37.26
C PHE B 339 27.47 26.69 -36.50
N THR B 340 28.62 26.03 -36.63
CA THR B 340 28.92 24.83 -35.85
C THR B 340 28.84 25.08 -34.35
N GLU B 341 29.36 26.22 -33.92
CA GLU B 341 29.31 26.59 -32.51
C GLU B 341 27.89 26.73 -32.04
N ALA B 342 27.04 27.34 -32.84
CA ALA B 342 25.65 27.47 -32.46
C ALA B 342 25.02 26.09 -32.29
N MET B 343 25.04 25.26 -33.33
CA MET B 343 24.42 23.94 -33.24
C MET B 343 24.93 23.18 -32.02
N THR B 344 26.22 23.28 -31.74
CA THR B 344 26.76 22.70 -30.50
C THR B 344 26.06 23.31 -29.28
N ARG B 345 25.96 24.63 -29.19
CA ARG B 345 25.25 25.21 -28.05
C ARG B 345 23.87 24.61 -27.94
N TYR B 346 23.21 24.43 -29.10
CA TYR B 346 21.83 23.92 -29.15
C TYR B 346 21.76 22.40 -29.07
N SER B 347 22.85 21.74 -28.68
CA SER B 347 22.88 20.26 -28.61
C SER B 347 22.73 19.56 -29.98
N ALA B 348 23.50 19.99 -30.97
CA ALA B 348 23.57 19.29 -32.23
C ALA B 348 24.98 19.44 -32.75
N PRO B 349 25.94 18.90 -32.00
CA PRO B 349 27.33 18.96 -32.41
C PRO B 349 27.63 18.05 -33.59
N PRO B 350 28.68 18.38 -34.34
CA PRO B 350 29.00 17.68 -35.56
C PRO B 350 29.64 16.32 -35.37
N GLY B 351 29.39 15.41 -36.31
CA GLY B 351 30.26 14.25 -36.55
C GLY B 351 31.48 14.70 -37.36
N ASP B 352 31.37 14.63 -38.69
CA ASP B 352 32.38 15.21 -39.60
C ASP B 352 32.33 16.72 -39.46
N PRO B 353 33.49 17.40 -39.44
CA PRO B 353 33.27 18.86 -39.43
C PRO B 353 32.66 19.28 -40.76
N PRO B 354 31.79 20.28 -40.74
CA PRO B 354 31.29 20.77 -42.01
C PRO B 354 32.38 21.49 -42.80
N GLN B 355 32.25 21.48 -44.13
CA GLN B 355 33.21 22.13 -45.01
C GLN B 355 32.53 22.86 -46.20
N PRO B 356 32.95 24.11 -46.48
CA PRO B 356 32.39 24.83 -47.62
C PRO B 356 32.69 24.15 -48.98
N GLU B 357 31.71 24.13 -49.87
CA GLU B 357 31.88 23.72 -51.25
C GLU B 357 31.37 24.82 -52.16
N TYR B 358 31.92 24.88 -53.36
CA TYR B 358 31.49 25.84 -54.35
C TYR B 358 31.09 25.11 -55.61
N ASP B 359 30.93 23.79 -55.52
CA ASP B 359 30.50 22.93 -56.61
C ASP B 359 29.35 22.06 -56.14
N LEU B 360 28.17 22.27 -56.70
CA LEU B 360 26.97 21.60 -56.26
C LEU B 360 27.13 20.09 -56.31
N GLU B 361 27.81 19.62 -57.34
CA GLU B 361 27.96 18.19 -57.54
C GLU B 361 28.79 17.56 -56.45
N LEU B 362 29.57 18.37 -55.74
CA LEU B 362 30.44 17.87 -54.65
C LEU B 362 29.82 17.89 -53.24
N ILE B 363 28.49 18.03 -53.15
CA ILE B 363 27.78 18.12 -51.89
C ILE B 363 26.88 16.91 -51.78
N THR B 364 27.11 16.05 -50.79
CA THR B 364 26.23 14.91 -50.52
C THR B 364 25.21 15.31 -49.46
N SER B 365 23.94 15.10 -49.79
CA SER B 365 22.84 15.31 -48.83
C SER B 365 21.78 14.25 -49.06
N CYS B 366 21.35 13.62 -47.97
CA CYS B 366 20.64 12.34 -48.02
C CYS B 366 21.44 11.35 -48.86
N SER B 367 22.68 11.12 -48.46
CA SER B 367 23.49 10.10 -49.13
C SER B 367 23.52 10.21 -50.70
N SER B 368 23.12 11.38 -51.25
CA SER B 368 22.96 11.60 -52.69
C SER B 368 23.55 12.93 -53.12
N ASN B 369 23.90 13.03 -54.40
CA ASN B 369 24.38 14.28 -54.96
C ASN B 369 23.84 14.49 -56.36
N VAL B 370 23.72 15.74 -56.74
CA VAL B 370 23.37 16.08 -58.10
C VAL B 370 24.49 15.69 -59.06
N SER B 371 24.10 15.21 -60.23
CA SER B 371 25.05 15.08 -61.35
C SER B 371 24.33 15.35 -62.67
N VAL B 372 25.13 15.37 -63.74
CA VAL B 372 24.71 15.89 -65.03
C VAL B 372 24.86 14.82 -66.12
N ALA B 373 23.86 14.72 -66.98
CA ALA B 373 23.90 13.85 -68.15
C ALA B 373 23.35 14.65 -69.34
N HIS B 374 23.04 13.97 -70.45
CA HIS B 374 22.45 14.64 -71.62
C HIS B 374 21.33 13.78 -72.21
N ASP B 375 20.26 14.39 -72.70
CA ASP B 375 19.14 13.62 -73.26
C ASP B 375 19.31 13.25 -74.74
N ALA B 376 18.28 12.60 -75.30
CA ALA B 376 18.17 12.34 -76.76
C ALA B 376 18.60 13.52 -77.66
N SER B 377 18.31 14.76 -77.25
CA SER B 377 18.73 15.91 -78.04
C SER B 377 20.08 16.48 -77.60
N GLY B 378 20.74 15.81 -76.64
CA GLY B 378 22.01 16.29 -76.06
C GLY B 378 21.92 17.51 -75.13
N LYS B 379 20.70 17.87 -74.71
CA LYS B 379 20.47 18.92 -73.72
C LYS B 379 20.92 18.40 -72.39
N ARG B 380 21.51 19.24 -71.55
CA ARG B 380 22.01 18.74 -70.28
C ARG B 380 20.89 18.58 -69.25
N VAL B 381 20.86 17.40 -68.63
CA VAL B 381 19.83 17.02 -67.65
C VAL B 381 20.51 16.77 -66.30
N TYR B 382 19.95 17.38 -65.26
CA TYR B 382 20.36 17.14 -63.89
C TYR B 382 19.58 15.98 -63.27
N TYR B 383 20.29 15.16 -62.49
CA TYR B 383 19.69 14.02 -61.79
C TYR B 383 20.48 13.69 -60.54
N LEU B 384 19.86 12.91 -59.69
CA LEU B 384 20.41 12.59 -58.41
C LEU B 384 21.02 11.20 -58.41
N THR B 385 22.17 11.04 -57.78
CA THR B 385 22.84 9.75 -57.72
C THR B 385 23.63 9.65 -56.43
N ARG B 386 24.39 8.57 -56.26
CA ARG B 386 25.25 8.37 -55.10
C ARG B 386 26.32 7.35 -55.41
N ASP B 387 27.30 7.25 -54.51
CA ASP B 387 28.21 6.12 -54.53
C ASP B 387 27.28 4.91 -54.45
N PRO B 388 27.42 3.95 -55.38
CA PRO B 388 26.47 2.86 -55.37
C PRO B 388 26.98 1.65 -54.60
N THR B 389 28.10 1.80 -53.87
CA THR B 389 28.67 0.71 -53.07
C THR B 389 27.61 0.03 -52.20
N THR B 390 26.93 0.81 -51.37
CA THR B 390 25.93 0.23 -50.49
C THR B 390 24.72 -0.32 -51.27
N PRO B 391 24.22 0.43 -52.27
CA PRO B 391 23.13 -0.23 -52.99
C PRO B 391 23.56 -1.53 -53.67
N LEU B 392 24.80 -1.65 -54.09
CA LEU B 392 25.25 -2.87 -54.73
C LEU B 392 25.42 -4.03 -53.75
N ALA B 393 25.79 -3.74 -52.51
CA ALA B 393 25.96 -4.79 -51.49
C ALA B 393 24.61 -5.30 -51.03
N ARG B 394 23.66 -4.41 -50.81
CA ARG B 394 22.32 -4.82 -50.38
C ARG B 394 21.68 -5.64 -51.48
N ALA B 395 21.99 -5.28 -52.73
CA ALA B 395 21.54 -6.07 -53.90
C ALA B 395 22.09 -7.50 -53.85
N ALA B 396 23.35 -7.63 -53.43
CA ALA B 396 23.97 -8.94 -53.29
C ALA B 396 23.25 -9.70 -52.18
N TRP B 397 23.03 -9.04 -51.06
CA TRP B 397 22.39 -9.68 -49.93
C TRP B 397 21.00 -10.23 -50.30
N GLU B 398 20.20 -9.37 -50.89
CA GLU B 398 18.82 -9.74 -51.21
C GLU B 398 18.73 -10.72 -52.34
N THR B 399 19.85 -11.03 -53.01
CA THR B 399 19.86 -12.06 -54.04
C THR B 399 20.22 -13.44 -53.47
N ALA B 400 21.14 -13.48 -52.52
CA ALA B 400 21.51 -14.76 -51.90
C ALA B 400 20.47 -15.20 -50.89
N ARG B 401 20.35 -14.44 -49.79
CA ARG B 401 19.40 -14.74 -48.74
C ARG B 401 18.06 -14.13 -49.15
N HIS B 402 16.98 -14.66 -48.58
CA HIS B 402 15.64 -14.15 -48.83
C HIS B 402 15.25 -13.14 -47.75
N THR B 403 14.84 -11.95 -48.16
CA THR B 403 14.31 -10.95 -47.25
C THR B 403 12.93 -10.49 -47.76
N PRO B 404 11.99 -10.17 -46.85
CA PRO B 404 10.75 -9.52 -47.31
C PRO B 404 10.86 -8.01 -47.52
N VAL B 405 12.08 -7.47 -47.59
CA VAL B 405 12.31 -6.07 -47.99
C VAL B 405 13.37 -5.99 -49.11
N ASN B 406 13.00 -5.36 -50.23
CA ASN B 406 13.82 -5.28 -51.45
C ASN B 406 14.31 -3.86 -51.72
N SER B 407 15.48 -3.53 -51.16
CA SER B 407 16.11 -2.26 -51.39
C SER B 407 16.44 -2.05 -52.87
N TRP B 408 16.74 -3.13 -53.58
CA TRP B 408 17.03 -3.02 -55.00
C TRP B 408 15.92 -2.28 -55.76
N LEU B 409 14.67 -2.59 -55.44
CA LEU B 409 13.56 -1.96 -56.12
C LEU B 409 13.39 -0.49 -55.71
N GLY B 410 13.59 -0.19 -54.43
CA GLY B 410 13.58 1.17 -53.96
C GLY B 410 14.63 1.93 -54.74
N ASN B 411 15.83 1.37 -54.77
CA ASN B 411 16.93 2.01 -55.45
C ASN B 411 16.62 2.28 -56.94
N ILE B 412 16.03 1.34 -57.65
CA ILE B 412 15.75 1.61 -59.05
C ILE B 412 14.80 2.82 -59.20
N ILE B 413 13.75 2.85 -58.41
CA ILE B 413 12.80 3.95 -58.54
C ILE B 413 13.50 5.28 -58.27
N MET B 414 14.27 5.31 -57.20
CA MET B 414 14.99 6.51 -56.75
C MET B 414 16.06 6.94 -57.71
N TYR B 415 16.79 5.98 -58.25
CA TYR B 415 17.96 6.29 -59.05
C TYR B 415 17.85 5.79 -60.47
N ALA B 416 16.61 5.63 -60.95
CA ALA B 416 16.36 5.19 -62.31
C ALA B 416 17.24 5.83 -63.37
N PRO B 417 17.56 7.13 -63.23
CA PRO B 417 18.37 7.78 -64.27
C PRO B 417 19.85 7.46 -64.21
N THR B 418 20.30 6.77 -63.16
CA THR B 418 21.72 6.61 -62.94
C THR B 418 22.30 5.51 -63.78
N LEU B 419 23.56 5.72 -64.12
CA LEU B 419 24.37 4.77 -64.86
C LEU B 419 24.43 3.39 -64.22
N TRP B 420 24.45 3.34 -62.89
CA TRP B 420 24.54 2.06 -62.16
C TRP B 420 23.22 1.33 -62.05
N ALA B 421 22.13 2.03 -61.76
CA ALA B 421 20.80 1.40 -61.62
C ALA B 421 20.23 0.92 -62.95
N ARG B 422 20.54 1.63 -64.02
CA ARG B 422 20.09 1.20 -65.34
C ARG B 422 20.84 -0.06 -65.83
N MET B 423 22.16 -0.06 -65.67
CA MET B 423 23.01 -1.07 -66.29
C MET B 423 23.15 -2.31 -65.43
N ILE B 424 23.25 -2.10 -64.12
CA ILE B 424 23.47 -3.17 -63.16
C ILE B 424 22.18 -3.64 -62.51
N LEU B 425 21.45 -2.76 -61.84
CA LEU B 425 20.30 -3.21 -61.07
C LEU B 425 19.20 -3.74 -61.97
N MET B 426 18.74 -2.90 -62.90
CA MET B 426 17.69 -3.33 -63.84
C MET B 426 18.04 -4.63 -64.55
N THR B 427 19.26 -4.72 -65.07
CA THR B 427 19.70 -5.88 -65.82
C THR B 427 19.69 -7.13 -64.94
N HIS B 428 20.35 -7.01 -63.80
CA HIS B 428 20.56 -8.15 -62.91
C HIS B 428 19.23 -8.65 -62.37
N PHE B 429 18.37 -7.74 -61.92
CA PHE B 429 17.13 -8.19 -61.28
C PHE B 429 16.09 -8.69 -62.24
N PHE B 430 15.94 -8.02 -63.36
CA PHE B 430 14.99 -8.51 -64.37
C PHE B 430 15.41 -9.87 -64.89
N SER B 431 16.72 -10.08 -65.01
CA SER B 431 17.28 -11.37 -65.37
C SER B 431 16.77 -12.45 -64.39
N ILE B 432 16.96 -12.20 -63.12
CA ILE B 432 16.51 -13.13 -62.09
C ILE B 432 14.99 -13.31 -62.13
N LEU B 433 14.25 -12.20 -62.14
CA LEU B 433 12.80 -12.31 -62.27
C LEU B 433 12.36 -13.14 -63.50
N LEU B 434 13.13 -13.07 -64.57
CA LEU B 434 12.78 -13.79 -65.79
C LEU B 434 13.00 -15.28 -65.60
N ALA B 435 14.08 -15.65 -64.91
CA ALA B 435 14.40 -17.05 -64.63
C ALA B 435 13.35 -17.71 -63.75
N GLN B 436 13.01 -17.03 -62.66
CA GLN B 436 12.14 -17.58 -61.62
C GLN B 436 10.67 -17.42 -61.99
N GLU B 437 10.38 -16.91 -63.19
CA GLU B 437 9.00 -16.71 -63.67
C GLU B 437 8.12 -15.95 -62.66
N GLN B 438 8.65 -14.82 -62.18
CA GLN B 438 7.98 -13.97 -61.19
C GLN B 438 7.84 -12.47 -61.60
N LEU B 439 7.86 -12.16 -62.89
CA LEU B 439 7.73 -10.78 -63.33
C LEU B 439 6.48 -10.06 -62.78
N GLU B 440 5.42 -10.86 -62.55
CA GLU B 440 4.12 -10.34 -62.16
C GLU B 440 3.90 -10.25 -60.63
N LYS B 441 4.85 -10.73 -59.82
CA LYS B 441 4.68 -10.73 -58.36
C LYS B 441 5.10 -9.41 -57.72
N ALA B 442 4.12 -8.75 -57.06
CA ALA B 442 4.35 -7.51 -56.33
C ALA B 442 5.44 -7.72 -55.28
N LEU B 443 6.19 -6.67 -54.99
CA LEU B 443 7.18 -6.72 -53.92
C LEU B 443 7.04 -5.48 -53.07
N ASP B 444 7.42 -5.62 -51.81
CA ASP B 444 7.34 -4.53 -50.87
C ASP B 444 8.65 -3.77 -50.94
N CYS B 445 8.56 -2.45 -51.07
CA CYS B 445 9.75 -1.64 -50.85
C CYS B 445 9.43 -0.36 -50.07
N GLN B 446 10.49 0.30 -49.63
CA GLN B 446 10.42 1.43 -48.72
C GLN B 446 10.68 2.70 -49.48
N ILE B 447 9.77 3.65 -49.38
CA ILE B 447 10.01 4.98 -49.93
C ILE B 447 9.81 5.97 -48.79
N TYR B 448 10.86 6.67 -48.41
CA TYR B 448 10.76 7.64 -47.33
C TYR B 448 10.18 7.00 -46.06
N GLY B 449 10.66 5.81 -45.74
CA GLY B 449 10.25 5.12 -44.53
C GLY B 449 8.91 4.39 -44.55
N ALA B 450 8.04 4.70 -45.50
CA ALA B 450 6.75 4.01 -45.61
C ALA B 450 6.86 2.82 -46.55
N CYS B 451 5.95 1.86 -46.42
CA CYS B 451 6.01 0.62 -47.20
C CYS B 451 4.96 0.62 -48.30
N TYR B 452 5.39 0.42 -49.55
CA TYR B 452 4.49 0.25 -50.71
C TYR B 452 4.75 -1.11 -51.35
N SER B 453 3.69 -1.74 -51.83
CA SER B 453 3.76 -2.96 -52.61
C SER B 453 3.72 -2.56 -54.09
N ILE B 454 4.68 -3.05 -54.88
CA ILE B 454 4.89 -2.57 -56.26
C ILE B 454 5.17 -3.69 -57.28
N GLU B 455 4.42 -3.65 -58.38
CA GLU B 455 4.55 -4.61 -59.44
C GLU B 455 5.69 -4.17 -60.35
N PRO B 456 6.78 -4.96 -60.40
CA PRO B 456 7.96 -4.49 -61.12
C PRO B 456 7.65 -4.16 -62.56
N LEU B 457 6.67 -4.81 -63.15
CA LEU B 457 6.27 -4.52 -64.52
C LEU B 457 5.72 -3.12 -64.77
N ASP B 458 5.49 -2.37 -63.67
CA ASP B 458 4.97 -1.01 -63.75
C ASP B 458 6.04 0.06 -63.76
N LEU B 459 7.31 -0.32 -63.69
CA LEU B 459 8.41 0.64 -63.58
C LEU B 459 8.61 1.60 -64.76
N PRO B 460 8.44 1.14 -66.00
CA PRO B 460 8.53 2.11 -67.09
C PRO B 460 7.61 3.32 -66.92
N GLN B 461 6.42 3.08 -66.39
CA GLN B 461 5.40 4.12 -66.24
C GLN B 461 5.80 4.97 -65.05
N ILE B 462 6.07 4.29 -63.94
CA ILE B 462 6.52 4.90 -62.69
C ILE B 462 7.76 5.77 -62.87
N ILE B 463 8.67 5.35 -63.74
CA ILE B 463 9.88 6.12 -64.03
C ILE B 463 9.57 7.28 -64.96
N GLU B 464 8.76 7.05 -66.01
CA GLU B 464 8.33 8.18 -66.82
C GLU B 464 7.72 9.27 -65.91
N ARG B 465 6.75 8.91 -65.05
CA ARG B 465 6.09 9.87 -64.15
C ARG B 465 7.04 10.57 -63.17
N LEU B 466 7.92 9.83 -62.49
CA LEU B 466 8.81 10.38 -61.45
C LEU B 466 10.08 11.10 -61.96
N HIS B 467 10.46 10.82 -63.21
CA HIS B 467 11.73 11.31 -63.78
C HIS B 467 11.65 11.89 -65.19
N GLY B 468 10.61 11.57 -65.96
CA GLY B 468 10.52 12.01 -67.34
C GLY B 468 11.10 10.98 -68.27
N LEU B 469 10.61 11.01 -69.51
CA LEU B 469 11.08 10.11 -70.57
C LEU B 469 12.59 10.12 -70.71
N SER B 470 13.20 11.27 -70.49
CA SER B 470 14.65 11.38 -70.49
C SER B 470 15.36 10.24 -69.74
N ALA B 471 14.78 9.73 -68.65
CA ALA B 471 15.44 8.69 -67.86
C ALA B 471 15.78 7.42 -68.65
N PHE B 472 15.15 7.21 -69.80
CA PHE B 472 15.39 6.04 -70.63
C PHE B 472 16.38 6.28 -71.75
N SER B 473 17.04 7.44 -71.74
CA SER B 473 17.93 7.79 -72.83
C SER B 473 19.10 8.73 -72.50
N LEU B 474 19.41 8.97 -71.22
CA LEU B 474 20.57 9.81 -70.86
C LEU B 474 21.83 9.10 -71.33
N HIS B 475 22.90 9.86 -71.63
CA HIS B 475 24.04 9.25 -72.35
C HIS B 475 25.46 9.81 -72.23
N SER B 476 25.67 11.00 -71.71
CA SER B 476 27.05 11.44 -71.66
C SER B 476 27.32 11.87 -70.26
N TYR B 477 27.38 10.86 -69.39
CA TYR B 477 27.54 11.03 -67.95
C TYR B 477 28.86 11.69 -67.62
N SER B 478 28.90 12.41 -66.51
CA SER B 478 30.10 13.10 -66.08
C SER B 478 31.26 12.11 -65.82
N PRO B 479 32.50 12.54 -66.11
CA PRO B 479 33.71 11.75 -65.81
C PRO B 479 33.87 11.32 -64.34
N GLY B 480 33.53 12.20 -63.40
CA GLY B 480 33.55 11.84 -61.97
C GLY B 480 32.62 10.68 -61.64
N GLU B 481 31.44 10.69 -62.25
CA GLU B 481 30.43 9.67 -61.97
C GLU B 481 30.83 8.32 -62.53
N ILE B 482 31.36 8.28 -63.74
CA ILE B 482 31.80 7.01 -64.33
C ILE B 482 33.02 6.49 -63.60
N ASN B 483 33.98 7.36 -63.26
CA ASN B 483 35.10 6.92 -62.42
C ASN B 483 34.55 6.25 -61.15
N ARG B 484 33.72 7.00 -60.42
CA ARG B 484 33.13 6.50 -59.17
C ARG B 484 32.51 5.11 -59.37
N VAL B 485 31.74 4.94 -60.44
CA VAL B 485 31.10 3.65 -60.66
C VAL B 485 32.15 2.61 -61.00
N ALA B 486 33.01 2.89 -61.96
CA ALA B 486 34.04 1.93 -62.32
C ALA B 486 34.85 1.50 -61.07
N SER B 487 35.30 2.44 -60.25
CA SER B 487 36.04 2.14 -59.01
C SER B 487 35.29 1.31 -57.97
N CYS B 488 34.01 1.58 -57.82
CA CYS B 488 33.19 0.79 -56.95
C CYS B 488 33.08 -0.66 -57.45
N LEU B 489 33.13 -0.83 -58.77
CA LEU B 489 32.97 -2.16 -59.35
C LEU B 489 34.20 -3.03 -59.20
N ARG B 490 35.37 -2.40 -59.31
CA ARG B 490 36.61 -3.14 -59.13
C ARG B 490 36.65 -3.49 -57.66
N LYS B 491 36.53 -2.48 -56.81
CA LYS B 491 36.54 -2.67 -55.35
C LYS B 491 35.69 -3.87 -54.95
N LEU B 492 34.46 -3.95 -55.43
CA LEU B 492 33.47 -4.96 -55.00
C LEU B 492 33.53 -6.28 -55.72
N GLY B 493 34.19 -6.31 -56.86
CA GLY B 493 34.34 -7.53 -57.66
C GLY B 493 33.13 -7.74 -58.53
N VAL B 494 32.49 -6.64 -58.89
CA VAL B 494 31.33 -6.71 -59.76
C VAL B 494 31.88 -6.51 -61.17
N PRO B 495 31.42 -7.32 -62.15
CA PRO B 495 31.94 -7.21 -63.52
C PRO B 495 31.77 -5.80 -64.12
N PRO B 496 32.63 -5.43 -65.07
CA PRO B 496 32.55 -4.06 -65.62
C PRO B 496 31.37 -3.84 -66.58
N LEU B 497 31.02 -2.57 -66.73
CA LEU B 497 29.81 -2.17 -67.43
C LEU B 497 29.68 -2.76 -68.85
N ARG B 498 30.78 -2.97 -69.55
CA ARG B 498 30.66 -3.60 -70.87
C ARG B 498 29.98 -4.97 -70.73
N VAL B 499 30.31 -5.73 -69.68
CA VAL B 499 29.68 -7.03 -69.45
C VAL B 499 28.20 -6.89 -69.16
N TRP B 500 27.82 -5.82 -68.49
CA TRP B 500 26.42 -5.61 -68.19
C TRP B 500 25.63 -5.22 -69.43
N ARG B 501 26.30 -4.66 -70.43
CA ARG B 501 25.65 -4.26 -71.66
C ARG B 501 25.19 -5.48 -72.40
N HIS B 502 26.07 -6.47 -72.45
CA HIS B 502 25.73 -7.74 -73.10
C HIS B 502 24.71 -8.51 -72.25
N ARG B 503 24.85 -8.55 -70.92
CA ARG B 503 23.81 -9.24 -70.14
C ARG B 503 22.42 -8.59 -70.34
N ALA B 504 22.39 -7.29 -70.58
CA ALA B 504 21.13 -6.53 -70.73
C ALA B 504 20.48 -6.73 -72.07
N ARG B 505 21.27 -7.03 -73.08
CA ARG B 505 20.74 -7.32 -74.41
C ARG B 505 19.98 -8.65 -74.45
N SER B 506 20.51 -9.65 -73.77
CA SER B 506 19.86 -10.92 -73.62
C SER B 506 18.54 -10.71 -72.86
N VAL B 507 18.60 -10.05 -71.71
CA VAL B 507 17.41 -9.86 -70.91
C VAL B 507 16.39 -9.07 -71.73
N ARG B 508 16.85 -7.99 -72.37
CA ARG B 508 15.97 -7.18 -73.23
C ARG B 508 15.22 -8.04 -74.24
N ALA B 509 15.93 -8.96 -74.90
CA ALA B 509 15.32 -9.75 -75.97
C ALA B 509 14.32 -10.78 -75.42
N ARG B 510 14.64 -11.41 -74.29
CA ARG B 510 13.68 -12.33 -73.69
C ARG B 510 12.45 -11.53 -73.29
N LEU B 511 12.62 -10.30 -72.80
CA LEU B 511 11.45 -9.48 -72.39
C LEU B 511 10.57 -9.13 -73.59
N LEU B 512 11.18 -8.64 -74.67
CA LEU B 512 10.41 -8.33 -75.90
C LEU B 512 9.56 -9.49 -76.38
N SER B 513 10.12 -10.69 -76.28
CA SER B 513 9.44 -11.90 -76.72
C SER B 513 8.13 -12.21 -75.97
N GLN B 514 7.98 -11.75 -74.72
CA GLN B 514 6.77 -12.04 -73.93
C GLN B 514 5.63 -11.05 -74.13
N GLY B 515 5.87 -9.99 -74.90
CA GLY B 515 4.82 -9.02 -75.20
C GLY B 515 4.20 -8.39 -73.95
N GLY B 516 3.23 -7.51 -74.17
CA GLY B 516 2.53 -6.85 -73.09
C GLY B 516 3.47 -6.00 -72.26
N ARG B 517 3.40 -6.14 -70.94
CA ARG B 517 4.14 -5.26 -70.06
C ARG B 517 5.59 -5.68 -69.88
N ALA B 518 5.91 -6.94 -70.13
CA ALA B 518 7.30 -7.38 -70.14
C ALA B 518 8.01 -6.72 -71.30
N ALA B 519 7.31 -6.67 -72.43
CA ALA B 519 7.85 -6.06 -73.63
C ALA B 519 8.07 -4.58 -73.43
N THR B 520 7.20 -3.92 -72.67
CA THR B 520 7.33 -2.48 -72.50
C THR B 520 8.52 -2.16 -71.61
N CYS B 521 8.77 -3.03 -70.63
CA CYS B 521 10.00 -2.97 -69.83
C CYS B 521 11.23 -3.07 -70.72
N GLY B 522 11.29 -4.08 -71.57
CA GLY B 522 12.45 -4.26 -72.46
C GLY B 522 12.65 -3.12 -73.44
N LYS B 523 11.58 -2.49 -73.87
CA LYS B 523 11.70 -1.41 -74.86
C LYS B 523 12.29 -0.17 -74.21
N TYR B 524 11.75 0.21 -73.06
CA TYR B 524 12.11 1.45 -72.39
C TYR B 524 13.29 1.25 -71.42
N LEU B 525 13.20 0.28 -70.54
CA LEU B 525 14.26 0.12 -69.52
C LEU B 525 15.64 -0.13 -70.08
N PHE B 526 15.71 -0.83 -71.22
CA PHE B 526 16.99 -1.31 -71.79
C PHE B 526 17.36 -0.74 -73.16
N ASN B 527 16.61 0.25 -73.62
CA ASN B 527 16.95 0.92 -74.87
C ASN B 527 18.39 1.49 -74.88
N TRP B 528 18.98 1.71 -73.72
CA TRP B 528 20.38 2.08 -73.65
C TRP B 528 21.33 0.98 -74.11
N ALA B 529 20.83 -0.25 -74.22
CA ALA B 529 21.71 -1.38 -74.44
C ALA B 529 21.78 -1.76 -75.91
N VAL B 530 20.80 -1.35 -76.70
CA VAL B 530 20.50 -2.05 -77.97
C VAL B 530 21.54 -1.80 -79.05
N LYS B 531 21.91 -0.54 -79.23
CA LYS B 531 22.70 -0.05 -80.39
C LYS B 531 21.84 0.69 -81.41
N THR B 532 21.00 -0.02 -82.17
CA THR B 532 20.01 0.71 -82.95
C THR B 532 18.70 0.85 -82.13
N LYS B 533 18.27 2.11 -82.01
CA LYS B 533 17.31 2.54 -81.02
C LYS B 533 15.86 2.45 -81.49
N LEU B 534 14.99 2.06 -80.56
CA LEU B 534 13.56 2.27 -80.69
C LEU B 534 13.23 3.71 -80.22
N LYS B 535 12.12 4.25 -80.72
CA LYS B 535 11.70 5.64 -80.46
C LYS B 535 10.76 5.60 -79.25
N LEU B 536 11.22 6.18 -78.15
CA LEU B 536 10.46 6.08 -76.90
C LEU B 536 9.43 7.18 -76.82
N THR B 537 8.16 6.79 -76.79
CA THR B 537 7.03 7.72 -76.75
C THR B 537 6.37 7.61 -75.39
N PRO B 538 5.68 8.67 -74.95
CA PRO B 538 4.92 8.57 -73.73
C PRO B 538 4.20 7.23 -73.60
N ILE B 539 4.50 6.50 -72.53
CA ILE B 539 3.72 5.31 -72.20
C ILE B 539 2.38 5.87 -71.77
N PRO B 540 1.28 5.36 -72.33
CA PRO B 540 0.00 5.98 -71.98
C PRO B 540 -0.62 5.57 -70.62
N ALA B 541 0.16 5.10 -69.63
CA ALA B 541 -0.37 4.84 -68.26
C ALA B 541 -0.15 6.01 -67.25
N ALA B 542 -1.25 6.62 -66.80
CA ALA B 542 -1.22 7.89 -66.03
C ALA B 542 -2.24 7.87 -64.88
N SER B 548 -0.62 7.25 -57.77
CA SER B 548 0.61 7.78 -57.19
C SER B 548 0.34 9.02 -56.33
N GLY B 549 0.93 9.08 -55.13
CA GLY B 549 1.08 10.33 -54.33
C GLY B 549 2.04 10.02 -53.18
N MET B 550 3.26 9.65 -53.57
CA MET B 550 4.14 8.85 -52.75
C MET B 550 5.30 9.67 -52.13
N PHE B 551 5.39 10.96 -52.46
CA PHE B 551 6.55 11.78 -52.01
C PHE B 551 6.10 13.01 -51.30
N VAL B 552 5.40 12.81 -50.19
CA VAL B 552 4.77 13.92 -49.48
C VAL B 552 5.27 14.13 -48.06
N ALA B 553 5.68 13.06 -47.40
CA ALA B 553 6.02 13.10 -45.98
C ALA B 553 7.00 12.01 -45.60
N GLY B 554 7.81 12.27 -44.58
CA GLY B 554 8.74 11.28 -44.06
C GLY B 554 8.06 10.45 -43.00
N TYR B 555 8.37 9.16 -42.95
CA TYR B 555 7.69 8.21 -42.07
C TYR B 555 8.63 7.16 -41.53
N SER B 556 9.92 7.33 -41.69
CA SER B 556 10.77 6.22 -41.32
C SER B 556 10.75 6.18 -39.78
N GLY B 557 10.50 5.00 -39.26
CA GLY B 557 10.29 4.80 -37.85
C GLY B 557 8.82 4.60 -37.59
N GLY B 558 7.98 4.98 -38.56
CA GLY B 558 6.57 5.23 -38.34
C GLY B 558 5.55 4.10 -38.38
N ASP B 559 5.96 2.90 -38.84
CA ASP B 559 5.04 1.75 -38.94
C ASP B 559 3.94 2.14 -39.92
N ILE B 560 4.31 2.49 -41.14
CA ILE B 560 3.36 2.99 -42.14
C ILE B 560 3.36 2.20 -43.45
N TYR B 561 2.23 1.60 -43.74
CA TYR B 561 2.00 0.85 -44.97
C TYR B 561 1.02 1.64 -45.76
N HIS B 562 0.98 1.46 -47.09
CA HIS B 562 -0.07 2.08 -47.93
C HIS B 562 -0.72 1.09 -48.87
N SER C 1 -47.48 -12.98 -9.72
CA SER C 1 -47.65 -13.04 -8.24
C SER C 1 -46.35 -12.70 -7.48
N MET C 2 -46.40 -12.79 -6.15
CA MET C 2 -45.19 -12.61 -5.36
C MET C 2 -44.47 -13.96 -5.27
N SER C 3 -43.14 -13.92 -5.36
CA SER C 3 -42.33 -15.14 -5.27
C SER C 3 -42.59 -15.88 -3.97
N TYR C 4 -42.63 -15.14 -2.86
CA TYR C 4 -43.02 -15.70 -1.56
C TYR C 4 -43.89 -14.76 -0.78
N THR C 5 -44.84 -15.29 -0.02
CA THR C 5 -45.36 -14.55 1.14
C THR C 5 -44.91 -15.21 2.47
N TRP C 6 -44.65 -14.36 3.47
CA TRP C 6 -44.14 -14.79 4.75
C TRP C 6 -45.16 -14.55 5.88
N THR C 7 -45.21 -15.50 6.81
CA THR C 7 -46.04 -15.38 8.02
C THR C 7 -45.34 -14.55 9.09
N GLY C 8 -44.00 -14.62 9.13
CA GLY C 8 -43.20 -14.06 10.23
C GLY C 8 -42.57 -15.15 11.09
N ALA C 9 -42.96 -16.40 10.89
CA ALA C 9 -42.26 -17.49 11.54
C ALA C 9 -40.81 -17.55 11.01
N LEU C 10 -39.86 -17.65 11.92
CA LEU C 10 -38.46 -17.68 11.53
C LEU C 10 -38.16 -18.96 10.77
N ILE C 11 -37.18 -18.88 9.86
CA ILE C 11 -36.59 -20.08 9.27
C ILE C 11 -35.60 -20.59 10.30
N THR C 12 -35.79 -21.83 10.74
CA THR C 12 -35.07 -22.32 11.91
C THR C 12 -34.00 -23.34 11.54
N PRO C 13 -32.96 -23.42 12.39
CA PRO C 13 -31.91 -24.41 12.25
C PRO C 13 -32.42 -25.82 12.60
N CYS C 14 -31.53 -26.80 12.63
CA CYS C 14 -31.91 -28.18 12.94
C CYS C 14 -31.11 -28.67 14.14
N ALA C 15 -29.80 -28.51 14.03
CA ALA C 15 -28.88 -28.67 15.15
C ALA C 15 -28.12 -27.35 15.31
N ALA C 16 -27.05 -27.37 16.11
CA ALA C 16 -26.11 -26.25 16.20
C ALA C 16 -25.53 -25.94 14.82
N GLU C 17 -25.24 -24.67 14.54
CA GLU C 17 -24.64 -24.24 13.28
C GLU C 17 -23.38 -23.44 13.56
N GLU C 18 -22.23 -23.96 13.15
CA GLU C 18 -20.98 -23.18 13.24
C GLU C 18 -20.89 -22.19 12.10
N SER C 19 -20.41 -20.98 12.39
CA SER C 19 -20.17 -19.95 11.39
C SER C 19 -18.70 -19.49 11.47
N LYS C 20 -17.84 -20.37 11.98
CA LYS C 20 -16.40 -20.10 12.04
C LYS C 20 -15.58 -21.39 12.17
N LEU C 21 -14.37 -21.35 11.63
CA LEU C 21 -13.36 -22.38 11.90
C LEU C 21 -13.16 -22.55 13.41
N PRO C 22 -12.62 -23.69 13.83
CA PRO C 22 -12.04 -23.76 15.18
C PRO C 22 -10.66 -23.11 15.23
N ASN C 28 -5.03 -24.98 9.67
CA ASN C 28 -4.11 -23.89 9.99
C ASN C 28 -2.74 -24.12 9.38
N SER C 29 -2.42 -25.39 9.11
CA SER C 29 -1.32 -25.73 8.20
C SER C 29 -1.66 -25.23 6.78
N LEU C 30 -2.96 -25.13 6.51
CA LEU C 30 -3.44 -24.62 5.24
C LEU C 30 -3.49 -23.11 5.19
N LEU C 31 -4.31 -22.50 6.05
CA LEU C 31 -4.40 -21.02 6.05
C LEU C 31 -4.36 -20.39 7.43
N ARG C 32 -3.65 -19.28 7.52
CA ARG C 32 -3.43 -18.61 8.79
C ARG C 32 -4.63 -17.73 9.13
N HIS C 33 -5.10 -16.94 8.17
CA HIS C 33 -6.21 -16.01 8.46
C HIS C 33 -7.55 -16.74 8.66
N HIS C 34 -7.77 -17.34 9.83
CA HIS C 34 -9.02 -18.09 10.01
C HIS C 34 -10.27 -17.19 10.01
N ASN C 35 -10.21 -16.02 10.67
CA ASN C 35 -11.40 -15.13 10.78
C ASN C 35 -12.01 -14.77 9.42
N MET C 36 -11.20 -14.85 8.35
CA MET C 36 -11.63 -14.57 6.98
C MET C 36 -12.55 -15.62 6.39
N VAL C 37 -12.65 -16.78 7.05
CA VAL C 37 -13.54 -17.85 6.60
C VAL C 37 -14.78 -17.96 7.51
N TYR C 38 -15.97 -17.96 6.89
CA TYR C 38 -17.23 -18.15 7.62
C TYR C 38 -18.12 -19.18 6.93
N ALA C 39 -18.95 -19.84 7.71
CA ALA C 39 -20.15 -20.50 7.18
C ALA C 39 -21.41 -19.62 7.37
N THR C 40 -22.34 -19.73 6.43
CA THR C 40 -23.59 -19.00 6.47
C THR C 40 -24.53 -19.77 7.39
N THR C 41 -25.48 -19.05 7.97
CA THR C 41 -26.42 -19.64 8.92
C THR C 41 -27.81 -19.04 8.77
N SER C 42 -28.78 -19.59 9.48
CA SER C 42 -30.17 -19.06 9.52
C SER C 42 -30.25 -17.63 10.08
N ARG C 43 -29.27 -17.28 10.91
CA ARG C 43 -29.12 -15.91 11.40
C ARG C 43 -29.14 -14.88 10.26
N SER C 44 -28.83 -15.28 9.04
CA SER C 44 -28.95 -14.37 7.90
C SER C 44 -30.19 -14.61 7.02
N ALA C 45 -31.10 -15.48 7.46
CA ALA C 45 -32.27 -15.84 6.67
C ALA C 45 -33.05 -14.62 6.23
N GLY C 46 -33.46 -13.79 7.19
CA GLY C 46 -34.18 -12.56 6.92
C GLY C 46 -33.63 -11.74 5.75
N LEU C 47 -32.30 -11.58 5.72
CA LEU C 47 -31.60 -10.76 4.69
C LEU C 47 -31.76 -11.39 3.31
N ARG C 48 -31.55 -12.70 3.26
CA ARG C 48 -31.82 -13.50 2.06
C ARG C 48 -33.30 -13.46 1.72
N GLN C 49 -34.15 -13.63 2.74
CA GLN C 49 -35.60 -13.52 2.55
C GLN C 49 -35.95 -12.24 1.83
N LYS C 50 -35.35 -11.14 2.26
CA LYS C 50 -35.59 -9.85 1.60
C LYS C 50 -35.13 -9.83 0.14
N LYS C 51 -34.03 -10.50 -0.19
CA LYS C 51 -33.54 -10.47 -1.58
C LYS C 51 -34.48 -11.24 -2.52
N VAL C 52 -34.90 -12.42 -2.09
CA VAL C 52 -35.66 -13.31 -2.94
C VAL C 52 -37.15 -13.04 -3.05
N THR C 53 -37.66 -11.95 -2.50
CA THR C 53 -39.12 -11.77 -2.50
C THR C 53 -39.53 -10.47 -3.15
N PHE C 54 -40.28 -10.63 -4.24
CA PHE C 54 -40.72 -9.52 -5.09
C PHE C 54 -41.80 -10.02 -6.05
N ASP C 55 -42.49 -9.08 -6.70
CA ASP C 55 -43.53 -9.42 -7.68
C ASP C 55 -42.89 -9.91 -9.01
N ARG C 56 -43.67 -10.41 -9.97
CA ARG C 56 -43.07 -10.84 -11.23
C ARG C 56 -43.90 -10.46 -12.49
N LEU C 57 -43.57 -9.33 -13.14
CA LEU C 57 -44.30 -8.90 -14.35
C LEU C 57 -43.61 -9.49 -15.62
N GLN C 58 -44.32 -10.40 -16.28
CA GLN C 58 -43.78 -11.13 -17.44
C GLN C 58 -44.44 -10.64 -18.74
N VAL C 59 -43.63 -10.46 -19.80
CA VAL C 59 -44.15 -10.10 -21.11
C VAL C 59 -43.48 -10.97 -22.18
N LEU C 60 -44.14 -12.08 -22.49
CA LEU C 60 -43.74 -12.91 -23.61
C LEU C 60 -43.82 -12.08 -24.89
N ASP C 61 -43.29 -12.64 -25.97
CA ASP C 61 -43.28 -12.01 -27.29
C ASP C 61 -43.08 -13.11 -28.30
N ASP C 62 -42.98 -12.75 -29.57
CA ASP C 62 -43.02 -13.74 -30.65
C ASP C 62 -41.78 -14.62 -30.71
N HIS C 63 -40.64 -14.07 -30.25
CA HIS C 63 -39.39 -14.84 -30.17
C HIS C 63 -39.47 -15.95 -29.13
N TYR C 64 -40.04 -15.63 -27.97
CA TYR C 64 -40.29 -16.62 -26.93
C TYR C 64 -41.13 -17.77 -27.49
N ARG C 65 -42.22 -17.43 -28.17
CA ARG C 65 -43.19 -18.43 -28.64
C ARG C 65 -42.55 -19.34 -29.66
N ASP C 66 -41.62 -18.79 -30.47
CA ASP C 66 -41.01 -19.55 -31.56
C ASP C 66 -39.99 -20.51 -31.05
N VAL C 67 -39.13 -20.03 -30.14
CA VAL C 67 -38.12 -20.87 -29.51
C VAL C 67 -38.81 -22.02 -28.78
N LEU C 68 -39.92 -21.71 -28.12
CA LEU C 68 -40.69 -22.74 -27.45
C LEU C 68 -41.18 -23.83 -28.41
N LYS C 69 -41.68 -23.40 -29.56
CA LYS C 69 -42.25 -24.33 -30.51
C LYS C 69 -41.15 -25.27 -31.02
N GLU C 70 -39.94 -24.74 -31.16
CA GLU C 70 -38.75 -25.51 -31.60
C GLU C 70 -38.37 -26.54 -30.57
N MET C 71 -38.38 -26.10 -29.30
CA MET C 71 -38.09 -26.96 -28.17
C MET C 71 -39.14 -28.07 -28.08
N LYS C 72 -40.42 -27.75 -28.29
CA LYS C 72 -41.47 -28.77 -28.17
C LYS C 72 -41.37 -29.78 -29.26
N ALA C 73 -40.93 -29.38 -30.44
CA ALA C 73 -40.78 -30.32 -31.54
C ALA C 73 -39.69 -31.30 -31.25
N LYS C 74 -38.59 -30.83 -30.67
CA LYS C 74 -37.46 -31.72 -30.30
C LYS C 74 -37.80 -32.66 -29.13
N ALA C 75 -38.45 -32.11 -28.10
CA ALA C 75 -38.90 -32.91 -26.98
C ALA C 75 -39.76 -34.06 -27.44
N SER C 76 -40.59 -33.82 -28.45
CA SER C 76 -41.52 -34.85 -28.97
C SER C 76 -40.86 -36.07 -29.65
N THR C 77 -39.55 -36.02 -29.87
CA THR C 77 -38.79 -37.23 -30.24
C THR C 77 -38.28 -38.06 -29.04
N VAL C 78 -38.57 -37.62 -27.81
CA VAL C 78 -38.07 -38.31 -26.62
C VAL C 78 -39.08 -39.33 -26.11
N LYS C 79 -38.60 -40.52 -25.80
CA LYS C 79 -39.42 -41.53 -25.19
C LYS C 79 -38.88 -41.78 -23.80
N ALA C 80 -39.73 -41.81 -22.78
CA ALA C 80 -39.26 -41.99 -21.41
C ALA C 80 -40.14 -42.91 -20.53
N LYS C 81 -39.47 -43.74 -19.74
CA LYS C 81 -40.13 -44.76 -18.95
C LYS C 81 -40.24 -44.42 -17.46
N LEU C 82 -41.11 -45.16 -16.79
CA LEU C 82 -41.35 -45.04 -15.38
C LEU C 82 -40.24 -45.80 -14.71
N LEU C 83 -39.78 -45.31 -13.58
CA LEU C 83 -38.84 -46.08 -12.77
C LEU C 83 -39.62 -46.94 -11.77
N SER C 84 -39.13 -48.13 -11.51
CA SER C 84 -39.77 -48.97 -10.53
C SER C 84 -39.43 -48.41 -9.14
N VAL C 85 -40.21 -48.79 -8.13
CA VAL C 85 -39.87 -48.42 -6.78
C VAL C 85 -38.43 -48.84 -6.50
N GLU C 86 -38.09 -50.07 -6.88
CA GLU C 86 -36.77 -50.59 -6.58
C GLU C 86 -35.70 -49.63 -7.17
N GLU C 87 -35.89 -49.22 -8.41
CA GLU C 87 -34.91 -48.34 -9.10
C GLU C 87 -34.81 -46.94 -8.45
N ALA C 88 -35.97 -46.41 -8.02
CA ALA C 88 -36.09 -45.10 -7.38
C ALA C 88 -35.49 -45.11 -5.98
N CYS C 89 -35.79 -46.15 -5.23
CA CYS C 89 -35.16 -46.34 -3.93
C CYS C 89 -33.64 -46.32 -3.93
N LYS C 90 -33.06 -47.01 -4.89
CA LYS C 90 -31.60 -47.15 -5.02
C LYS C 90 -30.89 -45.83 -5.36
N LEU C 91 -31.59 -44.88 -6.00
CA LEU C 91 -31.00 -43.59 -6.37
C LEU C 91 -30.91 -42.63 -5.19
N THR C 92 -31.72 -42.88 -4.16
CA THR C 92 -31.76 -42.14 -2.88
C THR C 92 -30.42 -42.23 -2.08
N PRO C 93 -29.82 -41.09 -1.69
CA PRO C 93 -28.59 -41.10 -0.87
C PRO C 93 -28.78 -41.73 0.54
N PRO C 94 -27.73 -42.38 1.09
CA PRO C 94 -27.91 -43.04 2.40
C PRO C 94 -28.30 -42.13 3.58
N HIS C 95 -27.92 -40.84 3.54
CA HIS C 95 -28.19 -39.88 4.64
C HIS C 95 -29.17 -38.77 4.24
N SER C 96 -29.92 -39.01 3.18
CA SER C 96 -31.05 -38.16 2.77
C SER C 96 -31.98 -37.99 3.94
N ALA C 97 -32.62 -36.85 4.06
CA ALA C 97 -33.49 -36.57 5.21
C ALA C 97 -34.60 -37.59 5.25
N LYS C 98 -34.80 -38.14 6.45
CA LYS C 98 -35.77 -39.18 6.70
C LYS C 98 -37.19 -38.65 6.50
N SER C 99 -38.13 -39.58 6.35
CA SER C 99 -39.53 -39.23 6.24
C SER C 99 -40.13 -38.92 7.60
N LYS C 100 -41.10 -38.02 7.58
CA LYS C 100 -41.88 -37.73 8.75
C LYS C 100 -42.98 -38.76 8.92
N PHE C 101 -43.03 -39.79 8.05
CA PHE C 101 -44.00 -40.87 8.16
C PHE C 101 -43.34 -42.19 8.59
N GLY C 102 -42.33 -42.11 9.42
CA GLY C 102 -41.83 -43.26 10.15
C GLY C 102 -40.77 -44.13 9.49
N TYR C 103 -39.91 -43.54 8.69
CA TYR C 103 -38.85 -44.28 8.01
C TYR C 103 -37.86 -43.31 7.41
N GLY C 104 -36.65 -43.79 7.16
CA GLY C 104 -35.53 -42.97 6.67
C GLY C 104 -34.94 -43.55 5.41
N ALA C 105 -33.92 -42.86 4.88
CA ALA C 105 -33.28 -43.25 3.61
C ALA C 105 -32.80 -44.69 3.58
N LYS C 106 -32.44 -45.16 4.75
CA LYS C 106 -31.76 -46.42 4.95
C LYS C 106 -32.80 -47.53 4.81
N ASP C 107 -34.00 -47.29 5.35
CA ASP C 107 -35.15 -48.13 5.10
C ASP C 107 -35.55 -48.12 3.64
N VAL C 108 -35.52 -46.95 3.02
CA VAL C 108 -35.84 -46.85 1.60
C VAL C 108 -34.87 -47.73 0.78
N ARG C 109 -33.57 -47.52 0.98
CA ARG C 109 -32.55 -48.29 0.25
C ARG C 109 -32.69 -49.80 0.44
N ASN C 110 -33.20 -50.20 1.60
CA ASN C 110 -33.44 -51.62 1.90
C ASN C 110 -34.75 -52.20 1.39
N LEU C 111 -35.60 -51.36 0.79
CA LEU C 111 -36.93 -51.79 0.37
C LEU C 111 -37.73 -52.33 1.53
N SER C 112 -37.62 -51.67 2.69
CA SER C 112 -38.47 -52.07 3.83
C SER C 112 -39.89 -51.84 3.40
N SER C 113 -40.77 -52.77 3.77
CA SER C 113 -42.16 -52.74 3.30
C SER C 113 -42.94 -51.57 3.86
N LYS C 114 -42.47 -50.98 4.95
CA LYS C 114 -43.11 -49.80 5.51
C LYS C 114 -42.92 -48.60 4.64
N ALA C 115 -41.67 -48.37 4.22
CA ALA C 115 -41.35 -47.24 3.33
C ALA C 115 -41.99 -47.42 1.97
N VAL C 116 -41.88 -48.61 1.40
CA VAL C 116 -42.42 -48.88 0.08
C VAL C 116 -43.94 -48.80 0.06
N ASN C 117 -44.62 -49.32 1.08
CA ASN C 117 -46.05 -49.10 1.20
C ASN C 117 -46.44 -47.63 1.24
N HIS C 118 -45.67 -46.80 1.93
CA HIS C 118 -45.97 -45.35 2.00
C HIS C 118 -45.75 -44.68 0.64
N ILE C 119 -44.60 -44.97 0.06
CA ILE C 119 -44.27 -44.53 -1.27
C ILE C 119 -45.40 -44.85 -2.22
N HIS C 120 -45.93 -46.08 -2.14
CA HIS C 120 -47.08 -46.53 -2.97
C HIS C 120 -48.31 -45.65 -2.77
N SER C 121 -48.58 -45.35 -1.50
CA SER C 121 -49.74 -44.57 -1.13
C SER C 121 -49.58 -43.11 -1.55
N VAL C 122 -48.37 -42.57 -1.41
CA VAL C 122 -48.10 -41.21 -1.90
C VAL C 122 -48.27 -41.11 -3.43
N TRP C 123 -47.86 -42.15 -4.16
CA TRP C 123 -48.03 -42.23 -5.62
C TRP C 123 -49.50 -42.27 -6.07
N LYS C 124 -50.29 -43.01 -5.32
CA LYS C 124 -51.71 -43.10 -5.54
C LYS C 124 -52.38 -41.74 -5.29
N ASP C 125 -51.97 -41.05 -4.24
CA ASP C 125 -52.63 -39.82 -3.86
C ASP C 125 -52.29 -38.81 -4.94
N LEU C 126 -51.07 -38.91 -5.48
CA LEU C 126 -50.67 -38.09 -6.63
C LEU C 126 -51.59 -38.28 -7.85
N LEU C 127 -51.94 -39.53 -8.14
CA LEU C 127 -52.85 -39.85 -9.23
C LEU C 127 -54.30 -39.45 -8.96
N GLU C 128 -54.73 -39.47 -7.70
CA GLU C 128 -56.15 -39.19 -7.34
C GLU C 128 -56.43 -37.71 -7.10
N ASP C 129 -55.37 -36.97 -6.80
CA ASP C 129 -55.45 -35.55 -6.45
C ASP C 129 -54.36 -34.79 -7.24
N THR C 130 -54.76 -33.81 -8.05
CA THR C 130 -53.84 -33.05 -8.91
C THR C 130 -53.88 -31.59 -8.49
N VAL C 131 -54.33 -31.33 -7.26
CA VAL C 131 -54.68 -29.98 -6.84
C VAL C 131 -54.05 -29.59 -5.54
N THR C 132 -54.16 -30.42 -4.50
CA THR C 132 -53.80 -29.97 -3.13
C THR C 132 -52.31 -29.74 -3.01
N PRO C 133 -51.91 -28.48 -2.74
CA PRO C 133 -50.49 -28.22 -2.56
C PRO C 133 -49.88 -29.25 -1.63
N ILE C 134 -48.59 -29.49 -1.82
CA ILE C 134 -47.83 -30.42 -1.03
C ILE C 134 -46.86 -29.66 -0.15
N ASP C 135 -46.74 -30.16 1.08
CA ASP C 135 -45.90 -29.55 2.09
C ASP C 135 -44.42 -29.60 1.69
N THR C 136 -43.70 -28.52 2.05
CA THR C 136 -42.25 -28.41 1.92
C THR C 136 -41.58 -27.86 3.16
N THR C 137 -40.43 -28.40 3.47
CA THR C 137 -39.64 -27.85 4.51
C THR C 137 -38.80 -26.73 3.93
N ILE C 138 -38.47 -25.74 4.74
CA ILE C 138 -37.63 -24.62 4.34
C ILE C 138 -36.49 -24.40 5.34
N MET C 139 -35.28 -24.37 4.80
CA MET C 139 -34.07 -24.41 5.59
C MET C 139 -33.16 -23.30 5.11
N ALA C 140 -32.16 -22.94 5.91
CA ALA C 140 -31.08 -22.07 5.47
C ALA C 140 -29.86 -22.96 5.33
N LYS C 141 -29.18 -22.88 4.19
CA LYS C 141 -27.99 -23.70 3.95
C LYS C 141 -26.75 -23.22 4.70
N ASN C 142 -25.88 -24.17 5.03
CA ASN C 142 -24.56 -23.92 5.59
C ASN C 142 -23.54 -24.17 4.49
N GLU C 143 -23.01 -23.07 3.94
CA GLU C 143 -21.97 -23.09 2.94
C GLU C 143 -20.82 -22.22 3.40
N VAL C 144 -19.59 -22.69 3.15
CA VAL C 144 -18.39 -21.94 3.51
C VAL C 144 -17.98 -21.00 2.36
N PHE C 145 -17.49 -19.83 2.74
CA PHE C 145 -17.03 -18.79 1.80
C PHE C 145 -15.83 -18.04 2.39
N CYS C 146 -15.23 -17.15 1.63
CA CYS C 146 -14.20 -16.28 2.16
C CYS C 146 -14.71 -14.85 2.18
N VAL C 147 -14.43 -14.18 3.27
CA VAL C 147 -14.70 -12.76 3.43
C VAL C 147 -14.37 -12.01 2.15
N GLN C 148 -15.31 -11.17 1.72
CA GLN C 148 -15.05 -10.19 0.68
C GLN C 148 -14.49 -10.89 -0.56
N ARG C 154 -20.49 -10.02 2.88
CA ARG C 154 -20.75 -11.40 3.28
C ARG C 154 -22.05 -11.90 2.70
N LYS C 155 -22.12 -13.22 2.43
CA LYS C 155 -23.32 -13.82 1.83
C LYS C 155 -24.35 -14.21 2.87
N PRO C 156 -25.61 -13.85 2.61
CA PRO C 156 -26.72 -14.47 3.31
C PRO C 156 -26.81 -15.96 2.97
N ALA C 157 -27.16 -16.78 3.95
CA ALA C 157 -27.47 -18.16 3.66
C ALA C 157 -28.47 -18.28 2.52
N ARG C 158 -28.33 -19.34 1.73
CA ARG C 158 -29.27 -19.64 0.64
C ARG C 158 -30.40 -20.46 1.25
N LEU C 159 -31.63 -20.22 0.76
CA LEU C 159 -32.81 -20.93 1.24
C LEU C 159 -32.98 -22.24 0.46
N ILE C 160 -33.07 -23.38 1.14
CA ILE C 160 -33.38 -24.61 0.43
C ILE C 160 -34.81 -24.98 0.77
N VAL C 161 -35.54 -25.43 -0.23
CA VAL C 161 -36.93 -25.83 -0.11
C VAL C 161 -37.03 -27.24 -0.72
N PHE C 162 -37.63 -28.18 0.03
CA PHE C 162 -37.79 -29.59 -0.41
C PHE C 162 -38.93 -30.34 0.30
N PRO C 163 -39.49 -31.36 -0.36
CA PRO C 163 -40.61 -32.13 0.19
C PRO C 163 -40.20 -33.40 0.93
N ASP C 164 -41.18 -34.10 1.50
CA ASP C 164 -40.90 -35.32 2.24
C ASP C 164 -40.20 -36.41 1.38
N LEU C 165 -39.40 -37.25 2.03
CA LEU C 165 -38.70 -38.34 1.35
C LEU C 165 -39.62 -39.15 0.46
N GLY C 166 -40.85 -39.38 0.92
CA GLY C 166 -41.78 -40.20 0.16
C GLY C 166 -42.04 -39.66 -1.21
N VAL C 167 -42.35 -38.38 -1.25
CA VAL C 167 -42.62 -37.67 -2.49
C VAL C 167 -41.38 -37.66 -3.39
N ARG C 168 -40.22 -37.37 -2.82
CA ARG C 168 -38.97 -37.37 -3.57
C ARG C 168 -38.76 -38.68 -4.30
N VAL C 169 -39.10 -39.80 -3.67
CA VAL C 169 -38.96 -41.08 -4.36
C VAL C 169 -39.98 -41.22 -5.49
N CYS C 170 -41.17 -40.69 -5.29
CA CYS C 170 -42.14 -40.59 -6.41
C CYS C 170 -41.63 -39.66 -7.53
N GLU C 171 -40.88 -38.60 -7.20
CA GLU C 171 -40.38 -37.71 -8.25
C GLU C 171 -39.47 -38.49 -9.18
N LYS C 172 -38.63 -39.30 -8.56
CA LYS C 172 -37.73 -40.18 -9.24
C LYS C 172 -38.51 -41.07 -10.19
N MET C 173 -39.55 -41.70 -9.69
CA MET C 173 -40.29 -42.61 -10.54
C MET C 173 -40.79 -41.87 -11.79
N ALA C 174 -41.52 -40.79 -11.57
CA ALA C 174 -42.15 -40.05 -12.67
C ALA C 174 -41.20 -39.43 -13.66
N LEU C 175 -40.04 -38.99 -13.18
CA LEU C 175 -39.26 -38.01 -13.90
C LEU C 175 -37.76 -38.24 -13.98
N TYR C 176 -37.21 -39.25 -13.30
CA TYR C 176 -35.76 -39.44 -13.38
C TYR C 176 -35.35 -39.68 -14.83
N ASP C 177 -36.08 -40.54 -15.54
CA ASP C 177 -35.74 -40.79 -16.93
C ASP C 177 -35.79 -39.48 -17.71
N VAL C 178 -36.93 -38.80 -17.65
CA VAL C 178 -37.09 -37.50 -18.32
C VAL C 178 -35.93 -36.51 -18.10
N VAL C 179 -35.54 -36.24 -16.86
CA VAL C 179 -34.50 -35.23 -16.59
C VAL C 179 -33.07 -35.72 -16.90
N SER C 180 -32.90 -37.03 -17.06
CA SER C 180 -31.63 -37.58 -17.47
C SER C 180 -31.39 -37.59 -18.98
N THR C 181 -32.36 -37.13 -19.77
CA THR C 181 -32.50 -37.52 -21.18
C THR C 181 -33.04 -36.39 -22.04
N LEU C 182 -34.14 -35.78 -21.62
CA LEU C 182 -34.78 -34.72 -22.39
C LEU C 182 -33.88 -33.49 -22.66
N PRO C 183 -33.29 -32.90 -21.61
CA PRO C 183 -32.53 -31.66 -21.83
C PRO C 183 -31.51 -31.78 -22.95
N GLN C 184 -30.71 -32.84 -22.97
CA GLN C 184 -29.68 -32.97 -24.01
C GLN C 184 -30.33 -32.86 -25.39
N VAL C 185 -31.38 -33.63 -25.63
CA VAL C 185 -32.05 -33.62 -26.93
C VAL C 185 -32.69 -32.28 -27.24
N VAL C 186 -33.32 -31.67 -26.25
CA VAL C 186 -34.01 -30.43 -26.55
C VAL C 186 -32.96 -29.44 -26.97
N MET C 187 -31.86 -29.39 -26.21
CA MET C 187 -30.90 -28.27 -26.22
C MET C 187 -29.55 -28.52 -26.87
N GLY C 188 -29.31 -29.74 -27.32
CA GLY C 188 -28.05 -30.08 -27.98
C GLY C 188 -26.82 -29.65 -27.19
N SER C 189 -25.84 -29.12 -27.92
CA SER C 189 -24.55 -28.80 -27.35
C SER C 189 -24.61 -27.58 -26.44
N SER C 190 -25.74 -26.89 -26.40
CA SER C 190 -25.92 -25.88 -25.35
C SER C 190 -26.12 -26.49 -23.94
N TYR C 191 -26.30 -27.80 -23.85
CA TYR C 191 -26.63 -28.41 -22.58
C TYR C 191 -25.33 -28.67 -21.87
N GLY C 192 -25.09 -27.93 -20.79
CA GLY C 192 -23.76 -27.93 -20.17
C GLY C 192 -23.39 -29.24 -19.52
N PHE C 193 -24.38 -29.96 -19.00
CA PHE C 193 -24.10 -31.02 -18.05
C PHE C 193 -23.73 -32.31 -18.74
N GLN C 194 -23.76 -32.32 -20.07
CA GLN C 194 -23.18 -33.41 -20.88
C GLN C 194 -21.67 -33.29 -21.03
N TYR C 195 -21.07 -32.21 -20.51
CA TYR C 195 -19.64 -31.99 -20.71
C TYR C 195 -18.87 -32.26 -19.44
N SER C 196 -17.82 -33.09 -19.55
CA SER C 196 -16.76 -33.12 -18.55
C SER C 196 -15.97 -31.81 -18.70
N PRO C 197 -15.05 -31.54 -17.79
CA PRO C 197 -14.38 -30.24 -17.86
C PRO C 197 -13.55 -30.06 -19.12
N GLY C 198 -12.82 -31.09 -19.51
CA GLY C 198 -12.08 -31.08 -20.78
C GLY C 198 -12.96 -31.01 -22.03
N GLN C 199 -14.07 -31.74 -21.98
CA GLN C 199 -15.09 -31.64 -23.02
C GLN C 199 -15.69 -30.23 -23.11
N ARG C 200 -15.73 -29.52 -21.98
CA ARG C 200 -16.30 -28.17 -21.94
C ARG C 200 -15.35 -27.09 -22.45
N VAL C 201 -14.06 -27.21 -22.17
CA VAL C 201 -13.08 -26.27 -22.73
C VAL C 201 -12.98 -26.44 -24.26
N GLU C 202 -12.81 -27.70 -24.66
CA GLU C 202 -12.87 -28.08 -26.05
C GLU C 202 -14.09 -27.49 -26.74
N PHE C 203 -15.26 -27.59 -26.13
CA PHE C 203 -16.41 -26.97 -26.77
C PHE C 203 -16.32 -25.42 -26.82
N LEU C 204 -16.01 -24.78 -25.71
CA LEU C 204 -15.86 -23.33 -25.68
C LEU C 204 -14.77 -22.83 -26.61
N VAL C 205 -13.61 -23.47 -26.57
CA VAL C 205 -12.48 -23.04 -27.40
C VAL C 205 -12.84 -23.16 -28.87
N ASN C 206 -13.37 -24.31 -29.28
CA ASN C 206 -13.74 -24.46 -30.67
C ASN C 206 -14.86 -23.53 -31.10
N THR C 207 -15.87 -23.27 -30.26
CA THR C 207 -16.90 -22.37 -30.76
C THR C 207 -16.33 -20.93 -30.83
N TRP C 208 -15.35 -20.62 -30.00
CA TRP C 208 -14.70 -19.32 -30.05
C TRP C 208 -13.90 -19.15 -31.32
N LYS C 209 -13.11 -20.16 -31.67
CA LYS C 209 -12.34 -20.14 -32.94
C LYS C 209 -13.23 -20.14 -34.17
N SER C 210 -14.42 -20.73 -34.08
CA SER C 210 -15.32 -20.83 -35.22
C SER C 210 -15.92 -19.50 -35.64
N LYS C 211 -15.87 -18.48 -34.78
CA LYS C 211 -16.34 -17.13 -35.13
C LYS C 211 -15.32 -16.35 -35.95
N LYS C 212 -15.81 -15.59 -36.92
CA LYS C 212 -14.94 -14.66 -37.66
C LYS C 212 -14.32 -13.62 -36.76
N ASN C 213 -15.17 -13.00 -35.98
CA ASN C 213 -14.81 -11.94 -35.09
C ASN C 213 -15.56 -12.14 -33.75
N PRO C 214 -14.99 -12.96 -32.84
CA PRO C 214 -15.79 -13.49 -31.74
C PRO C 214 -16.03 -12.49 -30.62
N MET C 215 -17.19 -12.62 -29.98
CA MET C 215 -17.54 -11.84 -28.81
C MET C 215 -18.29 -12.73 -27.85
N GLY C 216 -18.02 -12.60 -26.55
CA GLY C 216 -18.66 -13.44 -25.53
C GLY C 216 -19.10 -12.73 -24.26
N PHE C 217 -20.14 -13.23 -23.61
CA PHE C 217 -20.59 -12.66 -22.35
C PHE C 217 -21.30 -13.71 -21.53
N SER C 218 -21.05 -13.73 -20.23
CA SER C 218 -21.91 -14.40 -19.27
C SER C 218 -22.99 -13.41 -18.82
N TYR C 219 -24.10 -13.94 -18.33
CA TYR C 219 -25.26 -13.15 -17.89
C TYR C 219 -25.68 -13.73 -16.57
N ASP C 220 -25.49 -12.97 -15.52
CA ASP C 220 -25.92 -13.41 -14.21
C ASP C 220 -27.33 -12.90 -14.00
N THR C 221 -28.28 -13.84 -13.93
CA THR C 221 -29.64 -13.53 -13.56
C THR C 221 -29.77 -13.37 -12.06
N ARG C 222 -30.51 -12.36 -11.65
CA ARG C 222 -30.63 -11.95 -10.26
C ARG C 222 -31.53 -12.94 -9.51
N CYS C 223 -30.95 -13.84 -8.74
CA CYS C 223 -31.73 -14.76 -7.91
C CYS C 223 -32.72 -15.52 -8.76
N PHE C 224 -32.21 -16.40 -9.60
CA PHE C 224 -32.98 -17.04 -10.69
C PHE C 224 -34.20 -17.78 -10.20
N ASP C 225 -34.01 -18.62 -9.20
CA ASP C 225 -35.10 -19.37 -8.60
C ASP C 225 -36.30 -18.47 -8.31
N SER C 226 -36.09 -17.28 -7.78
CA SER C 226 -37.21 -16.38 -7.51
C SER C 226 -37.89 -15.95 -8.79
N THR C 227 -37.11 -15.79 -9.86
CA THR C 227 -37.60 -15.19 -11.11
C THR C 227 -38.43 -16.16 -11.92
N VAL C 228 -38.20 -17.45 -11.70
CA VAL C 228 -39.00 -18.50 -12.33
C VAL C 228 -40.45 -18.40 -11.88
N THR C 229 -41.31 -18.05 -12.82
CA THR C 229 -42.73 -17.90 -12.56
C THR C 229 -43.47 -19.21 -12.66
N GLU C 230 -44.63 -19.26 -12.03
CA GLU C 230 -45.50 -20.42 -12.09
C GLU C 230 -45.91 -20.72 -13.56
N ASN C 231 -45.98 -19.69 -14.40
CA ASN C 231 -46.10 -19.90 -15.87
C ASN C 231 -44.93 -20.68 -16.46
N ASP C 232 -43.71 -20.22 -16.18
CA ASP C 232 -42.49 -20.89 -16.62
C ASP C 232 -42.56 -22.35 -16.33
N ILE C 233 -43.04 -22.69 -15.14
CA ILE C 233 -43.07 -24.07 -14.68
C ILE C 233 -44.08 -24.93 -15.40
N ARG C 234 -45.22 -24.35 -15.79
CA ARG C 234 -46.19 -25.09 -16.65
C ARG C 234 -45.69 -25.30 -18.09
N VAL C 235 -44.85 -24.38 -18.58
CA VAL C 235 -44.25 -24.50 -19.93
C VAL C 235 -43.27 -25.69 -19.91
N GLU C 236 -42.39 -25.62 -18.92
CA GLU C 236 -41.49 -26.69 -18.54
C GLU C 236 -42.25 -28.02 -18.43
N GLU C 237 -43.44 -28.00 -17.86
CA GLU C 237 -44.23 -29.21 -17.88
C GLU C 237 -44.72 -29.52 -19.28
N SER C 238 -45.36 -28.55 -19.94
CA SER C 238 -45.86 -28.79 -21.28
C SER C 238 -44.79 -29.54 -22.07
N ILE C 239 -43.54 -29.07 -21.95
CA ILE C 239 -42.37 -29.70 -22.59
C ILE C 239 -42.17 -31.16 -22.21
N TYR C 240 -42.19 -31.50 -20.91
CA TYR C 240 -42.08 -32.91 -20.49
C TYR C 240 -43.20 -33.76 -21.15
N GLN C 241 -44.42 -33.21 -21.21
CA GLN C 241 -45.55 -33.93 -21.78
C GLN C 241 -45.37 -34.27 -23.25
N CYS C 242 -44.61 -33.46 -23.99
CA CYS C 242 -44.34 -33.81 -25.39
C CYS C 242 -43.69 -35.17 -25.50
N CYS C 243 -42.97 -35.59 -24.45
CA CYS C 243 -42.34 -36.88 -24.49
C CYS C 243 -43.38 -37.96 -24.68
N ASP C 244 -42.95 -39.07 -25.25
CA ASP C 244 -43.79 -40.26 -25.32
C ASP C 244 -43.74 -40.93 -23.97
N LEU C 245 -44.85 -40.81 -23.24
CA LEU C 245 -44.90 -41.31 -21.86
C LEU C 245 -45.94 -42.42 -21.66
N ALA C 246 -45.73 -43.18 -20.60
CA ALA C 246 -46.78 -43.99 -20.03
C ALA C 246 -47.84 -43.03 -19.50
N PRO C 247 -49.13 -43.44 -19.54
CA PRO C 247 -50.18 -42.49 -19.14
C PRO C 247 -50.23 -42.28 -17.62
N GLU C 248 -49.68 -43.20 -16.84
CA GLU C 248 -49.57 -43.04 -15.39
C GLU C 248 -48.48 -42.01 -15.00
N ALA C 249 -47.39 -41.95 -15.78
CA ALA C 249 -46.37 -40.91 -15.67
C ALA C 249 -46.89 -39.52 -16.04
N ARG C 250 -47.78 -39.45 -17.03
CA ARG C 250 -48.34 -38.14 -17.43
C ARG C 250 -49.13 -37.57 -16.28
N GLN C 251 -49.86 -38.44 -15.59
CA GLN C 251 -50.75 -37.98 -14.52
C GLN C 251 -49.97 -37.55 -13.27
N ALA C 252 -48.88 -38.27 -12.99
CA ALA C 252 -48.05 -37.96 -11.84
C ALA C 252 -47.29 -36.67 -12.08
N ILE C 253 -46.90 -36.46 -13.34
CA ILE C 253 -46.20 -35.25 -13.75
C ILE C 253 -47.14 -34.05 -13.64
N LYS C 254 -48.39 -34.18 -14.09
CA LYS C 254 -49.33 -33.07 -13.98
C LYS C 254 -49.53 -32.79 -12.49
N SER C 255 -49.71 -33.85 -11.72
CA SER C 255 -50.01 -33.70 -10.31
C SER C 255 -48.84 -32.99 -9.61
N LEU C 256 -47.65 -33.53 -9.80
CA LEU C 256 -46.47 -32.98 -9.16
C LEU C 256 -46.26 -31.54 -9.52
N THR C 257 -46.51 -31.16 -10.77
CA THR C 257 -46.13 -29.81 -11.13
C THR C 257 -47.12 -28.87 -10.48
N GLU C 258 -48.37 -29.29 -10.40
CA GLU C 258 -49.43 -28.45 -9.84
C GLU C 258 -49.44 -28.38 -8.31
N ARG C 259 -49.10 -29.48 -7.66
CA ARG C 259 -49.05 -29.51 -6.19
C ARG C 259 -47.67 -29.18 -5.54
N LEU C 260 -46.61 -28.98 -6.34
CA LEU C 260 -45.21 -28.87 -5.83
C LEU C 260 -44.26 -27.95 -6.63
N TYR C 261 -44.09 -28.22 -7.92
CA TYR C 261 -43.18 -27.41 -8.72
C TYR C 261 -43.71 -25.98 -8.86
N ILE C 262 -44.99 -25.83 -9.19
CA ILE C 262 -45.63 -24.54 -9.29
C ILE C 262 -45.48 -23.68 -8.03
N GLY C 263 -45.54 -24.29 -6.85
CA GLY C 263 -45.64 -23.50 -5.62
C GLY C 263 -46.08 -24.38 -4.49
N GLY C 264 -46.16 -23.80 -3.30
CA GLY C 264 -46.74 -24.52 -2.12
C GLY C 264 -46.41 -23.93 -0.75
N PRO C 265 -46.91 -24.55 0.33
CA PRO C 265 -46.64 -23.99 1.65
C PRO C 265 -45.19 -24.27 2.16
N LEU C 266 -44.66 -23.32 2.95
CA LEU C 266 -43.33 -23.42 3.57
C LEU C 266 -43.36 -23.66 5.09
N THR C 267 -42.65 -24.67 5.55
CA THR C 267 -42.74 -25.08 6.94
C THR C 267 -41.36 -25.26 7.54
N ASN C 268 -40.96 -24.41 8.50
CA ASN C 268 -39.64 -24.52 9.13
C ASN C 268 -39.52 -25.77 9.99
N SER C 269 -38.31 -26.01 10.51
CA SER C 269 -37.94 -27.27 11.16
C SER C 269 -38.77 -27.67 12.40
N LYS C 270 -39.44 -26.71 13.04
CA LYS C 270 -40.32 -26.98 14.18
C LYS C 270 -41.79 -27.09 13.75
N GLY C 271 -42.05 -27.45 12.51
CA GLY C 271 -43.43 -27.59 12.02
C GLY C 271 -44.27 -26.32 12.02
N GLN C 272 -43.68 -25.15 12.21
CA GLN C 272 -44.45 -23.91 12.08
C GLN C 272 -44.51 -23.61 10.63
N ASN C 273 -45.45 -22.75 10.26
CA ASN C 273 -45.61 -22.36 8.87
C ASN C 273 -44.96 -20.99 8.61
N CYS C 274 -43.99 -20.94 7.68
CA CYS C 274 -43.32 -19.69 7.29
C CYS C 274 -43.95 -18.96 6.13
N GLY C 275 -44.85 -19.61 5.41
CA GLY C 275 -45.52 -18.93 4.34
C GLY C 275 -45.76 -19.79 3.13
N TYR C 276 -45.59 -19.19 1.96
CA TYR C 276 -45.98 -19.83 0.72
C TYR C 276 -44.98 -19.41 -0.37
N ARG C 277 -44.61 -20.36 -1.22
CA ARG C 277 -43.68 -20.10 -2.32
C ARG C 277 -44.49 -20.18 -3.60
N ARG C 278 -44.17 -19.31 -4.57
CA ARG C 278 -44.75 -19.37 -5.92
C ARG C 278 -43.70 -19.35 -7.05
N CYS C 279 -42.53 -19.92 -6.77
CA CYS C 279 -41.39 -19.89 -7.69
C CYS C 279 -40.65 -21.24 -7.59
N ARG C 280 -39.47 -21.32 -8.14
CA ARG C 280 -38.72 -22.58 -8.10
C ARG C 280 -38.35 -22.95 -6.69
N ALA C 281 -38.64 -24.19 -6.30
CA ALA C 281 -37.98 -24.76 -5.12
C ALA C 281 -36.61 -25.26 -5.55
N SER C 282 -35.62 -25.01 -4.71
CA SER C 282 -34.28 -25.46 -5.02
C SER C 282 -34.13 -26.97 -4.78
N GLY C 283 -34.98 -27.57 -3.96
CA GLY C 283 -34.77 -28.97 -3.52
C GLY C 283 -35.68 -30.06 -4.05
N VAL C 284 -35.93 -30.01 -5.35
CA VAL C 284 -36.76 -30.98 -6.04
C VAL C 284 -36.02 -31.52 -7.27
N LEU C 285 -36.53 -32.59 -7.86
CA LEU C 285 -35.81 -33.30 -8.92
C LEU C 285 -35.71 -32.50 -10.22
N THR C 286 -36.67 -31.63 -10.47
CA THR C 286 -36.77 -30.99 -11.76
C THR C 286 -36.04 -29.62 -11.78
N THR C 287 -35.39 -29.24 -10.68
CA THR C 287 -34.82 -27.93 -10.54
C THR C 287 -33.72 -27.70 -11.57
N SER C 288 -32.72 -28.58 -11.61
CA SER C 288 -31.64 -28.46 -12.61
C SER C 288 -32.17 -28.47 -14.04
N CYS C 289 -33.00 -29.45 -14.37
CA CYS C 289 -33.55 -29.50 -15.72
C CYS C 289 -34.40 -28.26 -16.00
N GLY C 290 -35.35 -28.00 -15.13
CA GLY C 290 -36.27 -26.86 -15.28
C GLY C 290 -35.53 -25.56 -15.50
N ASN C 291 -34.59 -25.26 -14.60
CA ASN C 291 -33.86 -23.99 -14.66
C ASN C 291 -33.04 -23.89 -15.91
N THR C 292 -32.41 -25.01 -16.27
CA THR C 292 -31.66 -25.13 -17.51
C THR C 292 -32.58 -24.89 -18.70
N LEU C 293 -33.72 -25.58 -18.75
CA LEU C 293 -34.69 -25.37 -19.86
C LEU C 293 -35.27 -23.96 -19.88
N THR C 294 -35.55 -23.39 -18.72
CA THR C 294 -36.10 -22.06 -18.65
C THR C 294 -35.04 -20.97 -19.00
N CYS C 295 -33.76 -21.24 -18.80
CA CYS C 295 -32.68 -20.27 -19.12
C CYS C 295 -32.37 -20.27 -20.60
N TYR C 296 -32.37 -21.47 -21.17
CA TYR C 296 -32.13 -21.62 -22.60
C TYR C 296 -33.27 -20.99 -23.38
N LEU C 297 -34.51 -21.23 -22.94
CA LEU C 297 -35.68 -20.66 -23.62
C LEU C 297 -35.60 -19.14 -23.62
N LYS C 298 -35.49 -18.54 -22.44
CA LYS C 298 -35.50 -17.09 -22.31
C LYS C 298 -34.32 -16.42 -22.99
N ALA C 299 -33.14 -17.03 -22.90
CA ALA C 299 -31.93 -16.46 -23.46
C ALA C 299 -31.90 -16.61 -24.97
N SER C 300 -32.31 -17.78 -25.44
CA SER C 300 -32.38 -18.01 -26.88
C SER C 300 -33.26 -16.97 -27.48
N ALA C 301 -34.39 -16.70 -26.82
CA ALA C 301 -35.35 -15.72 -27.29
C ALA C 301 -34.78 -14.30 -27.23
N ALA C 302 -34.06 -13.98 -26.16
CA ALA C 302 -33.40 -12.65 -26.02
C ALA C 302 -32.26 -12.43 -27.01
N CYS C 303 -31.60 -13.50 -27.43
CA CYS C 303 -30.63 -13.40 -28.52
C CYS C 303 -31.30 -12.92 -29.80
N ARG C 304 -32.40 -13.57 -30.14
CA ARG C 304 -33.19 -13.18 -31.31
C ARG C 304 -33.63 -11.72 -31.24
N ALA C 305 -34.12 -11.28 -30.09
CA ALA C 305 -34.62 -9.88 -29.93
C ALA C 305 -33.54 -8.84 -30.18
N ALA C 306 -32.34 -9.10 -29.66
CA ALA C 306 -31.18 -8.21 -29.78
C ALA C 306 -30.39 -8.44 -31.08
N LYS C 307 -30.97 -9.20 -32.01
CA LYS C 307 -30.37 -9.42 -33.34
C LYS C 307 -28.88 -9.75 -33.20
N LEU C 308 -28.55 -10.62 -32.24
CA LEU C 308 -27.20 -11.06 -32.04
C LEU C 308 -26.95 -12.07 -33.11
N GLN C 309 -25.79 -12.00 -33.76
CA GLN C 309 -25.50 -12.85 -34.92
C GLN C 309 -24.76 -14.10 -34.55
N ASP C 310 -25.26 -15.23 -35.04
CA ASP C 310 -24.57 -16.51 -34.95
C ASP C 310 -24.18 -16.86 -33.50
N CYS C 311 -25.14 -16.77 -32.58
CA CYS C 311 -24.97 -17.18 -31.19
C CYS C 311 -24.77 -18.68 -30.98
N THR C 312 -23.75 -19.07 -30.24
CA THR C 312 -23.75 -20.39 -29.61
C THR C 312 -23.89 -20.18 -28.10
N MET C 313 -24.69 -21.00 -27.46
CA MET C 313 -24.92 -20.86 -26.03
C MET C 313 -24.44 -22.05 -25.22
N LEU C 314 -24.14 -21.78 -23.96
CA LEU C 314 -23.87 -22.85 -23.00
C LEU C 314 -24.67 -22.57 -21.75
N VAL C 315 -25.35 -23.57 -21.25
CA VAL C 315 -26.31 -23.40 -20.17
C VAL C 315 -26.18 -24.52 -19.11
N ASN C 316 -26.14 -24.09 -17.86
CA ASN C 316 -25.99 -24.97 -16.72
C ASN C 316 -26.92 -24.41 -15.65
N GLY C 317 -28.12 -24.98 -15.55
CA GLY C 317 -29.14 -24.37 -14.71
C GLY C 317 -29.27 -22.88 -15.00
N ASP C 318 -29.04 -22.04 -13.99
CA ASP C 318 -29.24 -20.59 -14.11
C ASP C 318 -28.03 -19.80 -14.62
N ASP C 319 -27.07 -20.50 -15.23
CA ASP C 319 -25.77 -19.94 -15.57
C ASP C 319 -25.60 -20.00 -17.07
N LEU C 320 -25.38 -18.84 -17.68
CA LEU C 320 -25.43 -18.69 -19.12
C LEU C 320 -24.17 -18.06 -19.69
N VAL C 321 -23.63 -18.66 -20.76
CA VAL C 321 -22.64 -18.03 -21.62
C VAL C 321 -23.12 -18.02 -23.05
N VAL C 322 -22.98 -16.88 -23.71
CA VAL C 322 -23.21 -16.79 -25.13
C VAL C 322 -21.90 -16.42 -25.80
N ILE C 323 -21.59 -17.08 -26.91
CA ILE C 323 -20.50 -16.68 -27.77
C ILE C 323 -21.07 -16.42 -29.16
N CYS C 324 -20.72 -15.29 -29.75
CA CYS C 324 -21.36 -14.88 -30.99
C CYS C 324 -20.43 -14.07 -31.91
N GLU C 325 -20.97 -13.59 -33.03
CA GLU C 325 -20.19 -12.75 -33.94
C GLU C 325 -20.34 -11.31 -33.50
N SER C 326 -19.22 -10.65 -33.24
CA SER C 326 -19.24 -9.23 -32.88
C SER C 326 -19.65 -8.42 -34.07
N ALA C 327 -20.40 -7.35 -33.80
CA ALA C 327 -20.82 -6.41 -34.82
C ALA C 327 -20.10 -5.08 -34.65
N GLY C 328 -19.03 -5.05 -33.85
CA GLY C 328 -18.36 -3.77 -33.48
C GLY C 328 -18.59 -3.50 -32.00
N THR C 329 -17.70 -2.73 -31.38
CA THR C 329 -17.68 -2.61 -29.93
C THR C 329 -18.83 -1.79 -29.37
N GLN C 330 -19.18 -0.68 -30.03
CA GLN C 330 -20.41 0.07 -29.69
C GLN C 330 -21.60 -0.83 -29.86
N GLU C 331 -21.70 -1.36 -31.08
CA GLU C 331 -22.87 -2.07 -31.51
C GLU C 331 -23.11 -3.23 -30.57
N ASP C 332 -22.02 -3.92 -30.24
CA ASP C 332 -22.03 -4.92 -29.19
C ASP C 332 -22.69 -4.39 -27.90
N ALA C 333 -22.03 -3.44 -27.24
CA ALA C 333 -22.49 -2.87 -25.96
C ALA C 333 -24.02 -2.68 -25.93
N ALA C 334 -24.55 -2.22 -27.07
CA ALA C 334 -25.96 -1.85 -27.24
C ALA C 334 -26.81 -3.08 -27.35
N SER C 335 -26.48 -3.94 -28.30
CA SER C 335 -27.23 -5.18 -28.49
C SER C 335 -27.23 -6.00 -27.19
N LEU C 336 -26.18 -5.87 -26.37
CA LEU C 336 -26.22 -6.35 -24.98
C LEU C 336 -27.28 -5.72 -24.06
N ARG C 337 -27.40 -4.40 -24.07
CA ARG C 337 -28.48 -3.74 -23.33
C ARG C 337 -29.87 -4.19 -23.82
N VAL C 338 -29.99 -4.52 -25.10
CA VAL C 338 -31.28 -4.99 -25.64
C VAL C 338 -31.55 -6.41 -25.12
N PHE C 339 -30.54 -7.26 -25.25
CA PHE C 339 -30.58 -8.60 -24.70
C PHE C 339 -31.01 -8.53 -23.24
N THR C 340 -30.36 -7.69 -22.45
CA THR C 340 -30.75 -7.51 -21.05
C THR C 340 -32.20 -7.08 -20.88
N GLU C 341 -32.66 -6.13 -21.69
CA GLU C 341 -34.05 -5.69 -21.59
C GLU C 341 -35.00 -6.85 -21.81
N ALA C 342 -34.69 -7.66 -22.81
CA ALA C 342 -35.51 -8.82 -23.15
C ALA C 342 -35.60 -9.83 -22.01
N MET C 343 -34.48 -10.08 -21.35
CA MET C 343 -34.47 -11.05 -20.25
C MET C 343 -35.34 -10.54 -19.11
N THR C 344 -35.21 -9.25 -18.82
CA THR C 344 -36.02 -8.56 -17.80
C THR C 344 -37.54 -8.72 -18.06
N ARG C 345 -37.93 -8.56 -19.31
CA ARG C 345 -39.32 -8.75 -19.68
C ARG C 345 -39.72 -10.18 -19.42
N TYR C 346 -38.85 -11.14 -19.77
CA TYR C 346 -39.10 -12.57 -19.56
C TYR C 346 -39.00 -13.02 -18.09
N SER C 347 -38.72 -12.07 -17.19
CA SER C 347 -38.53 -12.30 -15.77
C SER C 347 -37.25 -13.10 -15.54
N ALA C 348 -36.15 -12.57 -16.06
CA ALA C 348 -34.84 -12.98 -15.62
C ALA C 348 -34.00 -11.71 -15.70
N PRO C 349 -34.23 -10.78 -14.77
CA PRO C 349 -33.46 -9.56 -14.76
C PRO C 349 -32.04 -9.80 -14.29
N PRO C 350 -31.16 -8.82 -14.54
CA PRO C 350 -29.74 -8.97 -14.31
C PRO C 350 -29.30 -8.70 -12.89
N GLY C 351 -28.38 -9.53 -12.37
CA GLY C 351 -27.60 -9.20 -11.15
C GLY C 351 -26.52 -8.17 -11.44
N ASP C 352 -25.31 -8.61 -11.71
CA ASP C 352 -24.32 -7.69 -12.29
C ASP C 352 -24.78 -7.51 -13.71
N PRO C 353 -24.73 -6.28 -14.23
CA PRO C 353 -25.09 -6.14 -15.65
C PRO C 353 -24.02 -6.80 -16.56
N PRO C 354 -24.45 -7.49 -17.63
CA PRO C 354 -23.57 -8.26 -18.51
C PRO C 354 -22.59 -7.40 -19.32
N GLN C 355 -21.44 -8.00 -19.70
CA GLN C 355 -20.38 -7.24 -20.36
C GLN C 355 -19.64 -8.02 -21.45
N PRO C 356 -19.46 -7.39 -22.62
CA PRO C 356 -18.88 -8.13 -23.71
C PRO C 356 -17.37 -8.27 -23.47
N GLU C 357 -16.85 -9.46 -23.73
CA GLU C 357 -15.44 -9.67 -23.67
C GLU C 357 -15.03 -10.11 -25.07
N TYR C 358 -13.79 -9.82 -25.42
CA TYR C 358 -13.22 -10.30 -26.67
C TYR C 358 -12.01 -11.17 -26.41
N ASP C 359 -11.97 -11.78 -25.23
CA ASP C 359 -10.90 -12.68 -24.83
C ASP C 359 -11.62 -13.75 -24.04
N LEU C 360 -11.63 -14.96 -24.59
CA LEU C 360 -12.27 -16.14 -23.99
C LEU C 360 -11.85 -16.35 -22.56
N GLU C 361 -10.58 -16.09 -22.30
CA GLU C 361 -9.98 -16.29 -21.01
C GLU C 361 -10.61 -15.42 -19.92
N LEU C 362 -11.17 -14.29 -20.29
CA LEU C 362 -11.71 -13.36 -19.33
C LEU C 362 -13.14 -13.64 -18.90
N ILE C 363 -13.81 -14.54 -19.62
CA ILE C 363 -15.20 -14.85 -19.38
C ILE C 363 -15.30 -15.85 -18.25
N THR C 364 -16.20 -15.64 -17.31
CA THR C 364 -16.51 -16.63 -16.31
C THR C 364 -17.88 -17.31 -16.48
N SER C 365 -17.87 -18.64 -16.43
CA SER C 365 -19.09 -19.42 -16.48
C SER C 365 -18.93 -20.78 -15.80
N CYS C 366 -20.00 -21.22 -15.14
CA CYS C 366 -19.93 -22.18 -14.04
C CYS C 366 -18.77 -21.86 -13.14
N SER C 367 -18.63 -20.60 -12.76
CA SER C 367 -17.58 -20.25 -11.80
C SER C 367 -16.18 -20.52 -12.35
N SER C 368 -16.06 -20.73 -13.66
CA SER C 368 -14.80 -21.11 -14.28
C SER C 368 -14.47 -20.29 -15.50
N ASN C 369 -13.19 -20.30 -15.84
CA ASN C 369 -12.70 -19.68 -17.06
C ASN C 369 -11.63 -20.57 -17.65
N VAL C 370 -11.49 -20.48 -18.95
CA VAL C 370 -10.48 -21.17 -19.70
C VAL C 370 -9.18 -20.44 -19.51
N SER C 371 -8.10 -21.17 -19.30
CA SER C 371 -6.73 -20.64 -19.34
C SER C 371 -5.88 -21.63 -20.16
N VAL C 372 -4.58 -21.35 -20.29
CA VAL C 372 -3.70 -22.12 -21.21
C VAL C 372 -2.36 -22.48 -20.55
N ALA C 373 -1.81 -23.62 -20.92
CA ALA C 373 -0.49 -24.02 -20.42
C ALA C 373 0.20 -24.86 -21.47
N HIS C 374 1.29 -25.52 -21.10
CA HIS C 374 2.00 -26.38 -22.03
C HIS C 374 2.32 -27.71 -21.40
N ASP C 375 2.35 -28.75 -22.22
CA ASP C 375 2.71 -30.09 -21.75
C ASP C 375 4.20 -30.28 -21.98
N ALA C 376 4.70 -31.45 -21.60
CA ALA C 376 6.12 -31.77 -21.76
C ALA C 376 6.67 -31.37 -23.15
N SER C 377 5.98 -31.78 -24.21
CA SER C 377 6.43 -31.48 -25.57
C SER C 377 6.46 -29.98 -25.84
N GLY C 378 5.68 -29.22 -25.08
CA GLY C 378 5.66 -27.76 -25.21
C GLY C 378 4.46 -27.26 -26.00
N LYS C 379 3.61 -28.19 -26.44
CA LYS C 379 2.39 -27.85 -27.16
C LYS C 379 1.48 -27.06 -26.22
N ARG C 380 0.52 -26.31 -26.75
CA ARG C 380 -0.35 -25.54 -25.87
C ARG C 380 -1.65 -26.30 -25.60
N VAL C 381 -2.08 -26.19 -24.35
CA VAL C 381 -3.11 -27.02 -23.80
C VAL C 381 -4.02 -26.07 -23.05
N TYR C 382 -5.30 -26.08 -23.41
CA TYR C 382 -6.28 -25.29 -22.72
C TYR C 382 -6.90 -26.19 -21.67
N TYR C 383 -7.26 -25.57 -20.57
CA TYR C 383 -7.77 -26.27 -19.42
C TYR C 383 -8.65 -25.27 -18.71
N LEU C 384 -9.39 -25.76 -17.74
CA LEU C 384 -10.42 -24.99 -17.11
C LEU C 384 -10.06 -24.78 -15.67
N THR C 385 -10.23 -23.56 -15.18
CA THR C 385 -9.81 -23.18 -13.83
C THR C 385 -10.74 -22.16 -13.21
N ARG C 386 -10.31 -21.57 -12.11
CA ARG C 386 -11.06 -20.55 -11.40
C ARG C 386 -10.18 -19.90 -10.35
N ASP C 387 -10.63 -18.75 -9.86
CA ASP C 387 -10.11 -18.17 -8.62
C ASP C 387 -10.36 -19.22 -7.54
N PRO C 388 -9.29 -19.66 -6.82
CA PRO C 388 -9.30 -20.77 -5.89
C PRO C 388 -9.69 -20.44 -4.46
N THR C 389 -10.03 -19.18 -4.21
CA THR C 389 -10.46 -18.72 -2.86
C THR C 389 -11.45 -19.63 -2.11
N THR C 390 -12.58 -19.88 -2.73
CA THR C 390 -13.64 -20.72 -2.16
C THR C 390 -13.16 -22.19 -1.98
N PRO C 391 -12.52 -22.77 -3.02
CA PRO C 391 -12.00 -24.13 -2.81
C PRO C 391 -11.06 -24.23 -1.61
N LEU C 392 -10.13 -23.31 -1.51
CA LEU C 392 -9.23 -23.26 -0.35
C LEU C 392 -9.98 -23.06 0.96
N ALA C 393 -10.79 -22.01 1.07
CA ALA C 393 -11.61 -21.81 2.27
C ALA C 393 -12.25 -23.11 2.75
N ARG C 394 -12.94 -23.76 1.84
CA ARG C 394 -13.75 -24.93 2.16
C ARG C 394 -12.84 -26.06 2.52
N ALA C 395 -11.70 -26.15 1.85
CA ALA C 395 -10.70 -27.19 2.17
C ALA C 395 -10.22 -27.01 3.61
N ALA C 396 -9.97 -25.76 4.00
CA ALA C 396 -9.54 -25.40 5.35
C ALA C 396 -10.62 -25.78 6.36
N TRP C 397 -11.86 -25.48 6.02
CA TRP C 397 -12.98 -25.92 6.87
C TRP C 397 -13.03 -27.42 6.96
N GLU C 398 -12.84 -28.07 5.82
CA GLU C 398 -13.03 -29.50 5.73
C GLU C 398 -12.01 -30.24 6.51
N THR C 399 -10.82 -29.66 6.65
CA THR C 399 -9.75 -30.29 7.43
C THR C 399 -9.92 -30.03 8.95
N ALA C 400 -10.50 -28.90 9.31
CA ALA C 400 -10.82 -28.56 10.70
C ALA C 400 -11.98 -29.39 11.23
N ARG C 401 -13.22 -28.96 11.02
CA ARG C 401 -14.39 -29.75 11.44
C ARG C 401 -14.55 -30.99 10.52
N HIS C 402 -14.90 -32.15 11.08
CA HIS C 402 -15.20 -33.34 10.26
C HIS C 402 -16.54 -33.14 9.55
N THR C 403 -16.60 -33.42 8.26
CA THR C 403 -17.87 -33.25 7.54
C THR C 403 -18.10 -34.32 6.49
N PRO C 404 -19.37 -34.73 6.31
CA PRO C 404 -19.67 -35.80 5.37
C PRO C 404 -19.40 -35.43 3.89
N VAL C 405 -19.32 -34.13 3.60
CA VAL C 405 -19.03 -33.62 2.26
C VAL C 405 -17.54 -33.23 2.10
N ASN C 406 -16.95 -33.63 0.97
CA ASN C 406 -15.51 -33.43 0.69
C ASN C 406 -15.27 -32.71 -0.63
N SER C 407 -15.49 -31.40 -0.61
CA SER C 407 -15.35 -30.57 -1.80
C SER C 407 -13.93 -30.61 -2.34
N TRP C 408 -12.94 -30.59 -1.46
CA TRP C 408 -11.56 -30.75 -1.91
C TRP C 408 -11.43 -31.82 -3.00
N LEU C 409 -11.94 -33.02 -2.76
CA LEU C 409 -11.85 -34.13 -3.73
C LEU C 409 -12.60 -33.88 -5.06
N GLY C 410 -13.78 -33.25 -4.98
CA GLY C 410 -14.53 -32.87 -6.14
C GLY C 410 -13.62 -31.96 -6.93
N ASN C 411 -13.11 -30.92 -6.26
CA ASN C 411 -12.26 -29.91 -6.86
C ASN C 411 -10.95 -30.44 -7.44
N ILE C 412 -10.35 -31.42 -6.78
CA ILE C 412 -9.19 -32.09 -7.33
C ILE C 412 -9.58 -32.72 -8.64
N ILE C 413 -10.71 -33.43 -8.67
CA ILE C 413 -11.19 -34.06 -9.90
C ILE C 413 -11.49 -33.04 -11.01
N MET C 414 -12.43 -32.11 -10.77
CA MET C 414 -12.79 -31.06 -11.73
C MET C 414 -11.63 -30.15 -12.15
N TYR C 415 -10.73 -29.86 -11.22
CA TYR C 415 -9.67 -28.91 -11.54
C TYR C 415 -8.28 -29.50 -11.44
N ALA C 416 -8.15 -30.78 -11.77
CA ALA C 416 -6.86 -31.49 -11.78
C ALA C 416 -5.69 -30.83 -12.54
N PRO C 417 -5.96 -30.17 -13.66
CA PRO C 417 -4.82 -29.57 -14.35
C PRO C 417 -4.36 -28.24 -13.76
N THR C 418 -5.12 -27.68 -12.83
CA THR C 418 -4.79 -26.34 -12.35
C THR C 418 -3.58 -26.31 -11.46
N LEU C 419 -2.85 -25.22 -11.56
CA LEU C 419 -1.72 -24.86 -10.68
C LEU C 419 -1.99 -25.09 -9.18
N TRP C 420 -3.20 -24.75 -8.76
CA TRP C 420 -3.58 -24.78 -7.34
C TRP C 420 -3.99 -26.16 -6.82
N ALA C 421 -4.84 -26.86 -7.57
CA ALA C 421 -5.30 -28.18 -7.17
C ALA C 421 -4.14 -29.14 -7.06
N ARG C 422 -3.18 -29.03 -7.96
CA ARG C 422 -2.04 -29.95 -7.96
C ARG C 422 -1.05 -29.63 -6.83
N MET C 423 -0.64 -28.35 -6.75
CA MET C 423 0.35 -27.93 -5.78
C MET C 423 -0.20 -27.85 -4.37
N ILE C 424 -1.44 -27.41 -4.22
CA ILE C 424 -1.98 -27.21 -2.88
C ILE C 424 -2.95 -28.32 -2.41
N LEU C 425 -4.02 -28.60 -3.14
CA LEU C 425 -4.99 -29.57 -2.66
C LEU C 425 -4.39 -30.95 -2.64
N MET C 426 -3.87 -31.39 -3.77
CA MET C 426 -3.29 -32.73 -3.87
C MET C 426 -2.23 -32.94 -2.79
N THR C 427 -1.25 -32.04 -2.74
CA THR C 427 -0.25 -32.02 -1.66
C THR C 427 -0.85 -32.10 -0.27
N HIS C 428 -1.72 -31.16 0.07
CA HIS C 428 -2.28 -31.03 1.41
C HIS C 428 -2.95 -32.30 1.83
N PHE C 429 -3.89 -32.77 1.03
CA PHE C 429 -4.76 -33.83 1.47
C PHE C 429 -4.12 -35.18 1.37
N PHE C 430 -3.15 -35.34 0.47
CA PHE C 430 -2.40 -36.58 0.51
C PHE C 430 -1.52 -36.65 1.76
N SER C 431 -1.18 -35.49 2.33
CA SER C 431 -0.45 -35.43 3.57
C SER C 431 -1.27 -35.91 4.77
N ILE C 432 -2.53 -35.51 4.82
CA ILE C 432 -3.44 -35.98 5.87
C ILE C 432 -3.73 -37.46 5.70
N LEU C 433 -4.25 -37.85 4.56
CA LEU C 433 -4.59 -39.26 4.35
C LEU C 433 -3.42 -40.19 4.72
N LEU C 434 -2.21 -39.79 4.39
CA LEU C 434 -1.03 -40.60 4.62
C LEU C 434 -0.72 -40.63 6.13
N ALA C 435 -0.69 -39.44 6.73
CA ALA C 435 -0.55 -39.29 8.17
C ALA C 435 -1.66 -39.97 8.96
N GLN C 436 -2.86 -40.09 8.40
CA GLN C 436 -3.98 -40.70 9.13
C GLN C 436 -4.27 -42.17 8.74
N GLU C 437 -3.35 -42.78 7.98
CA GLU C 437 -3.56 -44.09 7.36
C GLU C 437 -4.99 -44.35 6.85
N GLN C 438 -5.48 -43.42 6.03
CA GLN C 438 -6.85 -43.43 5.53
C GLN C 438 -6.91 -43.27 3.99
N LEU C 439 -5.80 -43.59 3.31
CA LEU C 439 -5.72 -43.58 1.84
C LEU C 439 -6.76 -44.48 1.15
N GLU C 440 -6.96 -45.67 1.71
CA GLU C 440 -7.82 -46.69 1.09
C GLU C 440 -9.31 -46.42 1.29
N LYS C 441 -9.67 -45.47 2.16
CA LYS C 441 -11.07 -45.24 2.51
C LYS C 441 -11.79 -44.39 1.45
N ALA C 442 -12.92 -44.91 0.95
CA ALA C 442 -13.78 -44.15 0.02
C ALA C 442 -14.41 -42.94 0.71
N LEU C 443 -14.65 -41.91 -0.09
CA LEU C 443 -15.26 -40.69 0.37
C LEU C 443 -16.32 -40.25 -0.62
N ASP C 444 -17.36 -39.60 -0.13
CA ASP C 444 -18.41 -39.12 -0.99
C ASP C 444 -18.07 -37.71 -1.43
N CYS C 445 -18.29 -37.44 -2.72
CA CYS C 445 -18.24 -36.07 -3.21
C CYS C 445 -19.25 -35.84 -4.33
N GLN C 446 -19.64 -34.58 -4.49
CA GLN C 446 -20.65 -34.19 -5.46
C GLN C 446 -20.08 -33.82 -6.83
N ILE C 447 -20.58 -34.48 -7.88
CA ILE C 447 -20.32 -34.03 -9.27
C ILE C 447 -21.64 -33.68 -9.96
N TYR C 448 -21.78 -32.43 -10.39
CA TYR C 448 -23.05 -31.96 -10.96
C TYR C 448 -24.24 -32.37 -10.06
N GLY C 449 -24.08 -32.20 -8.75
CA GLY C 449 -25.16 -32.44 -7.80
C GLY C 449 -25.43 -33.87 -7.41
N ALA C 450 -24.85 -34.85 -8.09
CA ALA C 450 -25.06 -36.24 -7.72
C ALA C 450 -23.94 -36.60 -6.82
N CYS C 451 -24.18 -37.58 -5.97
CA CYS C 451 -23.20 -38.03 -4.99
C CYS C 451 -22.50 -39.31 -5.46
N TYR C 452 -21.20 -39.23 -5.70
CA TYR C 452 -20.38 -40.39 -6.08
C TYR C 452 -19.52 -40.79 -4.91
N SER C 453 -19.15 -42.06 -4.85
CA SER C 453 -18.24 -42.57 -3.82
C SER C 453 -16.90 -42.89 -4.47
N ILE C 454 -15.85 -42.23 -3.97
CA ILE C 454 -14.58 -42.23 -4.67
C ILE C 454 -13.41 -42.59 -3.78
N GLU C 455 -12.55 -43.44 -4.33
CA GLU C 455 -11.35 -43.90 -3.66
C GLU C 455 -10.18 -43.01 -4.14
N PRO C 456 -9.59 -42.21 -3.23
CA PRO C 456 -8.57 -41.25 -3.64
C PRO C 456 -7.37 -41.87 -4.37
N LEU C 457 -7.08 -43.13 -4.10
CA LEU C 457 -6.03 -43.85 -4.83
C LEU C 457 -6.34 -44.05 -6.30
N ASP C 458 -7.59 -43.88 -6.67
CA ASP C 458 -7.96 -43.99 -8.07
C ASP C 458 -7.74 -42.69 -8.86
N LEU C 459 -7.49 -41.60 -8.14
CA LEU C 459 -7.32 -40.29 -8.77
C LEU C 459 -6.48 -40.28 -10.05
N PRO C 460 -5.28 -40.89 -10.05
CA PRO C 460 -4.47 -40.96 -11.27
C PRO C 460 -5.23 -41.46 -12.49
N GLN C 461 -5.82 -42.66 -12.43
CA GLN C 461 -6.61 -43.20 -13.56
C GLN C 461 -7.67 -42.19 -13.92
N ILE C 462 -8.40 -41.75 -12.89
CA ILE C 462 -9.54 -40.85 -13.05
C ILE C 462 -9.14 -39.60 -13.84
N ILE C 463 -8.01 -39.04 -13.50
CA ILE C 463 -7.54 -37.83 -14.14
C ILE C 463 -7.05 -38.12 -15.55
N GLU C 464 -6.36 -39.23 -15.74
CA GLU C 464 -6.02 -39.64 -17.07
C GLU C 464 -7.26 -39.69 -17.95
N ARG C 465 -8.33 -40.34 -17.48
CA ARG C 465 -9.56 -40.43 -18.28
C ARG C 465 -10.26 -39.10 -18.56
N LEU C 466 -10.34 -38.22 -17.56
CA LEU C 466 -11.08 -36.95 -17.75
C LEU C 466 -10.30 -35.82 -18.45
N HIS C 467 -8.98 -35.79 -18.23
CA HIS C 467 -8.13 -34.66 -18.67
C HIS C 467 -6.98 -35.04 -19.60
N GLY C 468 -6.69 -36.34 -19.75
CA GLY C 468 -5.53 -36.78 -20.50
C GLY C 468 -4.30 -36.71 -19.62
N LEU C 469 -3.27 -37.44 -20.05
CA LEU C 469 -1.95 -37.43 -19.40
C LEU C 469 -1.32 -36.07 -19.20
N SER C 470 -1.69 -35.08 -20.00
CA SER C 470 -0.99 -33.82 -19.95
C SER C 470 -1.17 -33.15 -18.59
N ALA C 471 -2.24 -33.52 -17.86
CA ALA C 471 -2.51 -33.00 -16.50
C ALA C 471 -1.38 -33.20 -15.50
N PHE C 472 -0.54 -34.18 -15.77
CA PHE C 472 0.53 -34.57 -14.88
C PHE C 472 1.82 -33.83 -15.15
N SER C 473 1.82 -33.02 -16.22
CA SER C 473 3.02 -32.40 -16.72
C SER C 473 2.86 -30.99 -17.32
N LEU C 474 1.72 -30.33 -17.08
CA LEU C 474 1.48 -28.97 -17.56
C LEU C 474 2.41 -28.03 -16.85
N HIS C 475 2.93 -27.01 -17.54
CA HIS C 475 4.13 -26.31 -17.04
C HIS C 475 4.45 -24.85 -17.43
N SER C 476 3.61 -24.14 -18.14
CA SER C 476 3.98 -22.73 -18.28
C SER C 476 2.74 -21.90 -18.27
N TYR C 477 2.22 -21.85 -17.05
CA TYR C 477 0.94 -21.31 -16.79
C TYR C 477 0.99 -19.80 -17.05
N SER C 478 -0.16 -19.24 -17.43
CA SER C 478 -0.22 -17.86 -17.87
C SER C 478 0.03 -16.90 -16.68
N PRO C 479 0.62 -15.72 -16.95
CA PRO C 479 1.00 -14.79 -15.86
C PRO C 479 -0.16 -14.35 -14.97
N GLY C 480 -1.27 -14.00 -15.61
CA GLY C 480 -2.52 -13.64 -14.93
C GLY C 480 -3.07 -14.71 -13.99
N GLU C 481 -3.02 -15.99 -14.40
CA GLU C 481 -3.41 -17.09 -13.51
C GLU C 481 -2.46 -17.24 -12.29
N ILE C 482 -1.18 -17.00 -12.51
CA ILE C 482 -0.20 -17.07 -11.41
C ILE C 482 -0.43 -15.92 -10.41
N ASN C 483 -0.66 -14.72 -10.94
CA ASN C 483 -0.98 -13.58 -10.08
C ASN C 483 -2.19 -13.92 -9.27
N ARG C 484 -3.18 -14.53 -9.92
CA ARG C 484 -4.42 -14.84 -9.23
C ARG C 484 -4.19 -15.80 -8.09
N VAL C 485 -3.43 -16.87 -8.33
CA VAL C 485 -3.13 -17.80 -7.24
C VAL C 485 -2.21 -17.18 -6.19
N ALA C 486 -1.12 -16.52 -6.61
CA ALA C 486 -0.27 -15.83 -5.63
C ALA C 486 -1.13 -14.92 -4.72
N SER C 487 -1.93 -14.03 -5.35
CA SER C 487 -2.79 -13.07 -4.62
C SER C 487 -3.78 -13.72 -3.66
N CYS C 488 -4.38 -14.81 -4.08
CA CYS C 488 -5.31 -15.50 -3.19
C CYS C 488 -4.56 -16.04 -1.95
N LEU C 489 -3.33 -16.52 -2.16
CA LEU C 489 -2.58 -17.13 -1.07
C LEU C 489 -2.19 -16.06 -0.10
N ARG C 490 -1.64 -14.95 -0.60
CA ARG C 490 -1.35 -13.80 0.26
C ARG C 490 -2.61 -13.42 1.03
N LYS C 491 -3.67 -13.13 0.30
CA LYS C 491 -4.94 -12.73 0.87
C LYS C 491 -5.40 -13.67 1.96
N LEU C 492 -5.30 -14.98 1.73
CA LEU C 492 -5.81 -15.97 2.71
C LEU C 492 -4.83 -16.35 3.78
N GLY C 493 -3.57 -16.01 3.59
CA GLY C 493 -2.55 -16.41 4.54
C GLY C 493 -2.08 -17.83 4.33
N VAL C 494 -2.10 -18.28 3.08
CA VAL C 494 -1.60 -19.61 2.80
C VAL C 494 -0.16 -19.52 2.29
N PRO C 495 0.70 -20.45 2.77
CA PRO C 495 2.08 -20.52 2.33
C PRO C 495 2.20 -20.43 0.83
N PRO C 496 3.20 -19.67 0.34
CA PRO C 496 3.39 -19.48 -1.09
C PRO C 496 3.77 -20.77 -1.80
N LEU C 497 3.64 -20.78 -3.11
CA LEU C 497 3.81 -21.98 -3.91
C LEU C 497 5.15 -22.68 -3.72
N ARG C 498 6.22 -21.92 -3.50
CA ARG C 498 7.53 -22.57 -3.33
C ARG C 498 7.54 -23.51 -2.12
N VAL C 499 6.73 -23.19 -1.12
CA VAL C 499 6.64 -23.99 0.11
C VAL C 499 5.88 -25.31 -0.09
N TRP C 500 4.93 -25.31 -1.02
CA TRP C 500 4.17 -26.53 -1.37
C TRP C 500 5.00 -27.48 -2.18
N ARG C 501 5.81 -26.92 -3.06
CA ARG C 501 6.77 -27.73 -3.83
C ARG C 501 7.56 -28.57 -2.85
N HIS C 502 8.05 -27.94 -1.77
CA HIS C 502 8.87 -28.69 -0.82
C HIS C 502 8.01 -29.71 -0.07
N ARG C 503 6.82 -29.30 0.37
CA ARG C 503 5.95 -30.22 1.08
C ARG C 503 5.61 -31.41 0.19
N ALA C 504 5.41 -31.15 -1.10
CA ALA C 504 5.00 -32.21 -2.04
C ALA C 504 6.11 -33.25 -2.31
N ARG C 505 7.36 -32.78 -2.35
CA ARG C 505 8.50 -33.67 -2.50
C ARG C 505 8.53 -34.67 -1.36
N SER C 506 8.28 -34.15 -0.17
CA SER C 506 8.14 -34.98 1.00
C SER C 506 7.02 -36.04 0.80
N VAL C 507 5.79 -35.58 0.55
CA VAL C 507 4.64 -36.47 0.38
C VAL C 507 4.84 -37.47 -0.74
N ARG C 508 5.42 -37.03 -1.85
CA ARG C 508 5.67 -37.91 -2.99
C ARG C 508 6.58 -39.04 -2.57
N ALA C 509 7.63 -38.68 -1.83
CA ALA C 509 8.62 -39.64 -1.43
C ALA C 509 7.92 -40.69 -0.59
N ARG C 510 7.16 -40.25 0.41
CA ARG C 510 6.49 -41.20 1.31
C ARG C 510 5.67 -42.15 0.48
N LEU C 511 4.90 -41.60 -0.46
CA LEU C 511 3.99 -42.38 -1.33
C LEU C 511 4.69 -43.44 -2.14
N LEU C 512 5.74 -43.05 -2.84
CA LEU C 512 6.58 -44.03 -3.55
C LEU C 512 6.99 -45.21 -2.66
N SER C 513 7.39 -44.90 -1.43
CA SER C 513 7.83 -45.90 -0.46
C SER C 513 6.82 -47.00 -0.24
N GLN C 514 5.55 -46.74 -0.54
CA GLN C 514 4.51 -47.70 -0.20
C GLN C 514 4.10 -48.61 -1.34
N GLY C 515 4.62 -48.38 -2.55
CA GLY C 515 4.32 -49.27 -3.68
C GLY C 515 2.86 -49.25 -4.05
N GLY C 516 2.44 -50.21 -4.87
CA GLY C 516 1.02 -50.31 -5.23
C GLY C 516 0.45 -49.02 -5.80
N ARG C 517 -0.79 -48.72 -5.45
CA ARG C 517 -1.47 -47.56 -6.00
C ARG C 517 -1.06 -46.23 -5.32
N ALA C 518 -0.41 -46.30 -4.15
CA ALA C 518 0.14 -45.11 -3.50
C ALA C 518 1.39 -44.68 -4.22
N ALA C 519 2.20 -45.64 -4.64
CA ALA C 519 3.33 -45.30 -5.49
C ALA C 519 2.85 -44.60 -6.77
N THR C 520 1.83 -45.15 -7.42
CA THR C 520 1.30 -44.51 -8.63
C THR C 520 0.87 -43.08 -8.39
N CYS C 521 0.13 -42.85 -7.32
CA CYS C 521 -0.26 -41.50 -6.97
C CYS C 521 0.98 -40.60 -6.85
N GLY C 522 1.91 -40.96 -5.99
CA GLY C 522 3.16 -40.21 -5.85
C GLY C 522 3.78 -39.89 -7.20
N LYS C 523 3.91 -40.91 -8.05
CA LYS C 523 4.58 -40.79 -9.36
C LYS C 523 3.91 -39.76 -10.28
N TYR C 524 2.60 -39.90 -10.42
CA TYR C 524 1.81 -39.13 -11.37
C TYR C 524 1.40 -37.75 -10.86
N LEU C 525 0.71 -37.74 -9.73
CA LEU C 525 0.22 -36.50 -9.15
C LEU C 525 1.31 -35.50 -8.80
N PHE C 526 2.53 -35.98 -8.53
CA PHE C 526 3.61 -35.13 -8.00
C PHE C 526 4.88 -35.11 -8.83
N ASN C 527 4.82 -35.55 -10.08
CA ASN C 527 5.96 -35.43 -10.99
C ASN C 527 6.34 -33.96 -11.14
N TRP C 528 5.35 -33.09 -11.22
CA TRP C 528 5.59 -31.65 -11.30
C TRP C 528 6.53 -31.11 -10.23
N ALA C 529 6.81 -31.88 -9.18
CA ALA C 529 7.57 -31.37 -8.05
C ALA C 529 8.97 -31.93 -7.97
N VAL C 530 9.32 -32.90 -8.80
CA VAL C 530 10.52 -33.68 -8.55
C VAL C 530 11.75 -32.87 -8.93
N LYS C 531 11.84 -32.50 -10.21
CA LYS C 531 13.02 -31.86 -10.83
C LYS C 531 13.60 -32.72 -11.95
N THR C 532 14.02 -33.95 -11.66
CA THR C 532 14.21 -34.91 -12.75
C THR C 532 12.90 -35.67 -12.93
N LYS C 533 12.22 -35.44 -14.05
CA LYS C 533 10.91 -36.02 -14.26
C LYS C 533 11.04 -37.48 -14.63
N LEU C 534 10.19 -38.32 -14.05
CA LEU C 534 9.92 -39.63 -14.59
C LEU C 534 9.15 -39.55 -15.93
N LYS C 535 9.23 -40.63 -16.72
CA LYS C 535 8.47 -40.78 -17.98
C LYS C 535 7.07 -41.32 -17.68
N LEU C 536 6.06 -40.52 -17.97
CA LEU C 536 4.69 -40.90 -17.62
C LEU C 536 3.97 -41.57 -18.79
N THR C 537 3.37 -42.72 -18.56
CA THR C 537 2.78 -43.54 -19.61
C THR C 537 1.33 -43.79 -19.34
N PRO C 538 0.56 -44.16 -20.39
CA PRO C 538 -0.86 -44.51 -20.14
C PRO C 538 -1.01 -45.52 -18.99
N ILE C 539 -1.96 -45.28 -18.10
CA ILE C 539 -2.19 -46.17 -16.95
C ILE C 539 -3.19 -47.27 -17.31
N PRO C 540 -2.71 -48.50 -17.51
CA PRO C 540 -3.73 -49.54 -17.57
C PRO C 540 -4.51 -49.59 -16.24
N SER C 548 -17.31 -44.82 -15.95
CA SER C 548 -17.69 -43.39 -16.08
C SER C 548 -19.04 -43.07 -16.85
N GLY C 549 -20.18 -43.02 -16.14
CA GLY C 549 -21.39 -42.32 -16.61
C GLY C 549 -21.64 -41.02 -15.79
N TRP C 550 -20.60 -40.19 -15.65
CA TRP C 550 -20.52 -39.08 -14.65
C TRP C 550 -20.97 -37.67 -15.08
N PHE C 551 -20.73 -37.28 -16.32
CA PHE C 551 -20.98 -35.91 -16.70
C PHE C 551 -22.05 -35.93 -17.75
N VAL C 552 -23.20 -36.49 -17.41
CA VAL C 552 -24.27 -36.72 -18.36
C VAL C 552 -25.47 -35.78 -18.17
N ALA C 553 -25.88 -35.64 -16.91
CA ALA C 553 -26.99 -34.77 -16.51
C ALA C 553 -26.62 -33.97 -15.27
N GLY C 554 -27.39 -32.92 -15.03
CA GLY C 554 -27.27 -32.12 -13.84
C GLY C 554 -28.41 -32.49 -12.92
N TYR C 555 -28.09 -32.71 -11.65
CA TYR C 555 -29.09 -33.06 -10.64
C TYR C 555 -29.05 -32.20 -9.39
N SER C 556 -28.19 -31.21 -9.32
CA SER C 556 -28.03 -30.55 -8.02
C SER C 556 -29.41 -30.09 -7.54
N GLY C 557 -29.71 -30.47 -6.30
CA GLY C 557 -31.01 -30.20 -5.66
C GLY C 557 -31.91 -31.42 -5.60
N GLY C 558 -31.61 -32.44 -6.40
CA GLY C 558 -32.53 -33.52 -6.64
C GLY C 558 -32.28 -34.83 -5.92
N ASP C 559 -31.50 -34.82 -4.83
CA ASP C 559 -31.45 -35.98 -3.92
C ASP C 559 -30.99 -37.27 -4.66
N ILE C 560 -29.84 -37.25 -5.32
CA ILE C 560 -29.38 -38.34 -6.19
C ILE C 560 -28.06 -38.96 -5.78
N TYR C 561 -27.98 -40.29 -5.82
CA TYR C 561 -26.81 -41.08 -5.40
C TYR C 561 -26.48 -42.10 -6.49
N HIS C 562 -25.18 -42.31 -6.81
CA HIS C 562 -24.78 -43.23 -7.93
C HIS C 562 -23.75 -44.32 -7.60
N SER D 1 -7.85 7.15 50.85
CA SER D 1 -8.01 6.77 52.28
C SER D 1 -6.64 6.72 52.95
N MET D 2 -6.63 6.68 54.28
CA MET D 2 -5.38 6.64 55.04
C MET D 2 -4.74 5.26 54.97
N SER D 3 -3.43 5.23 54.74
CA SER D 3 -2.66 3.99 54.84
C SER D 3 -2.89 3.33 56.19
N TYR D 4 -2.93 4.16 57.23
CA TYR D 4 -3.16 3.67 58.59
C TYR D 4 -4.01 4.63 59.47
N THR D 5 -4.81 4.03 60.35
CA THR D 5 -5.50 4.72 61.43
C THR D 5 -5.06 4.04 62.67
N TRP D 6 -4.74 4.79 63.71
CA TRP D 6 -4.15 4.23 64.91
C TRP D 6 -5.03 4.51 66.14
N THR D 7 -5.19 3.50 66.98
CA THR D 7 -6.00 3.66 68.16
C THR D 7 -5.27 4.47 69.22
N GLY D 8 -3.95 4.41 69.21
CA GLY D 8 -3.15 5.08 70.21
C GLY D 8 -2.32 4.06 70.95
N ALA D 9 -2.77 2.81 70.91
CA ALA D 9 -2.03 1.68 71.48
C ALA D 9 -0.63 1.55 70.85
N LEU D 10 0.30 1.03 71.64
CA LEU D 10 1.69 0.95 71.23
C LEU D 10 1.99 -0.31 70.46
N ILE D 11 3.07 -0.26 69.69
CA ILE D 11 3.60 -1.42 69.02
C ILE D 11 4.55 -2.05 70.02
N THR D 12 4.31 -3.32 70.34
CA THR D 12 4.92 -3.97 71.49
C THR D 12 5.86 -5.10 71.08
N PRO D 13 6.97 -5.26 71.83
CA PRO D 13 7.91 -6.34 71.61
C PRO D 13 7.44 -7.65 72.25
N CYS D 14 8.05 -8.76 71.81
CA CYS D 14 7.83 -10.10 72.38
C CYS D 14 8.82 -10.45 73.48
N ALA D 15 9.85 -9.61 73.62
CA ALA D 15 11.05 -9.99 74.38
C ALA D 15 12.02 -8.82 74.51
N ALA D 16 13.01 -9.03 75.37
CA ALA D 16 14.18 -8.17 75.40
C ALA D 16 14.62 -7.90 73.97
N GLU D 17 14.69 -6.62 73.62
CA GLU D 17 15.30 -6.19 72.38
C GLU D 17 16.61 -5.51 72.69
N GLU D 18 17.75 -6.15 72.36
CA GLU D 18 19.04 -5.46 72.45
C GLU D 18 19.11 -4.41 71.36
N SER D 19 19.73 -3.26 71.66
CA SER D 19 19.92 -2.19 70.67
C SER D 19 21.40 -1.79 70.45
N LYS D 20 22.28 -2.12 71.39
CA LYS D 20 23.70 -1.82 71.24
C LYS D 20 24.54 -3.11 71.28
N LEU D 21 25.80 -2.99 70.89
CA LEU D 21 26.69 -4.12 70.66
C LEU D 21 27.39 -4.55 71.98
N PRO D 22 27.51 -5.87 72.23
CA PRO D 22 28.40 -6.33 73.31
C PRO D 22 29.79 -6.73 72.78
N ASN D 28 34.89 -8.47 69.82
CA ASN D 28 35.34 -7.17 69.31
C ASN D 28 36.37 -7.27 68.16
N SER D 29 36.61 -8.48 67.66
CA SER D 29 37.78 -8.69 66.77
C SER D 29 37.59 -8.08 65.36
N LEU D 30 36.33 -7.94 64.97
CA LEU D 30 36.00 -7.51 63.62
C LEU D 30 36.14 -6.00 63.50
N LEU D 31 35.45 -5.27 64.37
CA LEU D 31 35.45 -3.81 64.32
C LEU D 31 35.53 -3.18 65.72
N ARG D 32 36.27 -2.08 65.83
CA ARG D 32 36.56 -1.47 67.13
C ARG D 32 35.43 -0.56 67.54
N HIS D 33 34.91 0.22 66.58
CA HIS D 33 33.91 1.26 66.88
C HIS D 33 32.51 0.69 67.09
N HIS D 34 32.38 -0.11 68.15
CA HIS D 34 31.12 -0.76 68.53
C HIS D 34 29.97 0.24 68.66
N ASN D 35 30.25 1.45 69.14
CA ASN D 35 29.20 2.48 69.32
C ASN D 35 28.59 3.08 68.05
N MET D 36 29.17 2.77 66.90
CA MET D 36 28.60 3.16 65.61
C MET D 36 27.49 2.20 65.15
N VAL D 37 27.35 1.06 65.82
CA VAL D 37 26.48 -0.02 65.38
C VAL D 37 25.28 -0.16 66.31
N TYR D 38 24.08 0.09 65.78
CA TYR D 38 22.85 -0.05 66.53
C TYR D 38 21.87 -1.08 65.88
N ALA D 39 20.94 -1.60 66.68
CA ALA D 39 19.79 -2.36 66.19
C ALA D 39 18.55 -1.52 66.41
N THR D 40 17.61 -1.59 65.49
CA THR D 40 16.36 -0.84 65.62
C THR D 40 15.42 -1.57 66.57
N THR D 41 14.64 -0.82 67.35
CA THR D 41 13.68 -1.45 68.27
C THR D 41 12.32 -0.83 68.15
N SER D 42 11.37 -1.46 68.83
CA SER D 42 10.01 -0.90 69.00
C SER D 42 9.98 0.55 69.56
N ARG D 43 11.01 0.95 70.28
CA ARG D 43 11.16 2.33 70.73
C ARG D 43 11.14 3.38 69.59
N SER D 44 11.56 2.99 68.40
CA SER D 44 11.50 3.92 67.28
C SER D 44 10.20 3.76 66.50
N ALA D 45 9.23 3.00 67.03
CA ALA D 45 8.01 2.69 66.29
C ALA D 45 7.17 3.93 65.96
N GLY D 46 7.05 4.84 66.92
CA GLY D 46 6.37 6.11 66.69
C GLY D 46 6.86 6.77 65.42
N LEU D 47 8.18 6.98 65.35
CA LEU D 47 8.79 7.66 64.20
C LEU D 47 8.37 7.08 62.87
N ARG D 48 8.30 5.75 62.82
CA ARG D 48 7.93 5.01 61.63
C ARG D 48 6.46 5.16 61.28
N GLN D 49 5.63 4.98 62.30
CA GLN D 49 4.20 5.17 62.12
C GLN D 49 3.94 6.51 61.45
N LYS D 50 4.61 7.56 61.92
CA LYS D 50 4.44 8.90 61.35
C LYS D 50 4.82 8.93 59.86
N LYS D 51 5.93 8.29 59.52
CA LYS D 51 6.41 8.32 58.12
C LYS D 51 5.48 7.61 57.16
N VAL D 52 4.87 6.51 57.60
CA VAL D 52 4.11 5.61 56.71
C VAL D 52 2.60 5.85 56.67
N THR D 53 2.13 6.82 57.45
CA THR D 53 0.70 7.13 57.45
C THR D 53 0.43 8.50 56.83
N PHE D 54 -0.37 8.48 55.75
CA PHE D 54 -0.74 9.65 54.95
C PHE D 54 -1.90 9.23 54.02
N ASP D 55 -2.63 10.20 53.48
CA ASP D 55 -3.75 9.91 52.54
C ASP D 55 -3.14 9.55 51.17
N ARG D 56 -3.86 8.76 50.39
CA ARG D 56 -3.50 8.46 49.02
C ARG D 56 -4.59 9.00 48.13
N LEU D 57 -4.23 9.87 47.20
CA LEU D 57 -5.11 10.21 46.10
C LEU D 57 -4.50 9.42 44.94
N GLN D 58 -5.33 8.74 44.17
CA GLN D 58 -4.83 7.96 43.05
C GLN D 58 -5.72 8.13 41.83
N VAL D 59 -5.08 8.41 40.69
CA VAL D 59 -5.80 8.76 39.46
C VAL D 59 -5.15 8.08 38.26
N LEU D 60 -5.87 7.18 37.63
CA LEU D 60 -5.30 6.37 36.57
C LEU D 60 -5.67 6.95 35.20
N ASP D 61 -4.93 6.53 34.18
CA ASP D 61 -5.04 7.11 32.87
C ASP D 61 -4.94 6.02 31.81
N ASP D 62 -4.74 6.42 30.55
CA ASP D 62 -4.90 5.51 29.43
C ASP D 62 -3.75 4.54 29.35
N HIS D 63 -2.57 5.08 29.64
CA HIS D 63 -1.35 4.30 29.67
C HIS D 63 -1.47 3.20 30.70
N TYR D 64 -1.86 3.58 31.93
CA TYR D 64 -2.13 2.59 32.99
C TYR D 64 -2.97 1.51 32.40
N ARG D 65 -4.18 1.85 31.97
CA ARG D 65 -5.14 0.86 31.44
C ARG D 65 -4.59 0.03 30.26
N ASP D 66 -3.72 0.60 29.43
CA ASP D 66 -3.17 -0.16 28.29
C ASP D 66 -2.17 -1.20 28.75
N VAL D 67 -1.31 -0.82 29.69
CA VAL D 67 -0.31 -1.76 30.20
C VAL D 67 -1.01 -2.90 30.95
N LEU D 68 -2.01 -2.55 31.76
CA LEU D 68 -2.78 -3.56 32.48
C LEU D 68 -3.46 -4.58 31.55
N LYS D 69 -4.10 -4.09 30.49
CA LYS D 69 -4.68 -4.95 29.47
C LYS D 69 -3.65 -5.93 28.88
N GLU D 70 -2.43 -5.49 28.65
CA GLU D 70 -1.38 -6.37 28.12
C GLU D 70 -0.88 -7.35 29.15
N MET D 71 -0.76 -6.88 30.39
CA MET D 71 -0.42 -7.78 31.51
C MET D 71 -1.46 -8.90 31.72
N LYS D 72 -2.75 -8.54 31.68
CA LYS D 72 -3.82 -9.53 31.80
C LYS D 72 -3.77 -10.64 30.74
N ALA D 73 -3.46 -10.26 29.50
CA ALA D 73 -3.46 -11.19 28.37
C ALA D 73 -2.41 -12.25 28.61
N LYS D 74 -1.30 -11.80 29.20
CA LYS D 74 -0.14 -12.64 29.44
C LYS D 74 -0.40 -13.61 30.62
N ALA D 75 -0.83 -13.06 31.75
CA ALA D 75 -1.44 -13.87 32.81
C ALA D 75 -2.40 -14.95 32.29
N SER D 76 -3.24 -14.63 31.29
CA SER D 76 -4.21 -15.59 30.72
C SER D 76 -3.61 -16.88 30.12
N THR D 77 -2.30 -16.87 29.86
CA THR D 77 -1.59 -18.02 29.32
C THR D 77 -1.07 -18.98 30.39
N VAL D 78 -1.16 -18.61 31.67
CA VAL D 78 -0.62 -19.37 32.83
C VAL D 78 -1.63 -20.33 33.49
N LYS D 79 -1.23 -21.57 33.67
CA LYS D 79 -2.00 -22.50 34.47
C LYS D 79 -1.32 -22.53 35.81
N ALA D 80 -2.11 -22.64 36.88
CA ALA D 80 -1.55 -22.72 38.22
C ALA D 80 -2.29 -23.75 39.08
N LYS D 81 -1.52 -24.41 39.92
CA LYS D 81 -2.01 -25.57 40.58
C LYS D 81 -2.14 -25.28 42.07
N LEU D 82 -3.16 -25.91 42.61
CA LEU D 82 -3.53 -25.80 43.99
C LEU D 82 -2.55 -26.69 44.73
N LEU D 83 -1.84 -26.12 45.70
CA LEU D 83 -0.89 -26.89 46.46
C LEU D 83 -1.66 -27.66 47.51
N SER D 84 -1.19 -28.86 47.83
CA SER D 84 -1.80 -29.68 48.86
C SER D 84 -1.30 -29.21 50.22
N VAL D 85 -2.05 -29.57 51.27
CA VAL D 85 -1.67 -29.24 52.64
C VAL D 85 -0.21 -29.66 52.86
N GLU D 86 0.09 -30.91 52.46
CA GLU D 86 1.40 -31.52 52.67
C GLU D 86 2.43 -30.61 52.03
N GLU D 87 2.23 -30.33 50.75
CA GLU D 87 3.12 -29.46 50.03
C GLU D 87 3.27 -28.11 50.79
N ALA D 88 2.16 -27.49 51.16
CA ALA D 88 2.19 -26.20 51.88
C ALA D 88 2.79 -26.30 53.27
N CYS D 89 2.50 -27.38 53.96
CA CYS D 89 3.09 -27.58 55.29
C CYS D 89 4.60 -27.65 55.22
N LYS D 90 5.09 -28.30 54.18
CA LYS D 90 6.48 -28.66 54.05
C LYS D 90 7.30 -27.45 53.67
N LEU D 91 6.65 -26.41 53.16
CA LEU D 91 7.31 -25.12 52.84
C LEU D 91 7.49 -24.15 54.02
N THR D 92 7.01 -24.53 55.21
CA THR D 92 7.04 -23.62 56.35
C THR D 92 8.40 -23.65 57.10
N PRO D 93 9.01 -22.49 57.34
CA PRO D 93 10.20 -22.42 58.20
C PRO D 93 10.02 -23.09 59.57
N PRO D 94 11.04 -23.84 60.04
CA PRO D 94 10.82 -24.57 61.27
C PRO D 94 10.60 -23.65 62.46
N HIS D 95 11.13 -22.43 62.40
CA HIS D 95 10.96 -21.51 63.51
C HIS D 95 10.01 -20.35 63.20
N SER D 96 9.11 -20.58 62.24
CA SER D 96 8.02 -19.65 61.95
C SER D 96 7.13 -19.50 63.16
N ALA D 97 6.71 -18.28 63.45
CA ALA D 97 5.75 -17.97 64.54
C ALA D 97 4.60 -18.95 64.62
N LYS D 98 4.24 -19.30 65.86
CA LYS D 98 3.25 -20.34 66.12
C LYS D 98 1.85 -19.78 65.88
N SER D 99 0.86 -20.65 65.91
CA SER D 99 -0.51 -20.22 65.82
C SER D 99 -1.11 -19.96 67.21
N LYS D 100 -1.91 -18.91 67.29
CA LYS D 100 -2.59 -18.61 68.53
C LYS D 100 -3.62 -19.68 68.84
N PHE D 101 -3.90 -20.58 67.88
CA PHE D 101 -4.83 -21.72 68.07
C PHE D 101 -4.14 -23.02 68.44
N GLY D 102 -3.15 -22.95 69.32
CA GLY D 102 -2.56 -24.17 69.90
C GLY D 102 -1.82 -25.15 69.00
N TYR D 103 -0.91 -24.63 68.18
CA TYR D 103 0.04 -25.45 67.46
C TYR D 103 1.16 -24.53 66.98
N GLY D 104 2.19 -25.14 66.41
CA GLY D 104 3.37 -24.42 65.99
C GLY D 104 3.82 -24.90 64.63
N ALA D 105 4.82 -24.19 64.12
CA ALA D 105 5.41 -24.51 62.84
C ALA D 105 5.87 -25.97 62.77
N LYS D 106 6.21 -26.51 63.93
CA LYS D 106 6.80 -27.85 64.05
C LYS D 106 5.70 -28.86 63.81
N ASP D 107 4.54 -28.60 64.40
CA ASP D 107 3.36 -29.44 64.18
C ASP D 107 2.90 -29.40 62.72
N VAL D 108 3.02 -28.24 62.08
CA VAL D 108 2.63 -28.11 60.67
C VAL D 108 3.56 -28.94 59.82
N ARG D 109 4.85 -28.67 59.99
CA ARG D 109 5.89 -29.41 59.28
C ARG D 109 5.73 -30.92 59.48
N ASN D 110 5.24 -31.35 60.63
CA ASN D 110 5.02 -32.79 60.86
C ASN D 110 3.67 -33.33 60.43
N LEU D 111 2.84 -32.51 59.80
CA LEU D 111 1.46 -32.90 59.52
C LEU D 111 0.73 -33.35 60.78
N SER D 112 0.95 -32.67 61.90
CA SER D 112 0.06 -32.85 63.04
C SER D 112 -1.38 -32.70 62.53
N SER D 113 -2.23 -33.69 62.82
CA SER D 113 -3.64 -33.64 62.40
C SER D 113 -4.40 -32.54 63.15
N LYS D 114 -3.90 -32.12 64.32
CA LYS D 114 -4.44 -30.92 64.98
C LYS D 114 -4.22 -29.66 64.13
N ALA D 115 -2.99 -29.54 63.60
CA ALA D 115 -2.62 -28.41 62.75
C ALA D 115 -3.27 -28.51 61.38
N VAL D 116 -3.35 -29.72 60.83
CA VAL D 116 -3.94 -29.93 59.51
C VAL D 116 -5.44 -29.69 59.50
N ASN D 117 -6.11 -30.22 60.51
CA ASN D 117 -7.53 -30.01 60.68
C ASN D 117 -7.83 -28.52 60.83
N HIS D 118 -7.07 -27.82 61.66
CA HIS D 118 -7.31 -26.37 61.83
C HIS D 118 -7.11 -25.63 60.52
N ILE D 119 -6.12 -26.06 59.75
CA ILE D 119 -5.88 -25.49 58.43
C ILE D 119 -7.07 -25.73 57.49
N HIS D 120 -7.70 -26.90 57.56
CA HIS D 120 -8.90 -27.14 56.75
C HIS D 120 -9.95 -26.13 57.18
N SER D 121 -10.08 -25.89 58.47
CA SER D 121 -11.16 -25.05 58.97
C SER D 121 -11.01 -23.60 58.49
N VAL D 122 -9.76 -23.11 58.43
CA VAL D 122 -9.48 -21.80 57.86
C VAL D 122 -9.78 -21.82 56.36
N TRP D 123 -9.42 -22.89 55.67
CA TRP D 123 -9.76 -23.00 54.25
C TRP D 123 -11.29 -22.90 53.99
N LYS D 124 -12.09 -23.58 54.80
CA LYS D 124 -13.54 -23.61 54.63
C LYS D 124 -14.11 -22.21 54.88
N ASP D 125 -13.66 -21.57 55.96
CA ASP D 125 -14.12 -20.22 56.28
C ASP D 125 -13.73 -19.21 55.20
N LEU D 126 -12.60 -19.46 54.54
CA LEU D 126 -12.18 -18.64 53.42
C LEU D 126 -13.10 -18.84 52.21
N LEU D 127 -13.63 -20.04 52.00
CA LEU D 127 -14.54 -20.28 50.86
C LEU D 127 -15.90 -19.63 51.04
N GLU D 128 -16.39 -19.62 52.27
CA GLU D 128 -17.78 -19.23 52.58
C GLU D 128 -17.96 -17.76 52.94
N ASP D 129 -16.84 -17.06 53.19
CA ASP D 129 -16.83 -15.68 53.69
C ASP D 129 -15.72 -14.87 53.01
N THR D 130 -16.09 -13.97 52.09
CA THR D 130 -15.14 -13.13 51.37
C THR D 130 -15.11 -11.68 51.84
N VAL D 131 -15.44 -11.41 53.09
CA VAL D 131 -15.65 -10.04 53.52
C VAL D 131 -15.07 -9.72 54.88
N THR D 132 -15.25 -10.61 55.86
CA THR D 132 -14.78 -10.33 57.22
C THR D 132 -13.25 -10.16 57.26
N PRO D 133 -12.78 -9.00 57.72
CA PRO D 133 -11.33 -8.84 57.75
C PRO D 133 -10.63 -9.87 58.64
N ILE D 134 -9.41 -10.26 58.24
CA ILE D 134 -8.64 -11.27 58.99
C ILE D 134 -7.67 -10.56 59.93
N ASP D 135 -7.51 -11.10 61.12
CA ASP D 135 -6.65 -10.44 62.08
C ASP D 135 -5.21 -10.59 61.60
N THR D 136 -4.43 -9.53 61.82
CA THR D 136 -3.01 -9.53 61.60
C THR D 136 -2.35 -9.07 62.87
N THR D 137 -1.08 -9.42 63.00
CA THR D 137 -0.26 -9.05 64.11
C THR D 137 0.70 -8.00 63.59
N ILE D 138 0.97 -6.95 64.36
CA ILE D 138 1.88 -5.91 63.90
C ILE D 138 3.06 -5.82 64.85
N MET D 139 4.22 -5.50 64.30
CA MET D 139 5.47 -5.73 64.98
C MET D 139 6.61 -4.87 64.42
N ALA D 140 7.47 -4.39 65.31
CA ALA D 140 8.65 -3.64 64.93
C ALA D 140 9.83 -4.61 64.74
N LYS D 141 10.54 -4.49 63.61
CA LYS D 141 11.67 -5.35 63.28
C LYS D 141 12.95 -4.92 63.99
N ASN D 142 13.79 -5.90 64.31
CA ASN D 142 15.12 -5.63 64.88
C ASN D 142 16.18 -5.84 63.81
N GLU D 143 16.54 -4.80 63.11
CA GLU D 143 17.58 -4.89 62.10
C GLU D 143 18.78 -4.07 62.52
N VAL D 144 19.95 -4.44 62.04
CA VAL D 144 21.19 -3.76 62.40
C VAL D 144 21.70 -2.84 61.29
N PHE D 145 22.23 -1.68 61.70
CA PHE D 145 22.83 -0.68 60.76
C PHE D 145 24.07 -0.02 61.39
N CYS D 146 24.83 0.67 60.55
CA CYS D 146 25.81 1.63 61.04
C CYS D 146 25.23 3.05 61.07
N VAL D 147 25.89 3.91 61.84
CA VAL D 147 25.42 5.28 62.11
C VAL D 147 25.41 6.23 60.88
N GLN D 148 24.66 7.33 60.97
CA GLN D 148 24.64 8.43 59.97
C GLN D 148 24.10 7.99 58.59
N ARG D 154 19.63 8.31 62.11
CA ARG D 154 19.30 6.96 62.58
C ARG D 154 17.93 6.48 62.17
N LYS D 155 17.89 5.23 61.70
CA LYS D 155 16.68 4.64 61.10
C LYS D 155 15.74 4.07 62.14
N PRO D 156 14.46 4.41 62.04
CA PRO D 156 13.45 3.78 62.88
C PRO D 156 13.02 2.43 62.31
N ALA D 157 12.81 1.47 63.21
CA ALA D 157 12.42 0.11 62.86
C ALA D 157 11.32 0.08 61.82
N ARG D 158 11.49 -0.74 60.78
CA ARG D 158 10.40 -0.97 59.84
C ARG D 158 9.31 -1.79 60.53
N LEU D 159 8.05 -1.54 60.16
CA LEU D 159 6.92 -2.29 60.67
C LEU D 159 6.64 -3.54 59.84
N ILE D 160 6.69 -4.73 60.46
CA ILE D 160 6.21 -5.96 59.78
C ILE D 160 4.77 -6.22 60.24
N VAL D 161 3.94 -6.69 59.32
CA VAL D 161 2.53 -7.03 59.57
C VAL D 161 2.21 -8.42 58.96
N PHE D 162 1.55 -9.30 59.73
CA PHE D 162 1.31 -10.67 59.26
C PHE D 162 0.14 -11.37 59.98
N PRO D 163 -0.55 -12.28 59.28
CA PRO D 163 -1.63 -13.07 59.87
C PRO D 163 -1.11 -14.33 60.56
N ASP D 164 -2.00 -15.00 61.28
CA ASP D 164 -1.72 -16.28 61.93
C ASP D 164 -1.28 -17.41 60.95
N LEU D 165 -0.54 -18.37 61.50
CA LEU D 165 0.06 -19.42 60.72
C LEU D 165 -0.94 -20.20 59.88
N GLY D 166 -2.12 -20.46 60.45
CA GLY D 166 -3.14 -21.18 59.72
C GLY D 166 -3.42 -20.52 58.39
N VAL D 167 -3.49 -19.20 58.42
CA VAL D 167 -3.76 -18.44 57.21
C VAL D 167 -2.60 -18.58 56.24
N ARG D 168 -1.38 -18.44 56.77
CA ARG D 168 -0.15 -18.49 55.93
C ARG D 168 -0.02 -19.78 55.11
N VAL D 169 -0.36 -20.91 55.72
CA VAL D 169 -0.35 -22.19 55.04
C VAL D 169 -1.46 -22.19 54.01
N CYS D 170 -2.58 -21.55 54.35
CA CYS D 170 -3.67 -21.42 53.37
C CYS D 170 -3.28 -20.52 52.19
N GLU D 171 -2.51 -19.47 52.46
CA GLU D 171 -1.96 -18.62 51.39
C GLU D 171 -1.08 -19.42 50.45
N LYS D 172 -0.24 -20.27 51.02
CA LYS D 172 0.62 -21.13 50.22
C LYS D 172 -0.23 -22.00 49.31
N MET D 173 -1.15 -22.75 49.90
CA MET D 173 -1.96 -23.65 49.13
C MET D 173 -2.56 -22.95 47.91
N ALA D 174 -3.10 -21.75 48.15
CA ALA D 174 -3.81 -21.02 47.10
C ALA D 174 -2.89 -20.33 46.07
N LEU D 175 -1.82 -19.71 46.55
CA LEU D 175 -1.05 -18.77 45.74
C LEU D 175 0.42 -19.05 45.57
N TYR D 176 0.96 -20.10 46.17
CA TYR D 176 2.42 -20.33 46.05
C TYR D 176 2.77 -20.52 44.57
N ASP D 177 2.03 -21.36 43.86
CA ASP D 177 2.34 -21.64 42.47
C ASP D 177 2.13 -20.43 41.53
N VAL D 178 1.21 -19.53 41.88
CA VAL D 178 1.00 -18.34 41.08
C VAL D 178 2.18 -17.38 41.24
N VAL D 179 2.51 -17.07 42.49
CA VAL D 179 3.56 -16.11 42.79
C VAL D 179 4.94 -16.61 42.37
N SER D 180 5.05 -17.91 42.08
CA SER D 180 6.30 -18.52 41.63
C SER D 180 6.46 -18.57 40.08
N THR D 181 5.34 -18.47 39.35
CA THR D 181 5.30 -18.66 37.92
C THR D 181 4.84 -17.45 37.13
N LEU D 182 3.88 -16.70 37.67
CA LEU D 182 3.22 -15.62 36.94
C LEU D 182 4.10 -14.40 36.61
N PRO D 183 4.80 -13.84 37.63
CA PRO D 183 5.61 -12.65 37.38
C PRO D 183 6.54 -12.79 36.16
N GLN D 184 7.26 -13.90 36.07
CA GLN D 184 8.17 -14.09 34.94
C GLN D 184 7.44 -14.18 33.59
N VAL D 185 6.26 -14.77 33.57
CA VAL D 185 5.50 -14.83 32.33
C VAL D 185 5.00 -13.44 31.99
N VAL D 186 4.53 -12.69 32.99
CA VAL D 186 3.94 -11.40 32.70
C VAL D 186 4.99 -10.39 32.33
N MET D 187 6.08 -10.36 33.08
CA MET D 187 7.04 -9.26 33.01
C MET D 187 8.32 -9.59 32.25
N GLY D 188 8.44 -10.83 31.74
CA GLY D 188 9.59 -11.23 30.95
C GLY D 188 10.93 -10.81 31.59
N SER D 189 11.80 -10.21 30.77
CA SER D 189 13.15 -9.86 31.20
C SER D 189 13.13 -8.94 32.40
N SER D 190 12.04 -8.24 32.61
CA SER D 190 11.98 -7.33 33.75
C SER D 190 11.81 -7.97 35.12
N TYR D 191 11.35 -9.20 35.21
CA TYR D 191 11.19 -9.79 36.54
C TYR D 191 12.57 -10.10 37.05
N GLY D 192 13.00 -9.34 38.06
CA GLY D 192 14.39 -9.38 38.55
C GLY D 192 14.79 -10.62 39.32
N PHE D 193 13.82 -11.34 39.88
CA PHE D 193 14.11 -12.43 40.79
C PHE D 193 14.43 -13.74 40.08
N GLN D 194 14.30 -13.75 38.76
CA GLN D 194 14.75 -14.86 37.92
C GLN D 194 16.25 -14.83 37.63
N TYR D 195 16.97 -13.88 38.23
CA TYR D 195 18.41 -13.71 37.96
C TYR D 195 19.26 -14.01 39.19
N SER D 196 20.26 -14.86 39.00
CA SER D 196 21.39 -14.91 39.91
C SER D 196 22.09 -13.54 39.92
N PRO D 197 23.02 -13.33 40.83
CA PRO D 197 23.78 -12.07 40.71
C PRO D 197 24.58 -12.02 39.39
N GLY D 198 25.30 -13.09 39.06
CA GLY D 198 25.99 -13.15 37.75
C GLY D 198 25.07 -12.85 36.58
N GLN D 199 23.90 -13.46 36.58
CA GLN D 199 22.92 -13.19 35.54
C GLN D 199 22.39 -11.75 35.58
N ARG D 200 22.26 -11.20 36.78
CA ARG D 200 21.78 -9.81 36.94
C ARG D 200 22.74 -8.78 36.37
N VAL D 201 24.04 -9.02 36.57
CA VAL D 201 25.09 -8.14 36.04
C VAL D 201 25.19 -8.22 34.52
N GLU D 202 25.13 -9.46 34.04
CA GLU D 202 25.16 -9.70 32.63
C GLU D 202 24.00 -8.98 31.96
N PHE D 203 22.82 -9.01 32.57
CA PHE D 203 21.65 -8.34 31.99
C PHE D 203 21.77 -6.83 31.97
N LEU D 204 22.12 -6.21 33.10
CA LEU D 204 22.32 -4.76 33.15
C LEU D 204 23.37 -4.31 32.14
N VAL D 205 24.52 -4.99 32.11
CA VAL D 205 25.63 -4.56 31.26
C VAL D 205 25.27 -4.66 29.78
N ASN D 206 24.79 -5.82 29.35
CA ASN D 206 24.43 -5.97 27.95
C ASN D 206 23.32 -5.03 27.52
N THR D 207 22.31 -4.78 28.36
CA THR D 207 21.25 -3.87 27.88
C THR D 207 21.89 -2.48 27.80
N TRP D 208 22.74 -2.15 28.77
CA TRP D 208 23.43 -0.90 28.71
C TRP D 208 24.17 -0.80 27.38
N LYS D 209 24.96 -1.82 27.09
CA LYS D 209 25.77 -1.82 25.90
C LYS D 209 24.96 -1.85 24.61
N SER D 210 23.72 -2.32 24.70
CA SER D 210 22.89 -2.51 23.52
C SER D 210 22.35 -1.19 23.03
N LYS D 211 22.28 -0.21 23.91
CA LYS D 211 21.78 1.09 23.50
C LYS D 211 22.80 1.83 22.65
N LYS D 212 22.33 2.57 21.66
CA LYS D 212 23.19 3.48 20.90
C LYS D 212 23.86 4.52 21.82
N ASN D 213 23.02 5.19 22.61
CA ASN D 213 23.46 6.23 23.50
C ASN D 213 22.67 6.18 24.83
N PRO D 214 23.16 5.37 25.79
CA PRO D 214 22.42 4.92 26.96
C PRO D 214 22.29 5.93 28.09
N MET D 215 21.15 5.91 28.76
CA MET D 215 20.96 6.65 29.98
C MET D 215 20.21 5.72 30.88
N GLY D 216 20.38 5.86 32.18
CA GLY D 216 19.63 5.05 33.11
C GLY D 216 19.37 5.79 34.39
N PHE D 217 18.35 5.35 35.12
CA PHE D 217 18.05 5.90 36.43
C PHE D 217 17.34 4.85 37.28
N SER D 218 17.54 4.94 38.57
CA SER D 218 16.74 4.19 39.54
C SER D 218 15.71 5.16 40.08
N TYR D 219 14.63 4.64 40.64
CA TYR D 219 13.53 5.47 41.10
C TYR D 219 13.15 4.96 42.46
N ASP D 220 13.45 5.74 43.49
CA ASP D 220 13.08 5.36 44.85
C ASP D 220 11.68 5.80 45.22
N THR D 221 10.80 4.85 45.47
CA THR D 221 9.43 5.17 45.90
C THR D 221 9.36 5.40 47.42
N ARG D 222 8.83 6.56 47.80
CA ARG D 222 8.64 6.93 49.20
C ARG D 222 7.70 5.90 49.87
N CYS D 223 8.25 5.05 50.74
CA CYS D 223 7.47 4.04 51.46
C CYS D 223 6.41 3.38 50.60
N PHE D 224 6.88 2.62 49.62
CA PHE D 224 6.02 1.97 48.60
C PHE D 224 4.82 1.25 49.21
N ASP D 225 5.10 0.41 50.20
CA ASP D 225 4.10 -0.40 50.89
C ASP D 225 2.87 0.40 51.32
N SER D 226 3.12 1.60 51.83
CA SER D 226 2.05 2.50 52.21
C SER D 226 1.37 3.11 51.01
N THR D 227 2.10 3.28 49.90
CA THR D 227 1.51 3.86 48.69
C THR D 227 0.61 2.88 47.91
N VAL D 228 0.80 1.58 48.13
CA VAL D 228 -0.09 0.59 47.52
C VAL D 228 -1.56 0.80 47.96
N THR D 229 -2.45 1.10 47.03
CA THR D 229 -3.83 1.33 47.38
C THR D 229 -4.59 0.02 47.42
N GLU D 230 -5.81 0.08 47.94
CA GLU D 230 -6.74 -1.06 48.00
C GLU D 230 -7.16 -1.38 46.54
N ASN D 231 -7.25 -0.36 45.69
CA ASN D 231 -7.49 -0.62 44.26
C ASN D 231 -6.31 -1.35 43.63
N ASP D 232 -5.07 -0.93 43.91
CA ASP D 232 -3.89 -1.63 43.40
C ASP D 232 -3.96 -3.13 43.75
N ILE D 233 -4.35 -3.39 44.97
CA ILE D 233 -4.39 -4.75 45.49
C ILE D 233 -5.54 -5.54 44.90
N ARG D 234 -6.65 -4.87 44.58
CA ARG D 234 -7.78 -5.50 43.88
C ARG D 234 -7.45 -5.80 42.41
N VAL D 235 -6.63 -4.95 41.80
CA VAL D 235 -6.31 -5.07 40.38
C VAL D 235 -5.46 -6.28 40.24
N GLU D 236 -4.42 -6.31 41.05
CA GLU D 236 -3.55 -7.47 41.18
C GLU D 236 -4.37 -8.78 41.29
N GLU D 237 -5.33 -8.81 42.20
CA GLU D 237 -6.22 -9.95 42.37
C GLU D 237 -6.87 -10.29 41.03
N SER D 238 -7.29 -9.27 40.29
CA SER D 238 -7.90 -9.47 38.97
C SER D 238 -6.90 -9.97 37.91
N ILE D 239 -5.62 -9.61 38.08
CA ILE D 239 -4.55 -10.29 37.34
C ILE D 239 -4.44 -11.79 37.69
N TYR D 240 -4.40 -12.15 38.97
CA TYR D 240 -4.26 -13.57 39.33
C TYR D 240 -5.40 -14.42 38.75
N GLN D 241 -6.58 -13.82 38.68
CA GLN D 241 -7.77 -14.49 38.16
C GLN D 241 -7.77 -14.77 36.65
N CYS D 242 -7.02 -14.01 35.86
CA CYS D 242 -6.81 -14.37 34.45
C CYS D 242 -6.19 -15.78 34.24
N CYS D 243 -5.45 -16.28 35.23
CA CYS D 243 -4.84 -17.60 35.14
C CYS D 243 -5.90 -18.67 35.16
N ASP D 244 -5.55 -19.81 34.57
CA ASP D 244 -6.32 -21.04 34.68
C ASP D 244 -6.10 -21.54 36.08
N LEU D 245 -7.16 -21.62 36.87
CA LEU D 245 -7.03 -21.96 38.29
C LEU D 245 -8.14 -22.90 38.76
N ALA D 246 -7.87 -23.63 39.83
CA ALA D 246 -8.86 -24.52 40.40
C ALA D 246 -9.94 -23.66 41.10
N PRO D 247 -11.21 -24.11 41.07
CA PRO D 247 -12.33 -23.29 41.60
C PRO D 247 -12.18 -22.85 43.07
N GLU D 248 -11.67 -23.75 43.88
CA GLU D 248 -11.51 -23.56 45.31
C GLU D 248 -10.34 -22.61 45.57
N ALA D 249 -9.45 -22.53 44.59
CA ALA D 249 -8.36 -21.57 44.57
C ALA D 249 -8.87 -20.20 44.16
N ARG D 250 -9.73 -20.16 43.16
CA ARG D 250 -10.35 -18.92 42.74
C ARG D 250 -11.09 -18.32 43.91
N GLN D 251 -11.82 -19.16 44.63
CA GLN D 251 -12.58 -18.65 45.76
C GLN D 251 -11.63 -18.15 46.85
N ALA D 252 -10.68 -18.98 47.22
CA ALA D 252 -9.68 -18.64 48.22
C ALA D 252 -8.84 -17.40 47.92
N ILE D 253 -8.48 -17.20 46.65
CA ILE D 253 -7.66 -16.04 46.27
C ILE D 253 -8.46 -14.73 46.44
N LYS D 254 -9.69 -14.66 45.93
CA LYS D 254 -10.48 -13.44 46.11
C LYS D 254 -10.67 -13.20 47.58
N SER D 255 -11.10 -14.26 48.24
CA SER D 255 -11.43 -14.19 49.64
C SER D 255 -10.23 -13.68 50.46
N LEU D 256 -9.02 -14.12 50.11
CA LEU D 256 -7.82 -13.66 50.80
C LEU D 256 -7.48 -12.21 50.44
N THR D 257 -7.74 -11.79 49.22
CA THR D 257 -7.36 -10.43 48.90
C THR D 257 -8.27 -9.42 49.62
N GLU D 258 -9.61 -9.61 49.58
CA GLU D 258 -10.54 -8.71 50.32
C GLU D 258 -10.44 -8.69 51.86
N ARG D 259 -10.25 -9.86 52.48
CA ARG D 259 -10.17 -9.98 53.95
C ARG D 259 -8.76 -9.73 54.60
N LEU D 260 -7.72 -9.61 53.77
CA LEU D 260 -6.32 -9.63 54.23
C LEU D 260 -5.39 -8.71 53.41
N TYR D 261 -5.27 -8.99 52.12
CA TYR D 261 -4.32 -8.25 51.30
C TYR D 261 -4.74 -6.79 51.28
N ILE D 262 -6.02 -6.56 51.02
CA ILE D 262 -6.62 -5.23 50.92
C ILE D 262 -6.50 -4.45 52.23
N GLY D 263 -6.26 -5.17 53.32
CA GLY D 263 -6.07 -4.52 54.60
C GLY D 263 -6.90 -5.14 55.69
N GLY D 264 -6.81 -4.54 56.88
CA GLY D 264 -7.52 -5.05 58.06
C GLY D 264 -6.88 -4.70 59.42
N PRO D 265 -7.55 -5.12 60.49
CA PRO D 265 -7.16 -4.76 61.84
C PRO D 265 -5.75 -5.21 62.22
N LEU D 266 -5.06 -4.38 62.99
CA LEU D 266 -3.70 -4.60 63.39
C LEU D 266 -3.70 -4.80 64.89
N THR D 267 -3.15 -5.93 65.33
CA THR D 267 -3.15 -6.31 66.73
C THR D 267 -1.74 -6.54 67.16
N ASN D 268 -1.31 -5.93 68.26
CA ASN D 268 0.06 -6.10 68.73
C ASN D 268 0.27 -7.39 69.53
N SER D 269 1.50 -7.60 70.04
CA SER D 269 1.86 -8.83 70.77
C SER D 269 1.00 -9.07 72.04
N LYS D 270 0.74 -8.01 72.80
CA LYS D 270 -0.07 -8.15 74.01
C LYS D 270 -1.57 -8.37 73.75
N GLY D 271 -2.00 -8.31 72.49
CA GLY D 271 -3.41 -8.55 72.14
C GLY D 271 -4.29 -7.29 72.05
N GLN D 272 -3.68 -6.10 72.02
CA GLN D 272 -4.44 -4.85 71.87
C GLN D 272 -4.62 -4.47 70.41
N ASN D 273 -5.71 -3.78 70.11
CA ASN D 273 -5.93 -3.22 68.79
C ASN D 273 -5.18 -1.88 68.66
N CYS D 274 -4.32 -1.82 67.66
CA CYS D 274 -3.52 -0.64 67.33
C CYS D 274 -4.12 0.21 66.24
N GLY D 275 -4.89 -0.41 65.35
CA GLY D 275 -5.42 0.33 64.20
C GLY D 275 -5.84 -0.49 62.99
N TYR D 276 -5.92 0.17 61.85
CA TYR D 276 -6.46 -0.46 60.67
C TYR D 276 -5.63 -0.12 59.41
N ARG D 277 -5.15 -1.17 58.74
CA ARG D 277 -4.30 -1.05 57.55
C ARG D 277 -5.12 -1.06 56.26
N ARG D 278 -4.84 -0.13 55.35
CA ARG D 278 -5.42 -0.18 54.01
C ARG D 278 -4.33 0.01 52.94
N CYS D 279 -3.30 -0.80 53.06
CA CYS D 279 -2.16 -0.74 52.16
C CYS D 279 -1.41 -2.05 52.26
N ARG D 280 -0.33 -2.19 51.52
CA ARG D 280 0.32 -3.48 51.45
C ARG D 280 0.72 -3.93 52.83
N ALA D 281 0.57 -5.22 53.09
CA ALA D 281 1.20 -5.85 54.25
C ALA D 281 2.53 -6.48 53.80
N SER D 282 3.59 -6.10 54.49
CA SER D 282 4.94 -6.59 54.19
C SER D 282 5.11 -8.09 54.43
N GLY D 283 4.34 -8.67 55.35
CA GLY D 283 4.50 -10.08 55.74
C GLY D 283 3.42 -11.06 55.31
N VAL D 284 3.07 -11.04 54.03
CA VAL D 284 2.11 -11.99 53.44
C VAL D 284 2.76 -12.61 52.18
N LEU D 285 2.25 -13.75 51.73
CA LEU D 285 2.91 -14.50 50.64
C LEU D 285 2.98 -13.72 49.31
N THR D 286 2.03 -12.83 49.10
CA THR D 286 1.88 -12.15 47.83
C THR D 286 2.53 -10.79 47.82
N THR D 287 3.21 -10.40 48.89
CA THR D 287 3.75 -9.07 48.97
C THR D 287 4.74 -8.83 47.84
N SER D 288 5.76 -9.66 47.73
CA SER D 288 6.76 -9.52 46.68
C SER D 288 6.17 -9.53 45.27
N CYS D 289 5.25 -10.45 45.00
CA CYS D 289 4.70 -10.55 43.66
C CYS D 289 3.82 -9.34 43.39
N GLY D 290 3.03 -9.00 44.40
CA GLY D 290 2.23 -7.80 44.37
C GLY D 290 3.08 -6.62 44.02
N ASN D 291 4.02 -6.28 44.88
CA ASN D 291 4.75 -5.06 44.69
C ASN D 291 5.44 -5.02 43.35
N THR D 292 5.93 -6.17 42.93
CA THR D 292 6.62 -6.26 41.67
C THR D 292 5.66 -5.99 40.53
N LEU D 293 4.52 -6.67 40.50
CA LEU D 293 3.53 -6.42 39.43
C LEU D 293 3.07 -4.99 39.46
N THR D 294 2.92 -4.45 40.67
CA THR D 294 2.40 -3.10 40.84
C THR D 294 3.43 -2.06 40.41
N CYS D 295 4.67 -2.18 40.86
CA CYS D 295 5.72 -1.26 40.42
C CYS D 295 5.91 -1.31 38.90
N TYR D 296 5.85 -2.52 38.32
CA TYR D 296 6.04 -2.70 36.87
C TYR D 296 4.90 -2.09 36.06
N LEU D 297 3.69 -2.17 36.61
CA LEU D 297 2.52 -1.62 35.95
C LEU D 297 2.59 -0.09 36.02
N LYS D 298 2.95 0.43 37.18
CA LYS D 298 3.05 1.86 37.31
C LYS D 298 4.21 2.33 36.47
N ALA D 299 5.36 1.70 36.61
CA ALA D 299 6.56 2.16 35.88
C ALA D 299 6.45 2.06 34.36
N SER D 300 5.82 1.01 33.86
CA SER D 300 5.64 0.88 32.40
C SER D 300 4.82 2.05 31.82
N ALA D 301 3.69 2.34 32.45
CA ALA D 301 2.84 3.43 32.01
C ALA D 301 3.59 4.74 32.02
N ALA D 302 4.41 4.93 33.05
CA ALA D 302 5.15 6.17 33.20
C ALA D 302 6.22 6.29 32.13
N CYS D 303 6.86 5.18 31.76
CA CYS D 303 7.74 5.22 30.57
C CYS D 303 6.99 5.74 29.33
N ARG D 304 5.77 5.25 29.10
CA ARG D 304 4.97 5.71 27.97
C ARG D 304 4.60 7.20 28.05
N ALA D 305 4.28 7.67 29.25
CA ALA D 305 3.84 9.06 29.44
C ALA D 305 5.01 10.05 29.36
N ALA D 306 6.14 9.65 29.94
CA ALA D 306 7.42 10.38 29.77
C ALA D 306 8.06 10.18 28.39
N LYS D 307 7.46 9.35 27.55
CA LYS D 307 7.91 9.14 26.17
C LYS D 307 9.41 8.77 26.05
N LEU D 308 9.89 7.94 26.97
CA LEU D 308 11.25 7.43 26.92
C LEU D 308 11.44 6.39 25.80
N GLN D 309 12.59 6.42 25.14
CA GLN D 309 12.84 5.56 23.96
C GLN D 309 13.46 4.23 24.34
N ASP D 310 12.98 3.15 23.73
CA ASP D 310 13.59 1.83 23.85
C ASP D 310 13.98 1.59 25.32
N CYS D 311 12.97 1.61 26.18
CA CYS D 311 13.16 1.34 27.63
C CYS D 311 13.47 -0.10 27.95
N THR D 312 14.34 -0.32 28.93
CA THR D 312 14.48 -1.63 29.52
C THR D 312 14.49 -1.47 31.01
N MET D 313 13.70 -2.31 31.67
CA MET D 313 13.32 -2.11 33.05
C MET D 313 13.63 -3.30 33.89
N LEU D 314 14.08 -3.06 35.11
CA LEU D 314 14.38 -4.12 36.02
C LEU D 314 13.68 -3.88 37.35
N VAL D 315 12.79 -4.79 37.74
CA VAL D 315 11.95 -4.60 38.93
C VAL D 315 12.15 -5.75 39.90
N ASN D 316 12.22 -5.40 41.17
CA ASN D 316 12.44 -6.33 42.29
C ASN D 316 11.65 -5.84 43.46
N GLY D 317 10.38 -6.21 43.54
CA GLY D 317 9.51 -5.60 44.53
C GLY D 317 9.34 -4.13 44.21
N ASP D 318 9.64 -3.28 45.20
CA ASP D 318 9.45 -1.82 45.09
C ASP D 318 10.60 -1.13 44.37
N ASP D 319 11.60 -1.89 43.98
CA ASP D 319 12.91 -1.37 43.64
C ASP D 319 13.09 -1.47 42.14
N LEU D 320 13.38 -0.33 41.51
CA LEU D 320 13.21 -0.17 40.07
C LEU D 320 14.40 0.45 39.36
N VAL D 321 14.77 -0.08 38.21
CA VAL D 321 15.78 0.57 37.37
C VAL D 321 15.27 0.66 35.99
N VAL D 322 15.58 1.77 35.33
CA VAL D 322 15.31 1.93 33.90
C VAL D 322 16.62 2.26 33.20
N ILE D 323 16.80 1.72 32.01
CA ILE D 323 17.96 2.00 31.15
C ILE D 323 17.46 2.16 29.71
N CYS D 324 17.61 3.35 29.13
CA CYS D 324 16.94 3.69 27.87
C CYS D 324 17.88 4.44 26.94
N GLU D 325 17.35 4.93 25.81
CA GLU D 325 18.10 5.76 24.86
C GLU D 325 17.95 7.21 25.26
N SER D 326 19.09 7.89 25.43
CA SER D 326 19.12 9.32 25.77
C SER D 326 18.65 10.14 24.60
N ALA D 327 17.79 11.13 24.87
CA ALA D 327 17.36 12.10 23.85
C ALA D 327 18.18 13.37 23.91
N GLY D 328 19.16 13.38 24.82
CA GLY D 328 20.04 14.51 25.08
C GLY D 328 19.97 14.80 26.56
N THR D 329 20.97 15.47 27.09
CA THR D 329 21.02 15.77 28.51
C THR D 329 19.77 16.48 29.05
N GLN D 330 19.43 17.58 28.39
CA GLN D 330 18.30 18.44 28.74
C GLN D 330 16.99 17.68 28.72
N GLU D 331 16.85 16.88 27.68
CA GLU D 331 15.61 16.22 27.34
C GLU D 331 15.35 15.01 28.28
N ASP D 332 16.44 14.37 28.73
CA ASP D 332 16.36 13.33 29.74
C ASP D 332 15.81 13.87 31.08
N ALA D 333 16.49 14.86 31.64
CA ALA D 333 16.02 15.48 32.90
C ALA D 333 14.53 15.82 32.83
N ALA D 334 14.13 16.38 31.69
CA ALA D 334 12.77 16.82 31.51
C ALA D 334 11.89 15.60 31.62
N SER D 335 12.19 14.59 30.81
CA SER D 335 11.36 13.39 30.77
C SER D 335 11.44 12.56 32.08
N LEU D 336 12.49 12.71 32.87
CA LEU D 336 12.52 12.14 34.23
C LEU D 336 11.46 12.75 35.14
N ARG D 337 11.15 14.03 34.92
CA ARG D 337 10.15 14.72 35.72
C ARG D 337 8.75 14.32 35.28
N VAL D 338 8.55 14.12 33.97
CA VAL D 338 7.27 13.64 33.44
C VAL D 338 7.06 12.19 33.91
N PHE D 339 8.15 11.43 34.00
CA PHE D 339 8.07 10.10 34.59
C PHE D 339 7.63 10.22 36.03
N THR D 340 8.27 11.11 36.79
CA THR D 340 7.89 11.32 38.21
C THR D 340 6.44 11.83 38.39
N GLU D 341 5.99 12.72 37.51
CA GLU D 341 4.62 13.25 37.61
C GLU D 341 3.61 12.15 37.40
N ALA D 342 3.83 11.37 36.36
CA ALA D 342 3.03 10.19 36.12
C ALA D 342 2.94 9.27 37.36
N MET D 343 4.08 8.87 37.97
CA MET D 343 4.09 7.91 39.11
C MET D 343 3.31 8.45 40.29
N THR D 344 3.42 9.75 40.49
CA THR D 344 2.70 10.41 41.58
C THR D 344 1.20 10.35 41.43
N ARG D 345 0.68 10.53 40.22
CA ARG D 345 -0.76 10.40 40.00
C ARG D 345 -1.19 9.01 40.44
N TYR D 346 -0.41 8.03 40.00
CA TYR D 346 -0.60 6.61 40.25
C TYR D 346 -0.23 6.22 41.68
N SER D 347 0.01 7.19 42.54
CA SER D 347 0.32 6.92 43.94
C SER D 347 1.59 6.13 44.07
N ALA D 348 2.68 6.74 43.63
CA ALA D 348 4.00 6.19 43.86
C ALA D 348 4.99 7.31 43.63
N PRO D 349 4.90 8.36 44.47
CA PRO D 349 5.80 9.49 44.35
C PRO D 349 7.10 9.12 45.02
N PRO D 350 8.13 9.97 44.88
CA PRO D 350 9.47 9.58 45.21
C PRO D 350 9.87 9.99 46.59
N GLY D 351 10.98 9.45 47.07
CA GLY D 351 11.67 10.03 48.21
C GLY D 351 12.67 11.00 47.62
N ASP D 352 13.90 10.54 47.50
CA ASP D 352 14.91 11.17 46.64
C ASP D 352 14.26 11.41 45.30
N PRO D 353 14.44 12.59 44.72
CA PRO D 353 13.97 12.66 43.32
C PRO D 353 14.94 11.86 42.47
N PRO D 354 14.45 11.23 41.40
CA PRO D 354 15.37 10.55 40.48
C PRO D 354 16.27 11.48 39.67
N GLN D 355 17.46 11.00 39.34
CA GLN D 355 18.44 11.74 38.53
C GLN D 355 18.94 10.86 37.35
N PRO D 356 19.01 11.44 36.15
CA PRO D 356 19.67 10.69 35.07
C PRO D 356 21.16 10.35 35.40
N GLU D 357 21.60 9.14 35.05
CA GLU D 357 23.00 8.76 35.09
C GLU D 357 23.45 8.32 33.68
N TYR D 358 24.71 8.56 33.34
CA TYR D 358 25.26 8.16 32.04
C TYR D 358 26.37 7.14 32.19
N ASP D 359 26.53 6.63 33.39
CA ASP D 359 27.58 5.72 33.69
C ASP D 359 26.97 4.65 34.59
N LEU D 360 26.98 3.41 34.09
CA LEU D 360 26.23 2.30 34.71
C LEU D 360 26.64 2.02 36.17
N GLU D 361 27.94 2.14 36.42
CA GLU D 361 28.50 1.92 37.75
C GLU D 361 27.91 2.79 38.81
N LEU D 362 27.47 3.98 38.45
CA LEU D 362 26.94 4.92 39.45
C LEU D 362 25.49 4.66 39.88
N ILE D 363 24.77 3.81 39.14
CA ILE D 363 23.37 3.49 39.41
C ILE D 363 23.26 2.41 40.48
N THR D 364 22.50 2.69 41.54
CA THR D 364 22.24 1.71 42.58
C THR D 364 20.81 1.16 42.48
N SER D 365 20.71 -0.17 42.34
CA SER D 365 19.44 -0.88 42.37
C SER D 365 19.58 -2.25 43.08
N CYS D 366 18.51 -2.67 43.77
CA CYS D 366 18.62 -3.69 44.83
C CYS D 366 19.90 -3.46 45.58
N SER D 367 19.98 -2.33 46.26
CA SER D 367 21.14 -2.00 47.09
C SER D 367 22.54 -2.35 46.49
N SER D 368 22.64 -2.48 45.15
CA SER D 368 23.90 -2.84 44.50
C SER D 368 24.19 -1.97 43.28
N ASN D 369 25.46 -2.00 42.89
CA ASN D 369 25.95 -1.32 41.71
C ASN D 369 26.94 -2.21 40.98
N VAL D 370 27.01 -2.03 39.68
CA VAL D 370 27.92 -2.77 38.87
C VAL D 370 29.31 -2.22 39.05
N SER D 371 30.29 -3.13 39.13
CA SER D 371 31.70 -2.74 39.14
C SER D 371 32.49 -3.71 38.25
N VAL D 372 33.80 -3.49 38.19
CA VAL D 372 34.64 -4.04 37.14
C VAL D 372 36.04 -4.38 37.64
N ALA D 373 36.41 -5.64 37.49
CA ALA D 373 37.72 -6.12 37.87
C ALA D 373 38.22 -6.94 36.70
N HIS D 374 39.31 -7.72 36.88
CA HIS D 374 39.94 -8.51 35.78
C HIS D 374 40.21 -9.93 36.26
N ASP D 375 40.04 -10.91 35.38
CA ASP D 375 40.37 -12.32 35.69
C ASP D 375 41.88 -12.66 35.47
N ALA D 376 42.26 -13.90 35.75
CA ALA D 376 43.66 -14.27 35.56
C ALA D 376 44.16 -13.93 34.14
N SER D 377 43.34 -14.19 33.12
CA SER D 377 43.70 -13.87 31.73
C SER D 377 43.87 -12.38 31.44
N GLY D 378 43.36 -11.49 32.31
CA GLY D 378 43.40 -10.03 32.10
C GLY D 378 42.12 -9.43 31.51
N LYS D 379 41.29 -10.27 30.91
CA LYS D 379 39.90 -9.96 30.53
C LYS D 379 39.16 -9.20 31.62
N ARG D 380 38.41 -8.18 31.23
CA ARG D 380 37.64 -7.40 32.20
C ARG D 380 36.35 -8.15 32.53
N VAL D 381 35.98 -8.15 33.81
CA VAL D 381 34.80 -8.90 34.27
C VAL D 381 33.92 -7.99 35.08
N TYR D 382 32.61 -8.18 34.94
CA TYR D 382 31.61 -7.30 35.56
C TYR D 382 30.95 -8.03 36.71
N TYR D 383 30.92 -7.39 37.86
CA TYR D 383 30.38 -7.98 39.06
C TYR D 383 29.56 -6.91 39.80
N LEU D 384 28.79 -7.36 40.77
CA LEU D 384 27.89 -6.51 41.50
C LEU D 384 28.41 -6.36 42.87
N THR D 385 28.35 -5.13 43.39
CA THR D 385 28.84 -4.85 44.73
C THR D 385 28.01 -3.78 45.43
N ARG D 386 28.46 -3.39 46.62
CA ARG D 386 27.82 -2.29 47.33
C ARG D 386 28.75 -1.65 48.33
N ASP D 387 28.29 -0.54 48.93
CA ASP D 387 28.93 -0.04 50.13
C ASP D 387 28.84 -1.21 51.11
N PRO D 388 29.98 -1.62 51.69
CA PRO D 388 29.95 -2.77 52.56
C PRO D 388 29.63 -2.45 54.00
N THR D 389 29.32 -1.19 54.30
CA THR D 389 29.07 -0.76 55.68
C THR D 389 28.00 -1.60 56.41
N THR D 390 26.85 -1.84 55.78
CA THR D 390 25.82 -2.68 56.43
C THR D 390 26.26 -4.14 56.60
N PRO D 391 26.66 -4.82 55.52
CA PRO D 391 27.11 -6.19 55.70
C PRO D 391 28.11 -6.39 56.83
N LEU D 392 29.05 -5.46 56.99
CA LEU D 392 30.05 -5.55 58.05
C LEU D 392 29.45 -5.34 59.45
N ALA D 393 28.47 -4.45 59.56
CA ALA D 393 27.77 -4.15 60.82
C ALA D 393 26.99 -5.34 61.38
N ARG D 394 26.28 -6.04 60.50
CA ARG D 394 25.52 -7.25 60.89
C ARG D 394 26.50 -8.38 61.11
N ALA D 395 27.60 -8.38 60.36
CA ALA D 395 28.66 -9.39 60.52
C ALA D 395 29.27 -9.33 61.93
N ALA D 396 29.46 -8.11 62.42
CA ALA D 396 29.95 -7.89 63.77
C ALA D 396 28.88 -8.30 64.80
N TRP D 397 27.63 -8.06 64.46
CA TRP D 397 26.55 -8.38 65.36
C TRP D 397 26.35 -9.88 65.49
N GLU D 398 26.47 -10.59 64.38
CA GLU D 398 26.23 -12.02 64.36
C GLU D 398 27.40 -12.76 64.99
N THR D 399 28.58 -12.12 64.98
CA THR D 399 29.75 -12.72 65.59
C THR D 399 29.63 -12.58 67.11
N ALA D 400 29.16 -11.43 67.58
CA ALA D 400 28.92 -11.21 69.03
C ALA D 400 27.69 -11.95 69.54
N ARG D 401 26.50 -11.38 69.36
CA ARG D 401 25.25 -12.00 69.84
C ARG D 401 24.78 -13.07 68.83
N HIS D 402 24.62 -14.31 69.31
CA HIS D 402 24.23 -15.41 68.44
C HIS D 402 22.79 -15.24 67.96
N THR D 403 22.61 -14.82 66.71
CA THR D 403 21.26 -14.80 66.08
C THR D 403 21.01 -16.16 65.40
N PRO D 404 19.75 -16.49 65.09
CA PRO D 404 19.51 -17.69 64.30
C PRO D 404 19.46 -17.41 62.78
N VAL D 405 19.72 -16.15 62.40
CA VAL D 405 19.92 -15.77 60.99
C VAL D 405 21.37 -15.28 60.76
N ASN D 406 22.00 -15.80 59.70
CA ASN D 406 23.41 -15.52 59.36
C ASN D 406 23.52 -14.73 58.07
N SER D 407 23.44 -13.40 58.15
CA SER D 407 23.49 -12.58 56.96
C SER D 407 24.90 -12.54 56.31
N TRP D 408 25.92 -12.89 57.08
CA TRP D 408 27.26 -13.00 56.52
C TRP D 408 27.35 -14.02 55.37
N LEU D 409 26.73 -15.17 55.56
CA LEU D 409 26.74 -16.23 54.55
C LEU D 409 26.00 -15.80 53.27
N GLY D 410 24.77 -15.32 53.43
CA GLY D 410 23.99 -14.79 52.31
C GLY D 410 24.78 -13.78 51.51
N ASN D 411 25.48 -12.89 52.21
CA ASN D 411 26.28 -11.90 51.57
C ASN D 411 27.48 -12.46 50.87
N ILE D 412 28.16 -13.43 51.45
CA ILE D 412 29.24 -14.09 50.73
C ILE D 412 28.70 -14.68 49.44
N ILE D 413 27.52 -15.30 49.51
CA ILE D 413 26.90 -15.89 48.31
C ILE D 413 26.59 -14.80 47.28
N MET D 414 25.79 -13.83 47.68
CA MET D 414 25.38 -12.75 46.78
C MET D 414 26.53 -11.85 46.32
N TYR D 415 27.55 -11.66 47.13
CA TYR D 415 28.66 -10.81 46.73
C TYR D 415 30.06 -11.47 46.72
N ALA D 416 30.12 -12.77 46.44
CA ALA D 416 31.38 -13.53 46.43
C ALA D 416 32.56 -12.89 45.68
N PRO D 417 32.34 -12.29 44.50
CA PRO D 417 33.50 -11.72 43.80
C PRO D 417 33.99 -10.40 44.33
N THR D 418 33.22 -9.78 45.24
CA THR D 418 33.57 -8.47 45.77
C THR D 418 34.84 -8.56 46.59
N LEU D 419 35.64 -7.52 46.42
CA LEU D 419 36.86 -7.24 47.18
C LEU D 419 36.58 -7.43 48.67
N TRP D 420 35.47 -6.90 49.15
CA TRP D 420 35.17 -6.93 50.59
C TRP D 420 34.70 -8.28 51.11
N ALA D 421 33.85 -8.99 50.37
CA ALA D 421 33.37 -10.28 50.86
C ALA D 421 34.46 -11.35 50.87
N ARG D 422 35.35 -11.33 49.87
CA ARG D 422 36.47 -12.28 49.81
C ARG D 422 37.56 -12.03 50.87
N MET D 423 37.94 -10.77 51.07
CA MET D 423 39.09 -10.49 51.93
C MET D 423 38.70 -10.45 53.40
N ILE D 424 37.46 -9.99 53.64
CA ILE D 424 36.97 -9.77 54.98
C ILE D 424 35.99 -10.89 55.41
N LEU D 425 34.87 -11.03 54.73
CA LEU D 425 33.84 -11.92 55.27
C LEU D 425 34.32 -13.35 55.25
N MET D 426 34.87 -13.79 54.12
CA MET D 426 35.33 -15.19 54.02
C MET D 426 36.37 -15.50 55.10
N THR D 427 37.38 -14.63 55.19
CA THR D 427 38.49 -14.79 56.10
C THR D 427 38.02 -14.84 57.54
N HIS D 428 37.17 -13.89 57.91
CA HIS D 428 36.71 -13.74 59.28
C HIS D 428 35.88 -14.93 59.72
N PHE D 429 34.87 -15.29 58.95
CA PHE D 429 33.98 -16.35 59.41
C PHE D 429 34.59 -17.75 59.29
N PHE D 430 35.37 -18.00 58.25
CA PHE D 430 36.02 -19.30 58.16
C PHE D 430 37.00 -19.47 59.31
N SER D 431 37.63 -18.38 59.74
CA SER D 431 38.50 -18.44 60.89
C SER D 431 37.68 -18.98 62.06
N ILE D 432 36.56 -18.35 62.33
CA ILE D 432 35.66 -18.74 63.45
C ILE D 432 35.16 -20.18 63.35
N LEU D 433 34.78 -20.59 62.14
CA LEU D 433 34.28 -21.93 61.91
C LEU D 433 35.37 -22.95 62.18
N LEU D 434 36.62 -22.60 61.88
CA LEU D 434 37.77 -23.44 62.17
C LEU D 434 37.95 -23.60 63.69
N ALA D 435 37.97 -22.49 64.41
CA ALA D 435 38.26 -22.53 65.82
C ALA D 435 37.10 -23.08 66.64
N GLN D 436 35.97 -23.37 66.02
CA GLN D 436 34.86 -23.97 66.76
C GLN D 436 34.45 -25.31 66.18
N GLU D 437 35.29 -25.86 65.30
CA GLU D 437 35.09 -27.17 64.69
C GLU D 437 33.67 -27.38 64.10
N GLN D 438 33.14 -26.34 63.46
CA GLN D 438 31.74 -26.32 62.99
C GLN D 438 31.60 -26.11 61.47
N LEU D 439 32.64 -26.45 60.72
CA LEU D 439 32.61 -26.42 59.26
C LEU D 439 31.51 -27.27 58.65
N GLU D 440 31.12 -28.34 59.35
CA GLU D 440 30.08 -29.24 58.87
C GLU D 440 28.67 -28.67 59.05
N LYS D 441 28.41 -27.97 60.16
CA LYS D 441 27.05 -27.51 60.49
C LYS D 441 26.42 -26.69 59.37
N ALA D 442 25.25 -27.13 58.91
CA ALA D 442 24.46 -26.37 57.93
C ALA D 442 24.06 -25.07 58.58
N LEU D 443 23.77 -24.07 57.77
CA LEU D 443 23.39 -22.75 58.27
C LEU D 443 22.21 -22.26 57.48
N ASP D 444 21.41 -21.39 58.11
CA ASP D 444 20.24 -20.80 57.47
C ASP D 444 20.50 -19.35 57.01
N CYS D 445 20.47 -19.13 55.69
CA CYS D 445 20.55 -17.78 55.13
C CYS D 445 19.44 -17.48 54.11
N GLN D 446 19.17 -16.20 53.94
CA GLN D 446 18.03 -15.73 53.16
C GLN D 446 18.52 -15.38 51.78
N ILE D 447 17.84 -15.91 50.78
CA ILE D 447 18.08 -15.57 49.37
C ILE D 447 16.75 -15.19 48.73
N TYR D 448 16.65 -13.93 48.31
CA TYR D 448 15.41 -13.37 47.73
C TYR D 448 14.19 -13.67 48.58
N GLY D 449 14.36 -13.62 49.90
CA GLY D 449 13.28 -13.84 50.85
C GLY D 449 13.26 -15.23 51.46
N ALA D 450 13.41 -16.27 50.65
CA ALA D 450 13.30 -17.66 51.13
C ALA D 450 14.48 -18.08 52.00
N CYS D 451 14.32 -19.20 52.70
CA CYS D 451 15.30 -19.64 53.68
C CYS D 451 15.83 -20.99 53.22
N TYR D 452 17.13 -21.00 52.95
CA TYR D 452 17.82 -22.18 52.46
C TYR D 452 18.82 -22.57 53.53
N SER D 453 19.06 -23.87 53.65
CA SER D 453 20.05 -24.43 54.56
C SER D 453 21.21 -24.82 53.70
N ILE D 454 22.36 -24.19 53.95
CA ILE D 454 23.57 -24.46 53.23
C ILE D 454 24.69 -24.92 54.17
N GLU D 455 25.50 -25.84 53.68
CA GLU D 455 26.73 -26.26 54.37
C GLU D 455 27.88 -25.42 53.79
N PRO D 456 28.55 -24.61 54.62
CA PRO D 456 29.53 -23.68 54.07
C PRO D 456 30.63 -24.33 53.24
N LEU D 457 30.95 -25.60 53.49
CA LEU D 457 31.93 -26.30 52.68
C LEU D 457 31.48 -26.44 51.23
N ASP D 458 30.20 -26.21 50.96
CA ASP D 458 29.70 -26.21 49.58
C ASP D 458 30.01 -24.92 48.81
N LEU D 459 30.59 -23.92 49.47
CA LEU D 459 30.73 -22.60 48.84
C LEU D 459 31.57 -22.51 47.56
N PRO D 460 32.64 -23.30 47.42
CA PRO D 460 33.32 -23.25 46.12
C PRO D 460 32.44 -23.68 44.92
N GLN D 461 31.58 -24.67 45.15
CA GLN D 461 30.71 -25.21 44.10
C GLN D 461 29.62 -24.16 43.79
N ILE D 462 28.96 -23.68 44.86
CA ILE D 462 27.89 -22.70 44.81
C ILE D 462 28.36 -21.46 44.10
N ILE D 463 29.57 -21.02 44.41
CA ILE D 463 30.12 -19.81 43.80
C ILE D 463 30.55 -19.99 42.37
N GLU D 464 31.09 -21.15 41.97
CA GLU D 464 31.34 -21.35 40.51
C GLU D 464 30.05 -21.27 39.69
N ARG D 465 28.98 -21.89 40.17
CA ARG D 465 27.72 -21.86 39.43
C ARG D 465 27.10 -20.45 39.45
N LEU D 466 26.82 -19.91 40.63
CA LEU D 466 26.26 -18.57 40.75
C LEU D 466 27.09 -17.43 40.12
N HIS D 467 28.42 -17.63 39.94
CA HIS D 467 29.36 -16.52 39.61
C HIS D 467 30.43 -16.76 38.54
N GLY D 468 31.00 -17.99 38.53
CA GLY D 468 32.01 -18.40 37.56
C GLY D 468 33.32 -18.56 38.29
N LEU D 469 34.19 -19.42 37.76
CA LEU D 469 35.56 -19.54 38.21
C LEU D 469 36.31 -18.23 38.34
N SER D 470 35.86 -17.20 37.63
CA SER D 470 36.50 -15.88 37.70
C SER D 470 36.36 -15.23 39.08
N ALA D 471 35.38 -15.69 39.85
CA ALA D 471 35.16 -15.17 41.21
C ALA D 471 36.24 -15.62 42.21
N PHE D 472 37.11 -16.54 41.76
CA PHE D 472 38.21 -17.02 42.60
C PHE D 472 39.57 -16.40 42.27
N SER D 473 39.61 -15.52 41.27
CA SER D 473 40.85 -14.90 40.83
C SER D 473 40.72 -13.45 40.33
N LEU D 474 39.64 -12.76 40.69
CA LEU D 474 39.47 -11.37 40.29
C LEU D 474 40.53 -10.54 40.97
N HIS D 475 41.10 -9.58 40.25
CA HIS D 475 42.29 -8.93 40.75
C HIS D 475 42.41 -7.42 40.60
N SER D 476 41.93 -6.76 39.56
CA SER D 476 42.28 -5.35 39.55
C SER D 476 41.07 -4.45 39.69
N TYR D 477 40.60 -4.40 40.93
CA TYR D 477 39.36 -3.72 41.27
C TYR D 477 39.52 -2.22 41.08
N SER D 478 38.43 -1.53 40.68
CA SER D 478 38.47 -0.11 40.39
C SER D 478 38.85 0.73 41.62
N PRO D 479 39.47 1.90 41.38
CA PRO D 479 39.90 2.76 42.47
C PRO D 479 38.75 3.27 43.34
N GLY D 480 37.61 3.57 42.70
CA GLY D 480 36.39 3.96 43.42
C GLY D 480 35.98 2.94 44.48
N GLU D 481 35.94 1.68 44.07
CA GLU D 481 35.59 0.56 44.93
C GLU D 481 36.66 0.38 45.99
N ILE D 482 37.94 0.35 45.61
CA ILE D 482 39.00 0.28 46.62
C ILE D 482 38.80 1.40 47.65
N ASN D 483 38.65 2.65 47.20
CA ASN D 483 38.59 3.75 48.18
C ASN D 483 37.39 3.61 49.09
N ARG D 484 36.26 3.20 48.51
CA ARG D 484 35.05 2.95 49.27
C ARG D 484 35.19 1.86 50.33
N VAL D 485 35.89 0.79 50.00
CA VAL D 485 36.08 -0.31 50.95
C VAL D 485 37.01 0.19 52.03
N ALA D 486 38.17 0.68 51.62
CA ALA D 486 39.15 1.28 52.53
C ALA D 486 38.54 2.36 53.47
N SER D 487 37.82 3.34 52.90
CA SER D 487 37.06 4.34 53.69
C SER D 487 36.16 3.67 54.73
N CYS D 488 35.34 2.74 54.24
CA CYS D 488 34.46 2.04 55.12
C CYS D 488 35.21 1.40 56.30
N LEU D 489 36.42 0.91 56.04
CA LEU D 489 37.18 0.28 57.10
C LEU D 489 37.63 1.29 58.16
N ARG D 490 38.35 2.34 57.75
CA ARG D 490 38.79 3.35 58.72
C ARG D 490 37.58 3.80 59.56
N LYS D 491 36.49 4.09 58.86
CA LYS D 491 35.24 4.55 59.45
C LYS D 491 34.81 3.67 60.62
N LEU D 492 34.76 2.36 60.40
CA LEU D 492 34.17 1.39 61.33
C LEU D 492 35.09 0.85 62.42
N GLY D 493 36.38 1.07 62.27
CA GLY D 493 37.36 0.49 63.17
C GLY D 493 37.71 -0.96 62.83
N VAL D 494 37.52 -1.34 61.58
CA VAL D 494 37.86 -2.70 61.18
C VAL D 494 39.25 -2.63 60.58
N PRO D 495 40.06 -3.67 60.83
CA PRO D 495 41.46 -3.66 60.37
C PRO D 495 41.57 -3.52 58.84
N PRO D 496 42.62 -2.83 58.34
CA PRO D 496 42.76 -2.64 56.90
C PRO D 496 43.09 -3.94 56.15
N LEU D 497 43.01 -3.87 54.83
CA LEU D 497 43.05 -5.06 53.98
C LEU D 497 44.37 -5.84 54.03
N ARG D 498 45.49 -5.16 54.24
CA ARG D 498 46.78 -5.84 54.32
C ARG D 498 46.83 -6.74 55.55
N VAL D 499 46.01 -6.47 56.55
CA VAL D 499 45.93 -7.35 57.70
C VAL D 499 45.11 -8.58 57.36
N TRP D 500 43.99 -8.38 56.69
CA TRP D 500 43.13 -9.49 56.31
C TRP D 500 43.84 -10.49 55.43
N ARG D 501 44.65 -9.98 54.53
CA ARG D 501 45.47 -10.84 53.72
C ARG D 501 46.28 -11.82 54.58
N HIS D 502 46.79 -11.36 55.72
CA HIS D 502 47.64 -12.20 56.56
C HIS D 502 46.83 -13.21 57.37
N ARG D 503 45.77 -12.75 58.00
CA ARG D 503 44.80 -13.67 58.56
C ARG D 503 44.36 -14.71 57.51
N ALA D 504 44.31 -14.30 56.25
CA ALA D 504 43.82 -15.17 55.19
C ALA D 504 44.77 -16.30 54.90
N ARG D 505 46.06 -16.01 54.77
CA ARG D 505 47.03 -17.05 54.48
C ARG D 505 47.04 -18.12 55.58
N SER D 506 46.85 -17.69 56.82
CA SER D 506 46.82 -18.60 57.95
C SER D 506 45.57 -19.52 57.95
N VAL D 507 44.40 -18.92 57.68
CA VAL D 507 43.13 -19.65 57.59
C VAL D 507 43.19 -20.64 56.44
N ARG D 508 43.81 -20.21 55.35
CA ARG D 508 43.99 -21.06 54.17
C ARG D 508 44.80 -22.34 54.48
N ALA D 509 45.92 -22.18 55.17
CA ALA D 509 46.78 -23.29 55.57
C ALA D 509 46.02 -24.35 56.35
N ARG D 510 45.45 -23.97 57.49
CA ARG D 510 44.73 -24.94 58.33
C ARG D 510 43.69 -25.67 57.46
N LEU D 511 42.95 -24.96 56.60
CA LEU D 511 41.96 -25.59 55.72
C LEU D 511 42.61 -26.65 54.86
N LEU D 512 43.66 -26.25 54.15
CA LEU D 512 44.39 -27.19 53.33
C LEU D 512 44.78 -28.48 54.08
N SER D 513 45.15 -28.35 55.36
CA SER D 513 45.58 -29.47 56.17
C SER D 513 44.47 -30.48 56.43
N GLN D 514 43.23 -30.09 56.27
CA GLN D 514 42.13 -30.99 56.54
C GLN D 514 41.68 -31.79 55.33
N GLY D 515 42.19 -31.45 54.14
CA GLY D 515 41.78 -32.10 52.89
C GLY D 515 40.28 -32.06 52.61
N GLY D 516 39.86 -32.83 51.61
CA GLY D 516 38.43 -33.04 51.34
C GLY D 516 37.78 -31.78 50.82
N ARG D 517 36.58 -31.49 51.34
CA ARG D 517 35.85 -30.27 51.00
C ARG D 517 36.53 -29.04 51.62
N ALA D 518 37.17 -29.23 52.77
CA ALA D 518 37.76 -28.12 53.52
C ALA D 518 38.95 -27.55 52.82
N ALA D 519 39.69 -28.42 52.14
CA ALA D 519 40.87 -28.00 51.42
C ALA D 519 40.48 -27.46 50.07
N THR D 520 39.35 -27.93 49.53
CA THR D 520 38.82 -27.30 48.31
C THR D 520 38.46 -25.84 48.61
N CYS D 521 37.96 -25.58 49.82
CA CYS D 521 37.66 -24.21 50.25
C CYS D 521 38.91 -23.38 50.36
N GLY D 522 39.92 -23.90 51.04
CA GLY D 522 41.20 -23.18 51.18
C GLY D 522 41.89 -22.84 49.87
N LYS D 523 41.77 -23.72 48.87
CA LYS D 523 42.49 -23.62 47.60
C LYS D 523 41.83 -22.60 46.71
N TYR D 524 40.51 -22.64 46.63
CA TYR D 524 39.75 -21.70 45.77
C TYR D 524 39.36 -20.34 46.43
N LEU D 525 38.69 -20.38 47.58
CA LEU D 525 38.19 -19.16 48.22
C LEU D 525 39.31 -18.18 48.57
N PHE D 526 40.49 -18.69 48.90
CA PHE D 526 41.58 -17.85 49.39
C PHE D 526 42.81 -17.89 48.49
N ASN D 527 42.62 -18.26 47.23
CA ASN D 527 43.72 -18.18 46.29
C ASN D 527 44.18 -16.78 46.04
N TRP D 528 43.30 -15.80 46.20
CA TRP D 528 43.69 -14.39 46.15
C TRP D 528 44.79 -14.01 47.16
N ALA D 529 44.90 -14.73 48.26
CA ALA D 529 45.73 -14.31 49.38
C ALA D 529 47.19 -14.66 49.20
N VAL D 530 47.48 -15.63 48.34
CA VAL D 530 48.75 -16.32 48.42
C VAL D 530 49.93 -15.44 48.01
N LYS D 531 50.06 -15.19 46.70
CA LYS D 531 51.30 -14.66 46.09
C LYS D 531 51.60 -15.55 44.89
N THR D 532 52.11 -16.76 45.11
CA THR D 532 52.14 -17.74 44.03
C THR D 532 50.80 -18.47 44.02
N LYS D 533 50.00 -18.16 43.00
CA LYS D 533 48.65 -18.70 42.85
C LYS D 533 48.68 -20.13 42.30
N LEU D 534 47.76 -20.97 42.75
CA LEU D 534 47.61 -22.32 42.22
C LEU D 534 46.71 -22.34 40.96
N LYS D 535 46.77 -23.45 40.22
CA LYS D 535 45.99 -23.61 38.98
C LYS D 535 44.57 -23.99 39.36
N LEU D 536 43.63 -23.10 39.03
CA LEU D 536 42.23 -23.26 39.42
C LEU D 536 41.43 -23.79 38.24
N THR D 537 40.87 -24.97 38.41
CA THR D 537 40.11 -25.59 37.33
C THR D 537 38.72 -25.92 37.88
N PRO D 538 37.72 -26.06 36.99
CA PRO D 538 36.35 -26.31 37.41
C PRO D 538 36.20 -27.41 38.48
N ILE D 539 35.06 -27.35 39.16
CA ILE D 539 34.76 -28.26 40.25
C ILE D 539 33.61 -29.17 39.83
N PRO D 540 33.86 -30.49 39.78
CA PRO D 540 32.77 -31.47 39.84
C PRO D 540 31.62 -31.08 40.83
N ALA D 541 30.62 -30.36 40.30
CA ALA D 541 29.56 -29.69 41.08
C ALA D 541 28.61 -30.67 41.75
N SER D 548 20.06 -26.44 42.92
CA SER D 548 19.81 -25.06 42.56
C SER D 548 18.45 -24.78 41.79
N GLY D 549 17.37 -24.54 42.54
CA GLY D 549 16.18 -23.80 42.04
C GLY D 549 16.07 -22.55 42.93
N TRP D 550 17.04 -21.64 42.79
CA TRP D 550 17.40 -20.63 43.83
C TRP D 550 17.09 -19.15 43.54
N PHE D 551 17.24 -18.75 42.27
CA PHE D 551 16.99 -17.39 41.85
C PHE D 551 15.93 -17.43 40.79
N VAL D 552 14.74 -17.83 41.19
CA VAL D 552 13.59 -17.97 40.31
C VAL D 552 12.45 -17.01 40.64
N ALA D 553 12.15 -16.87 41.93
CA ALA D 553 11.12 -15.93 42.39
C ALA D 553 11.51 -15.24 43.71
N GLY D 554 10.75 -14.19 44.03
CA GLY D 554 10.88 -13.46 45.29
C GLY D 554 9.82 -13.88 46.28
N TYR D 555 10.23 -14.04 47.53
CA TYR D 555 9.35 -14.53 48.60
C TYR D 555 9.55 -13.76 49.90
N SER D 556 10.16 -12.61 49.84
CA SER D 556 10.46 -11.93 51.08
C SER D 556 9.11 -11.46 51.65
N GLY D 557 9.00 -11.53 52.97
CA GLY D 557 7.73 -11.44 53.68
C GLY D 557 6.87 -12.69 53.63
N GLY D 558 7.18 -13.61 52.73
CA GLY D 558 6.29 -14.71 52.41
C GLY D 558 6.32 -15.99 53.23
N ASP D 559 7.26 -16.11 54.18
CA ASP D 559 7.31 -17.22 55.18
C ASP D 559 7.50 -18.54 54.47
N ILE D 560 8.70 -18.72 53.94
CA ILE D 560 8.97 -19.74 52.94
C ILE D 560 10.34 -20.38 53.20
N TYR D 561 10.39 -21.71 53.10
CA TYR D 561 11.55 -22.54 53.42
C TYR D 561 11.70 -23.67 52.41
N HIS D 562 12.91 -23.92 51.92
CA HIS D 562 13.13 -24.97 50.91
C HIS D 562 14.07 -26.05 51.41
C01 3AV E . -14.35 29.35 10.34
C02 3AV E . -10.25 28.11 10.57
C03 3AV E . -11.30 27.30 11.00
C04 3AV E . -7.92 28.36 10.28
C05 3AV E . -9.48 30.18 9.62
C06 3AV E . -11.88 29.77 9.98
C07 3AV E . -8.20 29.71 9.73
O01 3AV E . -8.97 27.59 10.68
C08 3AV E . -12.91 28.93 10.41
C09 3AV E . -10.54 29.37 10.05
C 3AV E . -12.62 27.69 10.93
O 3AV E . -6.66 27.85 10.42
C01 3AV F . 15.18 12.62 -52.87
C02 3AV F . 16.81 9.30 -50.76
C03 3AV F . 16.93 9.40 -52.14
C04 3AV F . 17.28 8.02 -48.82
C05 3AV F . 16.02 10.18 -48.65
C06 3AV F . 15.61 11.38 -50.74
C07 3AV F . 16.57 9.07 -48.04
O01 3AV F . 17.36 8.17 -50.17
C08 3AV F . 15.74 11.47 -52.12
C09 3AV F . 16.14 10.30 -50.04
C 3AV F . 16.40 10.47 -52.82
O 3AV F . 17.83 6.92 -48.24
#